data_7X12
#
_entry.id   7X12
#
_cell.length_a   142.285
_cell.length_b   181.594
_cell.length_c   116.821
_cell.angle_alpha   90.000
_cell.angle_beta   90.000
_cell.angle_gamma   90.000
#
_symmetry.space_group_name_H-M   'P 21 21 21'
#
loop_
_entity.id
_entity.type
_entity.pdbx_description
1 polymer 'NADP-dependent malic enzyme'
2 non-polymer 'MANGANESE (II) ION'
3 non-polymer 'NADPH DIHYDRO-NICOTINAMIDE-ADENINE-DINUCLEOTIDE PHOSPHATE'
4 water water
#
_entity_poly.entity_id   1
_entity_poly.type   'polypeptide(L)'
_entity_poly.pdbx_seq_one_letter_code
;MEPEAPRRRHTHQRGYLLTRNPHLNKDLAFTLEERQQLNIHGLLPPSFNSQEIQVLRVVKNFEHLNSDFDRYLLLMDLQD
RNEKLFYRVLTSDIEKFMPIVYTPTVGLACQQYSLVFRKPRGLFITIHDRGHIASVLNAWPEDVIKAIVVTDGERILGLG
DLGCNGMGIPVGKLALYTACGGMNPQECLPVILDVGTENEELLKDPLYIGLRQRRVRGSEYDDFLDEFMEAVSSKYGMNC
LIQFEDFANVNAFRLLNKYRNQYCTFNDDIQGTASVAVAGLLAALRITKNKLSDQTILFQGAGEAALGIAHLIVMALEKE
GLPKEKAIKKIWLVDSKGLIVKGRASLTQEKEKFAHEHEEMKNLEAIVQEIKPTALIGVAAIGGAFSEQILKDMAAFNER
PIIFALSNPTSKAECSAEQCYKITKGRAIFASGSPFDPVTLPNGQTLYPGQGNNSYVFPGVALGVVACGLRQITDNIFLT
TAEVIAQQVSDKHLEEGRLYPPLNTIRDVSLKIAEKIVKDAYQEKTATVYPEPQNKEAFVRSQMYSTDYDQILPDCYSWP
EEVQKIQTKVDQ
;
_entity_poly.pdbx_strand_id   A,B,C,D
#
loop_
_chem_comp.id
_chem_comp.type
_chem_comp.name
_chem_comp.formula
MN non-polymer 'MANGANESE (II) ION' 'Mn 2'
NDP non-polymer 'NADPH DIHYDRO-NICOTINAMIDE-ADENINE-DINUCLEOTIDE PHOSPHATE' 'C21 H30 N7 O17 P3'
#
# COMPACT_ATOMS: atom_id res chain seq x y z
N PRO A 6 6.65 -26.63 5.30
CA PRO A 6 7.13 -25.31 4.80
C PRO A 6 6.68 -24.13 5.66
N ARG A 7 7.60 -23.17 5.85
CA ARG A 7 7.33 -21.91 6.55
C ARG A 7 6.08 -21.24 5.96
N ARG A 8 5.20 -20.74 6.83
CA ARG A 8 4.07 -19.91 6.43
C ARG A 8 4.41 -18.47 6.77
N ARG A 9 4.30 -17.57 5.79
CA ARG A 9 4.47 -16.15 6.06
C ARG A 9 3.36 -15.42 5.30
N HIS A 10 2.25 -15.09 5.99
CA HIS A 10 1.08 -14.54 5.31
C HIS A 10 1.29 -13.08 4.94
N THR A 11 1.41 -12.80 3.64
CA THR A 11 1.59 -11.47 3.11
C THR A 11 0.24 -10.80 2.87
N HIS A 12 0.22 -9.48 3.09
CA HIS A 12 -0.89 -8.59 2.76
C HIS A 12 -0.70 -7.96 1.39
N GLN A 13 0.48 -8.11 0.78
CA GLN A 13 0.78 -7.64 -0.55
C GLN A 13 0.00 -8.43 -1.59
N ARG A 14 -0.39 -7.77 -2.70
CA ARG A 14 -1.26 -8.33 -3.73
C ARG A 14 -0.94 -7.57 -5.02
N GLY A 15 -1.12 -8.26 -6.14
CA GLY A 15 -1.05 -7.61 -7.44
C GLY A 15 0.38 -7.42 -7.89
N TYR A 16 0.54 -6.57 -8.90
CA TYR A 16 1.83 -6.22 -9.44
C TYR A 16 2.93 -6.05 -8.37
N LEU A 17 2.70 -5.20 -7.37
CA LEU A 17 3.79 -4.84 -6.46
C LEU A 17 4.32 -6.05 -5.68
N LEU A 18 3.48 -7.09 -5.45
CA LEU A 18 3.96 -8.31 -4.82
C LEU A 18 5.10 -8.91 -5.64
N THR A 19 4.94 -8.94 -6.97
CA THR A 19 5.93 -9.56 -7.86
C THR A 19 7.22 -8.76 -7.86
N ARG A 20 7.18 -7.50 -7.36
CA ARG A 20 8.35 -6.65 -7.41
C ARG A 20 9.18 -6.79 -6.13
N ASN A 21 8.72 -7.62 -5.19
CA ASN A 21 9.42 -7.84 -3.92
C ASN A 21 10.15 -9.18 -4.01
N PRO A 22 11.51 -9.22 -4.09
CA PRO A 22 12.21 -10.49 -4.31
C PRO A 22 12.06 -11.51 -3.17
N HIS A 23 11.56 -11.07 -2.01
CA HIS A 23 11.21 -12.02 -0.95
C HIS A 23 9.82 -12.67 -1.12
N LEU A 24 8.96 -12.13 -1.96
CA LEU A 24 7.63 -12.71 -2.15
C LEU A 24 7.56 -13.41 -3.50
N ASN A 25 8.35 -12.92 -4.46
CA ASN A 25 8.22 -13.33 -5.85
C ASN A 25 8.75 -14.74 -6.07
N LYS A 26 7.91 -15.64 -6.62
CA LYS A 26 8.32 -16.99 -6.99
C LYS A 26 8.48 -17.18 -8.51
N ASP A 27 8.10 -16.17 -9.30
CA ASP A 27 8.03 -16.35 -10.75
C ASP A 27 7.04 -17.46 -11.09
N LEU A 28 7.49 -18.35 -11.98
CA LEU A 28 6.65 -19.37 -12.57
C LEU A 28 6.36 -20.47 -11.56
N ALA A 29 7.02 -20.43 -10.39
CA ALA A 29 6.74 -21.40 -9.35
C ALA A 29 5.44 -21.09 -8.60
N PHE A 30 4.89 -19.87 -8.75
CA PHE A 30 3.53 -19.65 -8.28
C PHE A 30 2.53 -20.59 -8.98
N THR A 31 1.76 -21.36 -8.18
CA THR A 31 0.70 -22.19 -8.73
C THR A 31 -0.45 -21.33 -9.26
N LEU A 32 -1.36 -21.94 -10.02
CA LEU A 32 -2.53 -21.23 -10.48
C LEU A 32 -3.27 -20.64 -9.28
N GLU A 33 -3.46 -21.44 -8.22
CA GLU A 33 -4.21 -21.03 -7.05
C GLU A 33 -3.58 -19.79 -6.40
N GLU A 34 -2.26 -19.84 -6.19
CA GLU A 34 -1.47 -18.72 -5.69
C GLU A 34 -1.69 -17.48 -6.54
N ARG A 35 -1.63 -17.65 -7.86
CA ARG A 35 -1.71 -16.49 -8.74
C ARG A 35 -3.06 -15.80 -8.62
N GLN A 36 -4.13 -16.61 -8.62
CA GLN A 36 -5.45 -16.05 -8.56
C GLN A 36 -5.65 -15.41 -7.19
N GLN A 37 -5.21 -16.11 -6.14
CA GLN A 37 -5.37 -15.63 -4.77
C GLN A 37 -4.55 -14.37 -4.52
N LEU A 38 -3.40 -14.25 -5.19
CA LEU A 38 -2.54 -13.09 -5.02
C LEU A 38 -2.85 -11.94 -5.99
N ASN A 39 -3.87 -12.11 -6.85
CA ASN A 39 -4.26 -11.08 -7.81
C ASN A 39 -3.16 -10.80 -8.83
N ILE A 40 -2.38 -11.82 -9.22
CA ILE A 40 -1.35 -11.68 -10.25
C ILE A 40 -1.62 -12.61 -11.44
N HIS A 41 -2.74 -13.33 -11.43
CA HIS A 41 -2.99 -14.25 -12.53
C HIS A 41 -3.14 -13.45 -13.83
N GLY A 42 -2.28 -13.77 -14.80
CA GLY A 42 -2.21 -13.04 -16.06
C GLY A 42 -0.93 -12.22 -16.22
N LEU A 43 -0.22 -11.95 -15.12
CA LEU A 43 1.05 -11.25 -15.19
C LEU A 43 2.17 -12.24 -15.45
N LEU A 44 1.86 -13.54 -15.46
CA LEU A 44 2.85 -14.56 -15.75
C LEU A 44 2.39 -15.42 -16.92
N PRO A 45 3.34 -15.99 -17.71
CA PRO A 45 3.00 -16.98 -18.72
C PRO A 45 2.44 -18.24 -18.07
N PRO A 46 1.56 -18.98 -18.77
CA PRO A 46 0.68 -19.98 -18.14
C PRO A 46 1.31 -21.36 -17.99
N SER A 47 2.53 -21.40 -17.46
CA SER A 47 3.23 -22.63 -17.11
C SER A 47 3.67 -22.50 -15.66
N PHE A 48 3.82 -23.66 -15.02
CA PHE A 48 4.06 -23.79 -13.61
C PHE A 48 5.31 -24.63 -13.43
N ASN A 49 6.34 -24.03 -12.86
CA ASN A 49 7.64 -24.64 -12.84
C ASN A 49 7.92 -25.07 -11.41
N SER A 50 8.53 -26.24 -11.26
CA SER A 50 9.17 -26.60 -10.02
C SER A 50 10.45 -25.79 -9.84
N GLN A 51 10.97 -25.80 -8.62
CA GLN A 51 12.17 -25.05 -8.31
C GLN A 51 13.35 -25.57 -9.13
N GLU A 52 13.39 -26.89 -9.35
CA GLU A 52 14.39 -27.58 -10.16
C GLU A 52 14.30 -27.14 -11.62
N ILE A 53 13.08 -26.94 -12.13
CA ILE A 53 12.95 -26.41 -13.49
C ILE A 53 13.46 -24.95 -13.58
N GLN A 54 13.17 -24.14 -12.54
CA GLN A 54 13.70 -22.77 -12.49
C GLN A 54 15.22 -22.77 -12.46
N VAL A 55 15.82 -23.63 -11.63
CA VAL A 55 17.28 -23.72 -11.61
C VAL A 55 17.85 -24.06 -13.00
N LEU A 56 17.23 -25.02 -13.68
CA LEU A 56 17.70 -25.44 -15.00
C LEU A 56 17.73 -24.25 -15.93
N ARG A 57 16.65 -23.42 -15.91
CA ARG A 57 16.63 -22.25 -16.79
C ARG A 57 17.85 -21.37 -16.48
N VAL A 58 18.10 -21.08 -15.20
CA VAL A 58 19.20 -20.22 -14.81
C VAL A 58 20.54 -20.85 -15.25
N VAL A 59 20.68 -22.16 -15.08
CA VAL A 59 21.96 -22.78 -15.38
C VAL A 59 22.24 -22.77 -16.89
N LYS A 60 21.22 -23.04 -17.71
CA LYS A 60 21.34 -22.98 -19.16
C LYS A 60 21.88 -21.61 -19.56
N ASN A 61 21.30 -20.52 -19.02
CA ASN A 61 21.71 -19.17 -19.40
C ASN A 61 23.14 -18.94 -18.94
N PHE A 62 23.42 -19.43 -17.72
CA PHE A 62 24.70 -19.26 -17.04
C PHE A 62 25.81 -19.87 -17.91
N GLU A 63 25.50 -21.04 -18.50
CA GLU A 63 26.45 -21.74 -19.34
C GLU A 63 26.54 -21.22 -20.77
N HIS A 64 25.68 -20.27 -21.17
CA HIS A 64 25.79 -19.62 -22.47
C HIS A 64 26.71 -18.41 -22.40
N LEU A 65 27.03 -17.98 -21.17
CA LEU A 65 27.78 -16.75 -20.94
C LEU A 65 29.27 -17.03 -21.05
N ASN A 66 30.08 -15.97 -21.23
CA ASN A 66 31.43 -16.13 -21.73
C ASN A 66 32.46 -15.66 -20.72
N SER A 67 32.02 -15.01 -19.64
CA SER A 67 32.96 -14.54 -18.63
C SER A 67 32.33 -14.66 -17.24
N ASP A 68 33.17 -14.77 -16.21
CA ASP A 68 32.78 -14.77 -14.81
C ASP A 68 32.02 -13.48 -14.49
N PHE A 69 32.48 -12.37 -15.05
CA PHE A 69 31.77 -11.10 -14.85
C PHE A 69 30.33 -11.20 -15.38
N ASP A 70 30.13 -11.76 -16.57
CA ASP A 70 28.77 -11.89 -17.10
C ASP A 70 27.94 -12.77 -16.17
N ARG A 71 28.57 -13.84 -15.67
CA ARG A 71 27.92 -14.79 -14.77
C ARG A 71 27.51 -14.08 -13.48
N TYR A 72 28.37 -13.16 -13.01
CA TYR A 72 28.09 -12.44 -11.78
C TYR A 72 26.88 -11.52 -11.99
N LEU A 73 26.79 -10.92 -13.19
CA LEU A 73 25.70 -9.98 -13.44
C LEU A 73 24.38 -10.72 -13.58
N LEU A 74 24.44 -11.92 -14.16
CA LEU A 74 23.24 -12.74 -14.23
C LEU A 74 22.71 -13.11 -12.85
N LEU A 75 23.58 -13.63 -11.98
CA LEU A 75 23.16 -14.05 -10.65
C LEU A 75 22.66 -12.87 -9.81
N MET A 76 23.30 -11.69 -9.99
CA MET A 76 22.88 -10.52 -9.22
C MET A 76 21.50 -10.04 -9.67
N ASP A 77 21.22 -10.08 -10.97
CA ASP A 77 19.88 -9.83 -11.48
C ASP A 77 18.89 -10.81 -10.84
N LEU A 78 19.27 -12.10 -10.79
CA LEU A 78 18.49 -13.12 -10.11
C LEU A 78 18.25 -12.75 -8.63
N GLN A 79 19.30 -12.37 -7.89
CA GLN A 79 19.12 -12.05 -6.48
C GLN A 79 18.01 -11.01 -6.32
N ASP A 80 17.96 -10.07 -7.26
CA ASP A 80 17.09 -8.92 -7.11
C ASP A 80 15.68 -9.20 -7.65
N ARG A 81 15.44 -10.40 -8.17
CA ARG A 81 14.13 -10.72 -8.74
C ARG A 81 13.42 -11.74 -7.85
N ASN A 82 14.16 -12.76 -7.39
CA ASN A 82 13.63 -13.94 -6.72
C ASN A 82 14.72 -14.48 -5.78
N GLU A 83 14.69 -14.05 -4.53
CA GLU A 83 15.77 -14.32 -3.56
C GLU A 83 15.91 -15.83 -3.29
N LYS A 84 14.81 -16.54 -3.08
CA LYS A 84 14.83 -17.98 -2.82
C LYS A 84 15.50 -18.75 -3.96
N LEU A 85 15.08 -18.47 -5.20
CA LEU A 85 15.67 -19.16 -6.34
C LEU A 85 17.17 -18.84 -6.43
N PHE A 86 17.55 -17.58 -6.14
CA PHE A 86 18.94 -17.15 -6.11
C PHE A 86 19.77 -18.02 -5.15
N TYR A 87 19.27 -18.20 -3.92
CA TYR A 87 19.93 -19.05 -2.95
C TYR A 87 19.88 -20.53 -3.30
N ARG A 88 18.77 -20.98 -3.91
CA ARG A 88 18.71 -22.33 -4.43
C ARG A 88 19.80 -22.56 -5.47
N VAL A 89 20.03 -21.59 -6.36
CA VAL A 89 21.03 -21.73 -7.42
C VAL A 89 22.41 -21.82 -6.76
N LEU A 90 22.68 -20.91 -5.82
CA LEU A 90 23.99 -20.80 -5.17
C LEU A 90 24.30 -22.08 -4.41
N THR A 91 23.30 -22.59 -3.68
CA THR A 91 23.59 -23.72 -2.81
C THR A 91 23.58 -25.02 -3.60
N SER A 92 23.23 -24.96 -4.89
CA SER A 92 23.20 -26.15 -5.74
C SER A 92 24.62 -26.62 -6.03
N ASP A 93 25.59 -25.70 -5.95
CA ASP A 93 26.99 -26.01 -6.26
C ASP A 93 27.80 -24.87 -5.67
N ILE A 94 27.93 -24.91 -4.34
CA ILE A 94 28.41 -23.78 -3.57
C ILE A 94 29.84 -23.48 -3.99
N GLU A 95 30.59 -24.56 -4.30
CA GLU A 95 31.99 -24.42 -4.66
C GLU A 95 32.10 -23.74 -6.02
N LYS A 96 31.15 -24.03 -6.94
CA LYS A 96 31.14 -23.34 -8.22
C LYS A 96 30.70 -21.87 -8.07
N PHE A 97 29.72 -21.58 -7.20
CA PHE A 97 29.06 -20.28 -7.24
C PHE A 97 29.71 -19.25 -6.32
N MET A 98 30.23 -19.71 -5.17
CA MET A 98 30.96 -18.83 -4.27
C MET A 98 31.93 -17.91 -5.02
N PRO A 99 32.84 -18.40 -5.90
CA PRO A 99 33.80 -17.50 -6.56
C PRO A 99 33.21 -16.55 -7.62
N ILE A 100 31.91 -16.68 -7.91
CA ILE A 100 31.25 -15.83 -8.89
C ILE A 100 30.59 -14.66 -8.15
N VAL A 101 29.83 -14.95 -7.09
CA VAL A 101 29.15 -13.87 -6.37
C VAL A 101 30.09 -13.20 -5.36
N TYR A 102 31.14 -13.89 -4.93
CA TYR A 102 32.10 -13.25 -4.05
C TYR A 102 33.49 -13.26 -4.69
N THR A 103 34.54 -13.42 -3.87
CA THR A 103 35.90 -13.35 -4.41
C THR A 103 36.22 -14.58 -5.25
N PRO A 104 36.99 -14.47 -6.36
CA PRO A 104 37.58 -13.22 -6.82
C PRO A 104 36.71 -12.33 -7.72
N THR A 105 35.61 -12.85 -8.27
CA THR A 105 34.89 -12.07 -9.28
C THR A 105 34.36 -10.72 -8.76
N VAL A 106 33.90 -10.68 -7.50
CA VAL A 106 33.34 -9.47 -6.89
C VAL A 106 34.37 -8.33 -6.89
N GLY A 107 35.66 -8.66 -7.02
CA GLY A 107 36.72 -7.68 -7.21
C GLY A 107 36.53 -6.86 -8.48
N LEU A 108 36.30 -7.56 -9.58
CA LEU A 108 36.06 -6.89 -10.85
C LEU A 108 34.71 -6.15 -10.79
N ALA A 109 33.70 -6.78 -10.17
CA ALA A 109 32.41 -6.11 -10.05
C ALA A 109 32.60 -4.75 -9.39
N CYS A 110 33.40 -4.69 -8.32
CA CYS A 110 33.60 -3.45 -7.59
C CYS A 110 34.36 -2.42 -8.43
N GLN A 111 35.33 -2.88 -9.25
CA GLN A 111 36.03 -1.94 -10.12
C GLN A 111 35.05 -1.40 -11.16
N GLN A 112 34.09 -2.23 -11.58
CA GLN A 112 33.21 -1.83 -12.65
C GLN A 112 31.87 -1.31 -12.14
N TYR A 113 31.76 -1.07 -10.83
CA TYR A 113 30.47 -0.98 -10.16
C TYR A 113 29.67 0.22 -10.67
N SER A 114 30.36 1.36 -10.84
CA SER A 114 29.80 2.60 -11.32
C SER A 114 29.34 2.48 -12.78
N LEU A 115 30.03 1.68 -13.59
CA LEU A 115 29.66 1.47 -14.97
C LEU A 115 28.44 0.54 -15.09
N VAL A 116 28.46 -0.60 -14.36
CA VAL A 116 27.41 -1.61 -14.52
C VAL A 116 26.25 -1.38 -13.55
N PHE A 117 26.24 -0.24 -12.84
CA PHE A 117 25.22 0.01 -11.83
C PHE A 117 23.84 -0.02 -12.47
N ARG A 118 23.00 -0.94 -11.98
CA ARG A 118 21.67 -1.11 -12.54
C ARG A 118 20.69 -1.05 -11.39
N LYS A 119 20.45 -2.20 -10.76
CA LYS A 119 19.54 -2.17 -9.64
C LYS A 119 20.32 -2.13 -8.32
N PRO A 120 20.09 -1.06 -7.53
CA PRO A 120 20.83 -0.86 -6.29
C PRO A 120 20.55 -1.95 -5.27
N ARG A 121 21.49 -2.14 -4.34
CA ARG A 121 21.32 -3.09 -3.27
C ARG A 121 21.98 -2.50 -2.04
N GLY A 122 21.35 -2.70 -0.87
CA GLY A 122 21.90 -2.22 0.39
C GLY A 122 21.70 -0.73 0.60
N LEU A 123 22.26 -0.24 1.72
CA LEU A 123 21.98 1.10 2.21
C LEU A 123 23.27 1.92 2.17
N PHE A 124 23.21 3.05 1.45
CA PHE A 124 24.31 4.00 1.30
C PHE A 124 24.13 5.13 2.30
N ILE A 125 25.14 5.31 3.16
CA ILE A 125 25.13 6.31 4.20
C ILE A 125 26.39 7.18 4.01
N THR A 126 26.22 8.52 3.89
CA THR A 126 27.36 9.38 3.63
C THR A 126 27.70 10.29 4.81
N ILE A 127 28.91 10.84 4.77
CA ILE A 127 29.37 11.76 5.81
C ILE A 127 28.39 12.94 5.93
N HIS A 128 27.78 13.33 4.81
CA HIS A 128 26.81 14.41 4.77
C HIS A 128 25.48 14.08 5.45
N ASP A 129 25.23 12.79 5.77
CA ASP A 129 24.03 12.39 6.50
C ASP A 129 24.30 12.43 8.00
N ARG A 130 25.50 12.90 8.37
CA ARG A 130 25.91 13.06 9.76
C ARG A 130 24.80 13.75 10.56
N GLY A 131 24.38 13.11 11.65
CA GLY A 131 23.31 13.63 12.50
C GLY A 131 21.92 13.25 12.00
N HIS A 132 21.85 12.57 10.84
CA HIS A 132 20.59 12.08 10.31
C HIS A 132 20.64 10.58 9.99
N ILE A 133 21.54 9.81 10.61
CA ILE A 133 21.71 8.43 10.18
C ILE A 133 20.43 7.63 10.48
N ALA A 134 19.80 7.91 11.62
CA ALA A 134 18.58 7.24 12.07
C ALA A 134 17.52 7.31 10.97
N SER A 135 17.46 8.45 10.25
CA SER A 135 16.39 8.62 9.27
C SER A 135 16.78 7.99 7.94
N VAL A 136 18.08 7.91 7.67
CA VAL A 136 18.56 7.09 6.59
C VAL A 136 18.13 5.61 6.77
N LEU A 137 18.25 5.07 8.00
CA LEU A 137 17.89 3.68 8.29
C LEU A 137 16.41 3.41 7.97
N ASN A 138 15.56 4.45 8.08
CA ASN A 138 14.11 4.35 7.97
C ASN A 138 13.75 3.94 6.55
N ALA A 139 14.64 4.20 5.59
CA ALA A 139 14.43 3.89 4.18
C ALA A 139 14.47 2.39 3.90
N TRP A 140 15.17 1.64 4.75
CA TRP A 140 15.35 0.21 4.56
C TRP A 140 14.01 -0.48 4.79
N PRO A 141 13.50 -1.28 3.83
CA PRO A 141 12.15 -1.84 3.94
C PRO A 141 11.97 -3.07 4.84
N GLU A 142 13.05 -3.53 5.50
CA GLU A 142 12.97 -4.60 6.49
C GLU A 142 13.29 -4.05 7.86
N ASP A 143 12.31 -4.09 8.79
CA ASP A 143 12.45 -3.65 10.17
C ASP A 143 13.34 -4.60 10.96
N VAL A 144 13.27 -5.92 10.71
CA VAL A 144 14.00 -6.85 11.57
C VAL A 144 15.37 -7.19 10.97
N ILE A 145 16.42 -6.64 11.54
CA ILE A 145 17.76 -6.83 11.00
C ILE A 145 18.63 -7.44 12.10
N LYS A 146 19.39 -8.50 11.75
CA LYS A 146 20.14 -9.27 12.72
C LYS A 146 21.61 -9.31 12.33
N ALA A 147 21.89 -8.99 11.07
CA ALA A 147 23.28 -8.92 10.65
C ALA A 147 23.53 -7.80 9.65
N ILE A 148 24.63 -7.10 9.88
CA ILE A 148 25.05 -5.99 9.03
C ILE A 148 26.52 -6.19 8.66
N VAL A 149 26.83 -6.05 7.38
CA VAL A 149 28.21 -5.93 6.94
C VAL A 149 28.39 -4.51 6.40
N VAL A 150 29.45 -3.83 6.86
CA VAL A 150 29.71 -2.42 6.58
C VAL A 150 31.17 -2.26 6.14
N THR A 151 31.33 -1.48 5.06
CA THR A 151 32.64 -1.04 4.59
C THR A 151 32.61 0.48 4.45
N ASP A 152 33.79 1.13 4.39
CA ASP A 152 33.93 2.48 3.88
C ASP A 152 34.68 2.47 2.54
N GLY A 153 35.01 1.26 2.06
CA GLY A 153 35.59 1.07 0.74
C GLY A 153 37.08 1.45 0.67
N GLU A 154 37.70 1.71 1.82
CA GLU A 154 39.07 2.20 1.73
C GLU A 154 40.02 1.09 1.29
N ARG A 155 39.67 -0.18 1.53
CA ARG A 155 40.62 -1.27 1.29
C ARG A 155 39.90 -2.52 0.81
N ILE A 156 39.43 -2.45 -0.44
CA ILE A 156 38.62 -3.50 -1.03
C ILE A 156 39.56 -4.56 -1.58
N LEU A 157 39.55 -5.74 -0.95
CA LEU A 157 40.43 -6.81 -1.35
C LEU A 157 41.86 -6.27 -1.34
N GLY A 158 42.64 -6.58 -2.37
CA GLY A 158 43.91 -5.91 -2.62
C GLY A 158 43.80 -4.98 -3.81
N LEU A 159 42.68 -4.24 -3.89
CA LEU A 159 42.44 -3.37 -5.03
C LEU A 159 42.51 -1.90 -4.62
N GLY A 160 42.65 -1.67 -3.31
CA GLY A 160 42.77 -0.32 -2.79
C GLY A 160 41.44 0.38 -2.56
N ASP A 161 41.50 1.72 -2.61
CA ASP A 161 40.38 2.60 -2.35
C ASP A 161 39.46 2.56 -3.56
N LEU A 162 38.27 1.98 -3.36
CA LEU A 162 37.31 1.96 -4.45
C LEU A 162 36.07 2.76 -4.03
N GLY A 163 36.20 3.43 -2.88
CA GLY A 163 35.13 4.21 -2.28
C GLY A 163 33.76 3.52 -2.43
N CYS A 164 32.83 4.19 -3.12
CA CYS A 164 31.43 3.77 -3.11
C CYS A 164 31.26 2.51 -3.96
N ASN A 165 32.27 2.20 -4.79
CA ASN A 165 32.25 1.01 -5.62
C ASN A 165 32.42 -0.22 -4.74
N GLY A 166 32.75 -0.01 -3.46
CA GLY A 166 33.00 -1.15 -2.57
C GLY A 166 31.70 -1.80 -2.05
N MET A 167 30.54 -1.31 -2.50
CA MET A 167 29.24 -1.82 -2.07
C MET A 167 29.11 -3.27 -2.52
N GLY A 168 29.78 -3.65 -3.60
CA GLY A 168 29.86 -5.03 -4.06
C GLY A 168 30.29 -6.00 -2.95
N ILE A 169 31.13 -5.52 -2.05
CA ILE A 169 31.68 -6.39 -1.02
C ILE A 169 30.62 -6.76 0.02
N PRO A 170 29.95 -5.82 0.74
CA PRO A 170 28.93 -6.20 1.73
C PRO A 170 27.82 -7.05 1.14
N VAL A 171 27.40 -6.69 -0.09
CA VAL A 171 26.33 -7.41 -0.80
C VAL A 171 26.77 -8.86 -1.03
N GLY A 172 27.95 -9.03 -1.66
CA GLY A 172 28.43 -10.37 -1.96
C GLY A 172 28.77 -11.16 -0.69
N LYS A 173 29.32 -10.48 0.32
CA LYS A 173 29.65 -11.13 1.58
C LYS A 173 28.40 -11.70 2.26
N LEU A 174 27.34 -10.88 2.34
CA LEU A 174 26.09 -11.32 2.94
C LEU A 174 25.43 -12.44 2.14
N ALA A 175 25.56 -12.43 0.80
CA ALA A 175 25.13 -13.59 0.05
C ALA A 175 25.76 -14.89 0.60
N LEU A 176 26.99 -14.80 1.12
CA LEU A 176 27.64 -16.02 1.59
C LEU A 176 27.19 -16.34 3.01
N TYR A 177 26.87 -15.30 3.80
CA TYR A 177 26.27 -15.47 5.11
C TYR A 177 25.05 -16.40 5.02
N THR A 178 24.24 -16.15 3.97
CA THR A 178 23.02 -16.89 3.72
C THR A 178 23.37 -18.25 3.12
N ALA A 179 24.14 -18.23 2.03
CA ALA A 179 24.39 -19.44 1.27
C ALA A 179 25.15 -20.46 2.12
N CYS A 180 26.15 -19.98 2.89
CA CYS A 180 27.07 -20.84 3.61
C CYS A 180 26.60 -21.08 5.05
N GLY A 181 25.87 -20.11 5.62
CA GLY A 181 25.56 -20.19 7.06
C GLY A 181 24.07 -20.25 7.37
N GLY A 182 23.22 -19.95 6.40
CA GLY A 182 21.79 -20.01 6.65
C GLY A 182 21.23 -18.77 7.37
N MET A 183 22.01 -17.69 7.41
CA MET A 183 21.47 -16.41 7.84
C MET A 183 20.30 -15.99 6.92
N ASN A 184 19.22 -15.49 7.51
CA ASN A 184 18.04 -15.14 6.74
C ASN A 184 18.32 -13.82 6.01
N PRO A 185 18.32 -13.80 4.65
CA PRO A 185 18.72 -12.60 3.90
C PRO A 185 17.85 -11.37 4.17
N GLN A 186 16.55 -11.56 4.42
CA GLN A 186 15.64 -10.50 4.87
C GLN A 186 16.15 -9.78 6.11
N GLU A 187 16.93 -10.47 6.95
CA GLU A 187 17.44 -9.93 8.20
C GLU A 187 18.88 -9.44 8.06
N CYS A 188 19.35 -9.26 6.81
CA CYS A 188 20.73 -8.88 6.54
C CYS A 188 20.76 -7.53 5.82
N LEU A 189 21.74 -6.69 6.17
CA LEU A 189 21.72 -5.32 5.70
C LEU A 189 23.14 -4.93 5.28
N PRO A 190 23.41 -4.84 3.95
CA PRO A 190 24.73 -4.41 3.49
C PRO A 190 24.76 -2.89 3.53
N VAL A 191 25.87 -2.34 4.05
CA VAL A 191 26.00 -0.91 4.21
C VAL A 191 27.35 -0.46 3.63
N ILE A 192 27.31 0.65 2.91
CA ILE A 192 28.52 1.40 2.66
C ILE A 192 28.41 2.77 3.30
N LEU A 193 29.49 3.16 4.00
CA LEU A 193 29.71 4.52 4.45
C LEU A 193 30.58 5.21 3.41
N ASP A 194 30.05 6.26 2.79
CA ASP A 194 30.82 7.00 1.80
C ASP A 194 31.25 8.32 2.44
N VAL A 195 32.56 8.44 2.69
CA VAL A 195 33.08 9.61 3.35
C VAL A 195 33.97 10.34 2.34
N GLY A 196 33.88 9.88 1.08
CA GLY A 196 34.77 10.30 0.00
C GLY A 196 35.70 9.18 -0.47
N THR A 197 36.57 9.52 -1.40
CA THR A 197 37.53 8.56 -1.92
C THR A 197 38.82 9.28 -2.30
N GLU A 198 39.94 8.56 -2.22
CA GLU A 198 41.23 9.07 -2.67
C GLU A 198 41.56 8.47 -4.02
N ASN A 199 40.61 7.72 -4.61
CA ASN A 199 40.78 7.09 -5.90
C ASN A 199 40.60 8.10 -7.04
N GLU A 200 41.68 8.31 -7.81
CA GLU A 200 41.79 9.46 -8.68
C GLU A 200 41.06 9.19 -9.99
N GLU A 201 41.11 7.94 -10.47
CA GLU A 201 40.33 7.61 -11.65
C GLU A 201 38.85 7.87 -11.36
N LEU A 202 38.39 7.44 -10.16
CA LEU A 202 36.98 7.56 -9.85
C LEU A 202 36.61 9.03 -9.66
N LEU A 203 37.49 9.82 -9.03
CA LEU A 203 37.22 11.24 -8.89
C LEU A 203 37.07 11.91 -10.26
N LYS A 204 37.65 11.31 -11.32
CA LYS A 204 37.62 11.90 -12.65
C LYS A 204 36.51 11.24 -13.48
N ASP A 205 35.97 10.12 -13.01
CA ASP A 205 35.08 9.29 -13.81
C ASP A 205 33.69 9.91 -13.83
N PRO A 206 33.15 10.31 -15.01
CA PRO A 206 31.83 10.94 -15.07
C PRO A 206 30.72 10.04 -14.48
N LEU A 207 30.96 8.71 -14.50
CA LEU A 207 30.00 7.69 -14.12
C LEU A 207 30.04 7.34 -12.63
N TYR A 208 31.05 7.83 -11.88
CA TYR A 208 31.23 7.42 -10.49
C TYR A 208 29.98 7.67 -9.65
N ILE A 209 29.52 6.63 -8.92
CA ILE A 209 28.26 6.74 -8.20
C ILE A 209 28.43 7.37 -6.82
N GLY A 210 29.67 7.53 -6.32
CA GLY A 210 29.92 8.02 -4.99
C GLY A 210 30.04 9.55 -4.90
N LEU A 211 30.34 10.03 -3.69
CA LEU A 211 30.67 11.41 -3.42
C LEU A 211 31.95 11.74 -4.15
N ARG A 212 31.88 12.70 -5.08
CA ARG A 212 33.06 13.09 -5.86
C ARG A 212 33.94 13.99 -5.00
N GLN A 213 34.54 13.42 -3.96
CA GLN A 213 35.33 14.20 -3.01
C GLN A 213 36.38 13.31 -2.34
N ARG A 214 37.38 13.94 -1.72
CA ARG A 214 38.44 13.27 -0.97
C ARG A 214 37.88 12.85 0.38
N ARG A 215 38.47 11.81 0.99
CA ARG A 215 37.97 11.20 2.21
C ARG A 215 38.05 12.16 3.39
N VAL A 216 36.98 12.22 4.19
CA VAL A 216 36.99 12.91 5.47
C VAL A 216 37.75 12.07 6.49
N ARG A 217 38.75 12.69 7.16
CA ARG A 217 39.62 12.02 8.13
C ARG A 217 39.33 12.58 9.51
N GLY A 218 40.09 12.12 10.52
CA GLY A 218 40.09 12.74 11.82
C GLY A 218 38.79 12.54 12.59
N SER A 219 38.47 13.52 13.43
CA SER A 219 37.45 13.31 14.46
C SER A 219 36.04 13.40 13.86
N GLU A 220 35.93 13.98 12.65
CA GLU A 220 34.64 14.08 12.00
C GLU A 220 34.23 12.68 11.54
N TYR A 221 35.21 11.98 10.95
CA TYR A 221 35.11 10.57 10.62
C TYR A 221 34.74 9.72 11.83
N ASP A 222 35.49 9.89 12.93
CA ASP A 222 35.31 9.07 14.13
C ASP A 222 33.93 9.26 14.75
N ASP A 223 33.44 10.51 14.74
CA ASP A 223 32.14 10.83 15.31
C ASP A 223 31.05 10.17 14.46
N PHE A 224 31.23 10.21 13.13
CA PHE A 224 30.30 9.66 12.17
C PHE A 224 30.19 8.16 12.42
N LEU A 225 31.32 7.47 12.53
CA LEU A 225 31.30 6.06 12.88
C LEU A 225 30.54 5.85 14.19
N ASP A 226 30.80 6.69 15.19
CA ASP A 226 30.10 6.59 16.46
C ASP A 226 28.59 6.62 16.26
N GLU A 227 28.09 7.54 15.42
CA GLU A 227 26.65 7.71 15.22
C GLU A 227 26.12 6.44 14.53
N PHE A 228 26.91 5.95 13.57
CA PHE A 228 26.49 4.77 12.85
C PHE A 228 26.17 3.64 13.83
N MET A 229 27.07 3.41 14.80
CA MET A 229 26.92 2.33 15.77
C MET A 229 25.74 2.57 16.70
N GLU A 230 25.55 3.83 17.16
CA GLU A 230 24.36 4.12 17.95
C GLU A 230 23.09 3.90 17.12
N ALA A 231 23.02 4.48 15.91
CA ALA A 231 21.77 4.45 15.16
C ALA A 231 21.35 3.00 14.89
N VAL A 232 22.34 2.22 14.45
CA VAL A 232 22.13 0.85 14.07
C VAL A 232 21.71 0.04 15.28
N SER A 233 22.43 0.16 16.40
CA SER A 233 22.12 -0.69 17.55
C SER A 233 20.83 -0.21 18.18
N SER A 234 20.61 1.10 18.08
CA SER A 234 19.39 1.67 18.60
C SER A 234 18.16 1.16 17.84
N LYS A 235 18.24 1.10 16.51
CA LYS A 235 17.07 0.74 15.70
C LYS A 235 16.84 -0.77 15.74
N TYR A 236 17.93 -1.54 15.60
CA TYR A 236 17.82 -2.98 15.41
C TYR A 236 18.18 -3.74 16.70
N GLY A 237 18.59 -3.02 17.75
CA GLY A 237 18.82 -3.58 19.06
C GLY A 237 20.28 -3.99 19.23
N MET A 238 20.69 -4.30 20.47
CA MET A 238 22.10 -4.49 20.75
C MET A 238 22.53 -5.90 20.35
N ASN A 239 21.58 -6.73 19.92
CA ASN A 239 21.89 -8.10 19.51
C ASN A 239 22.19 -8.18 18.02
N CYS A 240 22.07 -7.04 17.32
CA CYS A 240 22.28 -7.05 15.88
C CYS A 240 23.78 -7.15 15.65
N LEU A 241 24.18 -8.08 14.78
CA LEU A 241 25.60 -8.26 14.49
C LEU A 241 26.03 -7.21 13.48
N ILE A 242 27.14 -6.53 13.78
CA ILE A 242 27.77 -5.53 12.93
C ILE A 242 29.17 -6.04 12.59
N GLN A 243 29.38 -6.47 11.34
CA GLN A 243 30.69 -6.94 10.88
C GLN A 243 31.34 -5.85 10.01
N PHE A 244 32.57 -5.48 10.34
CA PHE A 244 33.38 -4.54 9.56
C PHE A 244 34.16 -5.26 8.49
N GLU A 245 34.22 -4.66 7.28
CA GLU A 245 34.98 -5.28 6.20
C GLU A 245 35.66 -4.20 5.35
N ASP A 246 36.92 -4.47 4.96
CA ASP A 246 37.62 -3.68 3.97
C ASP A 246 37.84 -2.22 4.38
N PHE A 247 38.12 -2.00 5.67
CA PHE A 247 38.64 -0.73 6.13
C PHE A 247 40.18 -0.70 6.02
N ALA A 248 40.75 0.52 5.90
CA ALA A 248 42.18 0.73 6.00
C ALA A 248 42.68 0.24 7.36
N ASN A 249 43.98 -0.10 7.41
CA ASN A 249 44.67 -0.71 8.54
C ASN A 249 44.34 0.00 9.86
N VAL A 250 44.73 1.29 9.94
CA VAL A 250 44.68 1.99 11.21
C VAL A 250 43.23 2.06 11.68
N ASN A 251 42.34 2.36 10.74
CA ASN A 251 40.93 2.39 11.03
C ASN A 251 40.41 1.04 11.52
N ALA A 252 40.74 -0.04 10.80
CA ALA A 252 40.20 -1.35 11.13
C ALA A 252 40.47 -1.65 12.61
N PHE A 253 41.75 -1.58 13.02
CA PHE A 253 42.09 -1.91 14.40
C PHE A 253 41.39 -0.93 15.34
N ARG A 254 41.45 0.37 15.02
CA ARG A 254 40.94 1.37 15.95
C ARG A 254 39.44 1.14 16.18
N LEU A 255 38.71 0.92 15.08
CA LEU A 255 37.28 0.73 15.19
C LEU A 255 36.99 -0.56 15.96
N LEU A 256 37.73 -1.63 15.65
CA LEU A 256 37.49 -2.88 16.34
C LEU A 256 37.69 -2.73 17.84
N ASN A 257 38.85 -2.17 18.24
CA ASN A 257 39.16 -1.97 19.64
C ASN A 257 38.12 -1.09 20.34
N LYS A 258 37.60 -0.08 19.63
CA LYS A 258 36.70 0.88 20.26
C LYS A 258 35.35 0.24 20.63
N TYR A 259 34.89 -0.73 19.82
CA TYR A 259 33.47 -1.07 19.88
C TYR A 259 33.24 -2.49 20.39
N ARG A 260 34.26 -3.36 20.26
CA ARG A 260 34.07 -4.80 20.44
C ARG A 260 33.61 -5.13 21.85
N ASN A 261 33.90 -4.26 22.81
CA ASN A 261 33.47 -4.47 24.18
C ASN A 261 32.04 -3.95 24.38
N GLN A 262 31.60 -2.99 23.56
CA GLN A 262 30.28 -2.39 23.78
C GLN A 262 29.23 -2.86 22.77
N TYR A 263 29.63 -3.31 21.58
CA TYR A 263 28.64 -3.73 20.60
C TYR A 263 28.92 -5.16 20.16
N CYS A 264 27.94 -5.76 19.47
CA CYS A 264 28.06 -7.10 18.93
C CYS A 264 28.77 -6.99 17.59
N THR A 265 30.12 -7.06 17.59
CA THR A 265 30.86 -6.63 16.42
C THR A 265 32.17 -7.40 16.28
N PHE A 266 32.55 -7.64 15.02
CA PHE A 266 33.87 -8.14 14.70
C PHE A 266 34.27 -7.61 13.32
N ASN A 267 35.57 -7.72 13.05
CA ASN A 267 36.15 -7.39 11.76
C ASN A 267 36.69 -8.67 11.12
N ASP A 268 36.20 -9.03 9.93
CA ASP A 268 36.51 -10.33 9.37
C ASP A 268 37.90 -10.38 8.73
N ASP A 269 38.40 -9.23 8.22
CA ASP A 269 39.73 -9.20 7.64
C ASP A 269 40.78 -9.47 8.74
N ILE A 270 40.50 -9.06 9.97
CA ILE A 270 41.43 -9.27 11.07
C ILE A 270 41.11 -10.59 11.78
N GLN A 271 39.90 -10.71 12.33
CA GLN A 271 39.64 -11.78 13.29
C GLN A 271 39.21 -13.07 12.60
N GLY A 272 38.55 -12.96 11.45
CA GLY A 272 38.12 -14.16 10.73
C GLY A 272 39.32 -14.83 10.06
N THR A 273 40.22 -14.02 9.51
CA THR A 273 41.46 -14.48 8.90
C THR A 273 42.29 -15.22 9.94
N ALA A 274 42.33 -14.63 11.15
CA ALA A 274 43.01 -15.18 12.30
C ALA A 274 42.46 -16.57 12.58
N SER A 275 41.13 -16.67 12.63
CA SER A 275 40.49 -17.93 12.96
C SER A 275 40.79 -18.98 11.90
N VAL A 276 40.77 -18.59 10.62
CA VAL A 276 40.91 -19.62 9.61
C VAL A 276 42.37 -20.08 9.50
N ALA A 277 43.30 -19.15 9.73
CA ALA A 277 44.71 -19.50 9.71
C ALA A 277 45.05 -20.45 10.87
N VAL A 278 44.56 -20.11 12.07
CA VAL A 278 44.85 -20.93 13.23
C VAL A 278 44.26 -22.33 13.03
N ALA A 279 43.08 -22.43 12.37
CA ALA A 279 42.44 -23.71 12.11
C ALA A 279 43.34 -24.62 11.28
N GLY A 280 43.94 -24.07 10.22
CA GLY A 280 44.89 -24.77 9.38
C GLY A 280 46.12 -25.22 10.15
N LEU A 281 46.54 -24.43 11.14
CA LEU A 281 47.69 -24.75 11.96
C LEU A 281 47.34 -25.91 12.89
N LEU A 282 46.20 -25.77 13.58
CA LEU A 282 45.74 -26.84 14.45
C LEU A 282 45.65 -28.17 13.70
N ALA A 283 45.24 -28.14 12.41
CA ALA A 283 45.16 -29.32 11.57
C ALA A 283 46.54 -29.86 11.20
N ALA A 284 47.48 -28.97 10.85
CA ALA A 284 48.86 -29.31 10.56
C ALA A 284 49.48 -30.00 11.78
N LEU A 285 49.12 -29.55 12.98
CA LEU A 285 49.75 -30.07 14.17
C LEU A 285 49.47 -31.56 14.31
N ARG A 286 48.36 -32.02 13.72
CA ARG A 286 48.00 -33.43 13.73
C ARG A 286 48.89 -34.22 12.77
N ILE A 287 49.65 -33.53 11.91
CA ILE A 287 50.60 -34.18 11.00
C ILE A 287 51.99 -34.13 11.62
N THR A 288 52.36 -33.00 12.21
CA THR A 288 53.69 -32.86 12.79
C THR A 288 53.76 -33.45 14.20
N LYS A 289 52.61 -33.85 14.76
CA LYS A 289 52.55 -34.63 15.99
C LYS A 289 53.21 -33.88 17.16
N ASN A 290 53.19 -32.55 17.13
CA ASN A 290 53.74 -31.78 18.24
C ASN A 290 52.77 -30.67 18.67
N LYS A 291 53.23 -29.81 19.57
CA LYS A 291 52.37 -28.83 20.20
C LYS A 291 52.55 -27.50 19.49
N LEU A 292 51.60 -26.58 19.73
CA LEU A 292 51.73 -25.21 19.26
C LEU A 292 52.90 -24.53 19.96
N SER A 293 53.06 -24.86 21.26
CA SER A 293 54.22 -24.62 22.12
C SER A 293 55.55 -24.79 21.42
N ASP A 294 55.63 -25.78 20.52
CA ASP A 294 56.89 -26.22 19.95
C ASP A 294 57.23 -25.45 18.69
N GLN A 295 56.34 -24.54 18.27
CA GLN A 295 56.43 -23.96 16.93
C GLN A 295 57.26 -22.68 16.97
N THR A 296 57.86 -22.37 15.82
CA THR A 296 58.41 -21.05 15.60
C THR A 296 57.76 -20.51 14.32
N ILE A 297 57.02 -19.40 14.45
CA ILE A 297 56.23 -18.93 13.32
C ILE A 297 56.88 -17.70 12.73
N LEU A 298 57.08 -17.70 11.40
CA LEU A 298 57.54 -16.51 10.71
C LEU A 298 56.46 -16.02 9.73
N PHE A 299 56.11 -14.74 9.87
CA PHE A 299 55.17 -14.09 8.97
C PHE A 299 55.97 -13.30 7.93
N GLN A 300 55.70 -13.59 6.66
CA GLN A 300 56.03 -12.68 5.59
C GLN A 300 54.85 -11.74 5.47
N GLY A 301 55.00 -10.54 6.04
CA GLY A 301 53.95 -9.52 6.08
C GLY A 301 53.55 -9.24 7.51
N ALA A 302 53.03 -8.05 7.79
CA ALA A 302 52.78 -7.70 9.18
C ALA A 302 51.63 -6.69 9.21
N GLY A 303 50.63 -6.94 8.37
CA GLY A 303 49.45 -6.09 8.20
C GLY A 303 48.23 -6.63 8.96
N GLU A 304 47.04 -6.40 8.41
CA GLU A 304 45.78 -6.84 9.00
C GLU A 304 45.75 -8.36 9.21
N ALA A 305 46.09 -9.11 8.18
CA ALA A 305 46.12 -10.57 8.27
C ALA A 305 47.14 -11.04 9.31
N ALA A 306 48.42 -10.70 9.13
CA ALA A 306 49.47 -11.22 10.01
C ALA A 306 49.18 -10.91 11.46
N LEU A 307 48.85 -9.64 11.78
CA LEU A 307 48.69 -9.20 13.16
C LEU A 307 47.47 -9.85 13.80
N GLY A 308 46.41 -10.06 13.02
CA GLY A 308 45.28 -10.85 13.51
C GLY A 308 45.68 -12.29 13.84
N ILE A 309 46.28 -13.00 12.88
CA ILE A 309 46.71 -14.38 13.05
C ILE A 309 47.62 -14.48 14.29
N ALA A 310 48.61 -13.58 14.39
CA ALA A 310 49.60 -13.66 15.44
C ALA A 310 48.91 -13.51 16.80
N HIS A 311 47.98 -12.55 16.91
CA HIS A 311 47.21 -12.38 18.13
C HIS A 311 46.47 -13.67 18.51
N LEU A 312 45.85 -14.34 17.54
CA LEU A 312 45.07 -15.51 17.94
C LEU A 312 45.99 -16.68 18.32
N ILE A 313 47.18 -16.78 17.71
CA ILE A 313 48.10 -17.86 18.01
C ILE A 313 48.58 -17.69 19.46
N VAL A 314 48.88 -16.43 19.81
CA VAL A 314 49.31 -16.06 21.16
C VAL A 314 48.24 -16.50 22.14
N MET A 315 46.99 -16.16 21.84
CA MET A 315 45.84 -16.53 22.63
C MET A 315 45.74 -18.05 22.73
N ALA A 316 45.93 -18.76 21.61
CA ALA A 316 45.97 -20.20 21.68
C ALA A 316 47.11 -20.67 22.59
N LEU A 317 48.24 -19.97 22.60
CA LEU A 317 49.39 -20.49 23.32
C LEU A 317 49.12 -20.34 24.80
N GLU A 318 48.46 -19.23 25.14
CA GLU A 318 48.05 -18.90 26.50
C GLU A 318 47.12 -19.99 27.03
N LYS A 319 46.26 -20.53 26.16
CA LYS A 319 45.30 -21.56 26.51
C LYS A 319 46.04 -22.84 26.93
N GLU A 320 46.99 -23.29 26.10
CA GLU A 320 47.81 -24.46 26.39
C GLU A 320 48.54 -24.30 27.73
N GLY A 321 48.79 -23.06 28.16
CA GLY A 321 49.32 -22.79 29.50
C GLY A 321 50.58 -21.95 29.49
N LEU A 322 50.95 -21.40 28.33
CA LEU A 322 52.21 -20.71 28.17
C LEU A 322 52.01 -19.22 28.54
N PRO A 323 52.84 -18.61 29.42
CA PRO A 323 52.73 -17.18 29.67
C PRO A 323 52.93 -16.32 28.42
N LYS A 324 52.27 -15.15 28.40
CA LYS A 324 52.10 -14.28 27.25
C LYS A 324 53.43 -13.81 26.65
N GLU A 325 54.37 -13.38 27.51
CA GLU A 325 55.65 -12.90 27.03
C GLU A 325 56.45 -14.05 26.42
N LYS A 326 56.17 -15.30 26.81
CA LYS A 326 56.80 -16.44 26.17
C LYS A 326 56.16 -16.77 24.83
N ALA A 327 54.82 -16.74 24.78
CA ALA A 327 54.04 -16.96 23.57
C ALA A 327 54.46 -16.01 22.45
N ILE A 328 54.65 -14.73 22.80
CA ILE A 328 54.96 -13.69 21.85
C ILE A 328 56.32 -13.94 21.18
N LYS A 329 57.32 -14.40 21.96
CA LYS A 329 58.66 -14.67 21.48
C LYS A 329 58.70 -15.78 20.41
N LYS A 330 57.59 -16.54 20.24
CA LYS A 330 57.53 -17.64 19.28
C LYS A 330 57.13 -17.14 17.89
N ILE A 331 56.94 -15.81 17.74
CA ILE A 331 56.38 -15.22 16.53
C ILE A 331 57.24 -14.05 16.04
N TRP A 332 57.65 -14.15 14.78
CA TRP A 332 58.46 -13.10 14.17
C TRP A 332 57.71 -12.56 12.95
N LEU A 333 57.88 -11.26 12.69
CA LEU A 333 57.24 -10.62 11.54
C LEU A 333 58.26 -9.92 10.66
N VAL A 334 57.95 -9.88 9.36
CA VAL A 334 58.65 -9.13 8.34
C VAL A 334 57.64 -8.21 7.64
N ASP A 335 57.96 -6.91 7.57
CA ASP A 335 57.17 -5.96 6.79
C ASP A 335 58.03 -5.52 5.60
N SER A 336 57.60 -4.46 4.90
CA SER A 336 58.30 -3.98 3.70
C SER A 336 59.68 -3.45 4.05
N LYS A 337 59.89 -3.19 5.34
CA LYS A 337 61.15 -2.61 5.81
C LYS A 337 62.09 -3.69 6.31
N GLY A 338 61.63 -4.95 6.32
CA GLY A 338 62.43 -6.07 6.78
C GLY A 338 61.89 -6.66 8.07
N LEU A 339 62.77 -7.35 8.80
CA LEU A 339 62.39 -8.04 10.01
C LEU A 339 62.02 -7.00 11.06
N ILE A 340 61.00 -7.32 11.85
CA ILE A 340 60.60 -6.47 12.94
C ILE A 340 61.40 -6.90 14.18
N VAL A 341 62.29 -6.00 14.65
CA VAL A 341 63.16 -6.21 15.80
C VAL A 341 63.07 -5.01 16.76
N LYS A 342 63.44 -5.21 18.03
CA LYS A 342 63.36 -4.11 18.98
C LYS A 342 64.19 -2.93 18.51
N GLY A 343 63.62 -1.72 18.65
CA GLY A 343 64.28 -0.46 18.34
C GLY A 343 64.62 -0.30 16.86
N ARG A 344 63.80 -0.87 15.97
CA ARG A 344 63.92 -0.61 14.54
C ARG A 344 63.12 0.65 14.23
N ALA A 345 63.55 1.37 13.18
CA ALA A 345 62.79 2.46 12.58
C ALA A 345 61.50 1.93 11.96
N SER A 346 60.44 2.75 12.02
CA SER A 346 59.14 2.55 11.38
C SER A 346 58.37 1.41 12.06
N LEU A 347 58.03 1.56 13.34
CA LEU A 347 57.26 0.53 14.01
C LEU A 347 55.97 1.14 14.51
N THR A 348 54.85 0.57 14.07
CA THR A 348 53.55 0.88 14.63
C THR A 348 53.49 0.31 16.05
N GLN A 349 52.47 0.74 16.80
CA GLN A 349 52.30 0.28 18.17
C GLN A 349 52.06 -1.23 18.17
N GLU A 350 51.36 -1.72 17.15
CA GLU A 350 50.96 -3.11 17.09
C GLU A 350 52.13 -4.01 16.70
N LYS A 351 53.05 -3.49 15.86
CA LYS A 351 54.21 -4.24 15.41
C LYS A 351 55.23 -4.33 16.54
N GLU A 352 55.22 -3.34 17.45
CA GLU A 352 56.15 -3.27 18.57
C GLU A 352 56.01 -4.52 19.42
N LYS A 353 54.77 -5.04 19.51
CA LYS A 353 54.48 -6.10 20.46
C LYS A 353 55.25 -7.37 20.12
N PHE A 354 55.84 -7.41 18.92
CA PHE A 354 56.52 -8.60 18.44
C PHE A 354 57.95 -8.28 18.03
N ALA A 355 58.38 -7.04 18.30
CA ALA A 355 59.76 -6.66 18.01
C ALA A 355 60.67 -7.22 19.10
N HIS A 356 61.27 -8.38 18.84
CA HIS A 356 62.27 -8.97 19.74
C HIS A 356 63.65 -8.41 19.46
N GLU A 357 64.51 -8.44 20.48
CA GLU A 357 65.86 -7.92 20.35
C GLU A 357 66.61 -8.80 19.37
N HIS A 358 67.12 -8.20 18.29
CA HIS A 358 67.78 -8.97 17.27
C HIS A 358 68.46 -8.01 16.30
N GLU A 359 69.52 -8.48 15.64
CA GLU A 359 70.12 -7.79 14.51
C GLU A 359 69.03 -7.51 13.46
N GLU A 360 69.03 -6.29 12.90
CA GLU A 360 68.11 -5.97 11.83
C GLU A 360 68.46 -6.81 10.60
N MET A 361 67.46 -7.14 9.77
CA MET A 361 67.64 -7.90 8.54
C MET A 361 66.62 -7.43 7.51
N LYS A 362 66.94 -7.59 6.22
CA LYS A 362 66.12 -7.09 5.11
C LYS A 362 65.68 -8.20 4.18
N ASN A 363 66.54 -9.21 4.00
CA ASN A 363 66.41 -10.21 2.95
C ASN A 363 65.70 -11.44 3.52
N LEU A 364 64.65 -11.90 2.83
CA LEU A 364 63.80 -12.92 3.43
C LEU A 364 64.51 -14.27 3.53
N GLU A 365 65.35 -14.63 2.54
CA GLU A 365 66.08 -15.90 2.52
C GLU A 365 66.98 -16.03 3.75
N ALA A 366 67.70 -14.95 4.05
CA ALA A 366 68.59 -14.88 5.20
C ALA A 366 67.76 -14.98 6.48
N ILE A 367 66.70 -14.17 6.56
CA ILE A 367 65.78 -14.19 7.69
C ILE A 367 65.32 -15.62 8.00
N VAL A 368 64.95 -16.39 6.96
CA VAL A 368 64.49 -17.77 7.15
C VAL A 368 65.64 -18.63 7.69
N GLN A 369 66.85 -18.46 7.15
CA GLN A 369 68.04 -19.21 7.55
C GLN A 369 68.45 -18.91 9.00
N GLU A 370 68.08 -17.73 9.48
CA GLU A 370 68.44 -17.31 10.82
C GLU A 370 67.40 -17.77 11.84
N ILE A 371 66.11 -17.52 11.56
CA ILE A 371 65.03 -17.76 12.50
C ILE A 371 64.72 -19.26 12.55
N LYS A 372 64.88 -19.93 11.40
CA LYS A 372 64.55 -21.36 11.31
C LYS A 372 63.12 -21.61 11.82
N PRO A 373 62.08 -21.01 11.20
CA PRO A 373 60.70 -21.24 11.68
C PRO A 373 60.29 -22.68 11.40
N THR A 374 59.37 -23.21 12.21
CA THR A 374 58.68 -24.44 11.88
C THR A 374 57.48 -24.15 10.95
N ALA A 375 56.90 -22.95 11.08
CA ALA A 375 55.82 -22.55 10.20
C ALA A 375 56.11 -21.18 9.59
N LEU A 376 55.83 -21.07 8.29
CA LEU A 376 56.09 -19.89 7.49
C LEU A 376 54.80 -19.45 6.81
N ILE A 377 54.33 -18.25 7.15
CA ILE A 377 53.03 -17.75 6.69
C ILE A 377 53.20 -16.54 5.78
N GLY A 378 52.77 -16.67 4.51
CA GLY A 378 52.84 -15.58 3.57
C GLY A 378 51.53 -14.77 3.57
N VAL A 379 51.61 -13.53 4.04
CA VAL A 379 50.50 -12.60 4.01
C VAL A 379 51.04 -11.21 3.64
N ALA A 380 51.79 -11.12 2.53
CA ALA A 380 52.45 -9.87 2.16
C ALA A 380 52.12 -9.49 0.72
N ALA A 381 51.47 -10.40 -0.01
CA ALA A 381 51.07 -10.19 -1.39
C ALA A 381 52.27 -10.00 -2.31
N ILE A 382 53.43 -10.57 -1.95
CA ILE A 382 54.58 -10.62 -2.85
C ILE A 382 54.64 -12.01 -3.50
N GLY A 383 54.34 -12.07 -4.80
CA GLY A 383 54.33 -13.33 -5.55
C GLY A 383 55.73 -13.91 -5.65
N GLY A 384 55.86 -15.20 -5.33
CA GLY A 384 57.12 -15.91 -5.52
C GLY A 384 58.12 -15.65 -4.39
N ALA A 385 57.70 -14.96 -3.33
CA ALA A 385 58.58 -14.66 -2.20
C ALA A 385 59.16 -15.95 -1.60
N PHE A 386 58.40 -17.04 -1.66
CA PHE A 386 58.86 -18.32 -1.13
C PHE A 386 59.68 -19.02 -2.20
N SER A 387 60.88 -18.47 -2.43
CA SER A 387 61.84 -18.91 -3.43
C SER A 387 62.28 -20.35 -3.18
N GLU A 388 62.96 -20.93 -4.18
CA GLU A 388 63.52 -22.26 -4.09
C GLU A 388 64.43 -22.36 -2.87
N GLN A 389 65.27 -21.33 -2.65
CA GLN A 389 66.20 -21.35 -1.53
C GLN A 389 65.44 -21.42 -0.21
N ILE A 390 64.38 -20.61 -0.08
CA ILE A 390 63.53 -20.55 1.11
C ILE A 390 62.95 -21.91 1.42
N LEU A 391 62.33 -22.54 0.41
CA LEU A 391 61.67 -23.82 0.56
C LEU A 391 62.70 -24.91 0.89
N LYS A 392 63.84 -24.94 0.16
CA LYS A 392 64.94 -25.84 0.44
C LYS A 392 65.31 -25.75 1.91
N ASP A 393 65.57 -24.51 2.36
CA ASP A 393 65.88 -24.19 3.75
C ASP A 393 64.84 -24.76 4.72
N MET A 394 63.54 -24.55 4.42
CA MET A 394 62.47 -24.98 5.33
C MET A 394 62.46 -26.49 5.46
N ALA A 395 62.73 -27.18 4.36
CA ALA A 395 62.68 -28.64 4.31
C ALA A 395 63.95 -29.21 4.94
N ALA A 396 65.00 -28.37 4.99
CA ALA A 396 66.25 -28.71 5.65
C ALA A 396 66.09 -28.61 7.17
N PHE A 397 65.43 -27.58 7.70
CA PHE A 397 65.42 -27.47 9.16
C PHE A 397 64.22 -28.17 9.79
N ASN A 398 63.25 -28.59 8.97
CA ASN A 398 62.06 -29.20 9.52
C ASN A 398 61.76 -30.51 8.78
N GLU A 399 61.35 -31.51 9.55
CA GLU A 399 60.90 -32.77 8.99
C GLU A 399 59.70 -32.50 8.08
N ARG A 400 58.72 -31.74 8.60
CA ARG A 400 57.53 -31.41 7.83
C ARG A 400 57.28 -29.91 7.95
N PRO A 401 57.91 -29.09 7.09
CA PRO A 401 57.78 -27.64 7.20
C PRO A 401 56.33 -27.24 6.92
N ILE A 402 55.75 -26.45 7.83
CA ILE A 402 54.43 -25.86 7.58
C ILE A 402 54.60 -24.59 6.77
N ILE A 403 53.91 -24.53 5.62
CA ILE A 403 54.05 -23.42 4.68
C ILE A 403 52.64 -23.01 4.24
N PHE A 404 52.25 -21.77 4.59
CA PHE A 404 51.01 -21.17 4.11
C PHE A 404 51.36 -20.01 3.18
N ALA A 405 50.99 -20.17 1.92
CA ALA A 405 51.07 -19.10 0.94
C ALA A 405 49.68 -18.50 0.78
N LEU A 406 49.35 -17.48 1.61
CA LEU A 406 47.96 -17.04 1.68
C LEU A 406 47.68 -15.84 0.76
N SER A 407 48.69 -15.34 0.06
CA SER A 407 48.45 -14.12 -0.68
C SER A 407 47.61 -14.42 -1.93
N ASN A 408 46.68 -13.50 -2.27
CA ASN A 408 45.67 -13.68 -3.32
C ASN A 408 45.76 -12.55 -4.34
N PRO A 409 45.50 -12.79 -5.64
CA PRO A 409 45.18 -14.13 -6.15
C PRO A 409 46.43 -14.95 -6.38
N THR A 410 46.30 -15.98 -7.23
CA THR A 410 47.33 -16.95 -7.48
C THR A 410 48.64 -16.27 -7.89
N SER A 411 48.51 -15.20 -8.68
CA SER A 411 49.64 -14.45 -9.19
C SER A 411 50.49 -13.90 -8.04
N LYS A 412 49.87 -13.74 -6.86
CA LYS A 412 50.50 -13.06 -5.74
C LYS A 412 50.94 -14.08 -4.68
N ALA A 413 50.58 -15.35 -4.91
CA ALA A 413 50.91 -16.44 -3.99
C ALA A 413 52.42 -16.53 -3.84
N GLU A 414 52.87 -16.79 -2.60
CA GLU A 414 54.29 -16.83 -2.29
C GLU A 414 55.00 -17.98 -2.99
N CYS A 415 54.25 -19.06 -3.28
CA CYS A 415 54.69 -20.13 -4.18
C CYS A 415 53.47 -20.94 -4.57
N SER A 416 53.59 -21.77 -5.63
CA SER A 416 52.54 -22.71 -5.98
C SER A 416 52.64 -23.97 -5.12
N ALA A 417 51.58 -24.78 -5.14
CA ALA A 417 51.60 -26.11 -4.52
C ALA A 417 52.68 -26.99 -5.17
N GLU A 418 52.83 -26.83 -6.50
CA GLU A 418 53.74 -27.57 -7.34
C GLU A 418 55.17 -27.35 -6.87
N GLN A 419 55.56 -26.07 -6.79
CA GLN A 419 56.88 -25.66 -6.35
C GLN A 419 57.12 -26.14 -4.92
N CYS A 420 56.15 -25.89 -4.04
CA CYS A 420 56.35 -26.14 -2.63
C CYS A 420 56.62 -27.64 -2.42
N TYR A 421 55.80 -28.49 -3.05
CA TYR A 421 55.96 -29.94 -2.93
C TYR A 421 57.23 -30.43 -3.63
N LYS A 422 57.52 -29.92 -4.84
CA LYS A 422 58.71 -30.38 -5.54
C LYS A 422 59.95 -30.05 -4.71
N ILE A 423 60.08 -28.80 -4.29
CA ILE A 423 61.34 -28.33 -3.71
C ILE A 423 61.53 -28.88 -2.28
N THR A 424 60.43 -29.19 -1.59
CA THR A 424 60.56 -29.77 -0.25
C THR A 424 60.45 -31.29 -0.34
N LYS A 425 60.57 -31.81 -1.56
CA LYS A 425 60.65 -33.24 -1.79
C LYS A 425 59.40 -33.92 -1.22
N GLY A 426 58.26 -33.22 -1.33
CA GLY A 426 56.97 -33.73 -0.91
C GLY A 426 56.76 -33.68 0.59
N ARG A 427 57.59 -32.93 1.33
CA ARG A 427 57.53 -33.04 2.78
C ARG A 427 56.70 -31.93 3.42
N ALA A 428 56.45 -30.85 2.67
CA ALA A 428 55.89 -29.63 3.23
C ALA A 428 54.41 -29.84 3.50
N ILE A 429 53.94 -29.26 4.61
CA ILE A 429 52.50 -29.16 4.82
C ILE A 429 52.01 -27.81 4.32
N PHE A 430 51.20 -27.82 3.26
CA PHE A 430 50.92 -26.64 2.47
C PHE A 430 49.44 -26.28 2.48
N ALA A 431 49.18 -24.96 2.57
CA ALA A 431 47.87 -24.39 2.33
C ALA A 431 48.04 -23.04 1.65
N SER A 432 46.96 -22.56 1.02
CA SER A 432 47.02 -21.33 0.22
C SER A 432 45.73 -20.51 0.38
N GLY A 433 45.76 -19.28 -0.14
CA GLY A 433 44.58 -18.45 -0.11
C GLY A 433 43.75 -18.65 -1.38
N SER A 434 44.47 -18.85 -2.51
CA SER A 434 43.88 -19.09 -3.81
C SER A 434 43.99 -20.58 -4.14
N PRO A 435 43.02 -21.18 -4.88
CA PRO A 435 43.02 -22.62 -5.10
C PRO A 435 44.13 -23.06 -6.05
N PHE A 436 44.79 -24.16 -5.68
CA PHE A 436 45.70 -24.88 -6.58
C PHE A 436 45.15 -26.30 -6.80
N ASP A 437 45.41 -26.82 -8.00
CA ASP A 437 45.09 -28.19 -8.38
C ASP A 437 45.82 -29.17 -7.46
N PRO A 438 45.32 -30.42 -7.35
CA PRO A 438 46.03 -31.47 -6.61
C PRO A 438 47.41 -31.73 -7.21
N VAL A 439 48.35 -32.17 -6.36
CA VAL A 439 49.68 -32.52 -6.85
C VAL A 439 49.99 -33.99 -6.53
N THR A 440 50.44 -34.71 -7.55
CA THR A 440 50.89 -36.09 -7.40
C THR A 440 52.43 -36.09 -7.32
N LEU A 441 52.99 -36.63 -6.23
CA LEU A 441 54.44 -36.68 -6.05
C LEU A 441 55.04 -37.88 -6.77
N PRO A 442 56.39 -37.89 -7.00
CA PRO A 442 57.08 -39.05 -7.57
C PRO A 442 56.77 -40.39 -6.90
N ASN A 443 56.42 -40.37 -5.61
CA ASN A 443 56.16 -41.59 -4.85
C ASN A 443 54.71 -42.11 -5.02
N GLY A 444 53.92 -41.51 -5.92
CA GLY A 444 52.58 -41.98 -6.19
C GLY A 444 51.54 -41.43 -5.22
N GLN A 445 51.96 -40.56 -4.30
CA GLN A 445 51.06 -39.85 -3.41
C GLN A 445 50.44 -38.69 -4.18
N THR A 446 49.13 -38.52 -4.07
CA THR A 446 48.47 -37.33 -4.60
C THR A 446 48.03 -36.48 -3.42
N LEU A 447 48.47 -35.22 -3.41
CA LEU A 447 48.12 -34.32 -2.34
C LEU A 447 47.12 -33.29 -2.87
N TYR A 448 46.23 -32.85 -1.97
CA TYR A 448 45.14 -31.96 -2.32
C TYR A 448 45.24 -30.72 -1.43
N PRO A 449 46.12 -29.75 -1.73
CA PRO A 449 46.37 -28.63 -0.81
C PRO A 449 45.12 -27.78 -0.72
N GLY A 450 44.69 -27.43 0.50
CA GLY A 450 43.42 -26.77 0.76
C GLY A 450 43.55 -25.24 0.76
N GLN A 451 42.43 -24.51 0.72
CA GLN A 451 42.46 -23.06 0.80
C GLN A 451 41.93 -22.59 2.16
N GLY A 452 42.66 -21.64 2.78
CA GLY A 452 42.24 -21.09 4.06
C GLY A 452 41.16 -20.02 3.85
N ASN A 453 39.97 -20.48 3.45
CA ASN A 453 38.88 -19.60 3.03
C ASN A 453 38.22 -18.95 4.24
N ASN A 454 38.15 -17.60 4.26
CA ASN A 454 37.41 -16.86 5.29
C ASN A 454 36.00 -17.40 5.46
N SER A 455 35.47 -17.99 4.37
CA SER A 455 34.14 -18.57 4.32
C SER A 455 33.94 -19.75 5.27
N TYR A 456 35.03 -20.39 5.73
CA TYR A 456 34.87 -21.44 6.74
C TYR A 456 34.46 -20.83 8.09
N VAL A 457 34.71 -19.52 8.27
CA VAL A 457 34.58 -18.91 9.58
C VAL A 457 33.33 -18.03 9.69
N PHE A 458 33.25 -16.94 8.90
CA PHE A 458 32.26 -15.91 9.23
C PHE A 458 30.82 -16.44 9.23
N PRO A 459 30.38 -17.35 8.33
CA PRO A 459 28.96 -17.68 8.27
C PRO A 459 28.50 -18.38 9.55
N GLY A 460 29.30 -19.35 10.00
CA GLY A 460 29.06 -20.06 11.25
C GLY A 460 29.14 -19.16 12.47
N VAL A 461 30.06 -18.19 12.48
CA VAL A 461 30.21 -17.35 13.67
C VAL A 461 28.94 -16.50 13.82
N ALA A 462 28.54 -15.85 12.72
CA ALA A 462 27.34 -15.02 12.67
C ALA A 462 26.11 -15.81 13.10
N LEU A 463 25.94 -17.01 12.54
CA LEU A 463 24.77 -17.84 12.82
C LEU A 463 24.70 -18.14 14.31
N GLY A 464 25.85 -18.57 14.85
CA GLY A 464 25.95 -18.90 16.27
C GLY A 464 25.68 -17.71 17.17
N VAL A 465 26.36 -16.59 16.92
CA VAL A 465 26.26 -15.40 17.74
C VAL A 465 24.80 -14.93 17.79
N VAL A 466 24.16 -14.85 16.63
CA VAL A 466 22.81 -14.32 16.52
C VAL A 466 21.83 -15.31 17.15
N ALA A 467 22.03 -16.62 16.93
CA ALA A 467 21.09 -17.66 17.38
C ALA A 467 20.86 -17.60 18.88
N CYS A 468 21.94 -17.41 19.66
CA CYS A 468 21.84 -17.44 21.11
C CYS A 468 21.91 -16.02 21.69
N GLY A 469 22.04 -15.02 20.81
CA GLY A 469 22.02 -13.63 21.27
C GLY A 469 23.26 -13.22 22.06
N LEU A 470 24.45 -13.59 21.58
CA LEU A 470 25.71 -13.20 22.19
C LEU A 470 25.91 -11.69 22.01
N ARG A 471 26.19 -10.98 23.09
CA ARG A 471 26.25 -9.52 22.98
C ARG A 471 27.64 -9.03 22.55
N GLN A 472 28.69 -9.79 22.92
CA GLN A 472 30.05 -9.49 22.51
C GLN A 472 30.64 -10.74 21.89
N ILE A 473 31.52 -10.54 20.91
CA ILE A 473 32.21 -11.60 20.21
C ILE A 473 33.65 -11.59 20.71
N THR A 474 34.01 -12.57 21.55
CA THR A 474 35.30 -12.65 22.22
C THR A 474 36.35 -13.32 21.33
N ASP A 475 37.62 -13.16 21.68
CA ASP A 475 38.71 -13.89 21.05
C ASP A 475 38.42 -15.39 21.12
N ASN A 476 37.82 -15.77 22.24
CA ASN A 476 37.52 -17.16 22.52
C ASN A 476 36.59 -17.76 21.46
N ILE A 477 35.69 -16.95 20.92
CA ILE A 477 34.79 -17.42 19.88
C ILE A 477 35.58 -17.85 18.65
N PHE A 478 36.56 -17.04 18.25
CA PHE A 478 37.36 -17.34 17.07
C PHE A 478 38.29 -18.52 17.30
N LEU A 479 38.83 -18.65 18.53
CA LEU A 479 39.71 -19.76 18.81
C LEU A 479 38.91 -21.07 18.80
N THR A 480 37.77 -21.09 19.51
CA THR A 480 36.95 -22.28 19.55
C THR A 480 36.52 -22.65 18.14
N THR A 481 36.27 -21.61 17.33
CA THR A 481 35.87 -21.80 15.95
C THR A 481 37.00 -22.50 15.18
N ALA A 482 38.25 -22.03 15.35
CA ALA A 482 39.39 -22.65 14.69
C ALA A 482 39.44 -24.14 15.01
N GLU A 483 39.22 -24.44 16.30
CA GLU A 483 39.20 -25.80 16.84
C GLU A 483 38.10 -26.60 16.15
N VAL A 484 36.90 -26.03 16.05
CA VAL A 484 35.79 -26.77 15.48
C VAL A 484 36.14 -27.14 14.04
N ILE A 485 36.74 -26.18 13.30
CA ILE A 485 37.06 -26.37 11.90
C ILE A 485 38.07 -27.51 11.73
N ALA A 486 39.17 -27.43 12.50
CA ALA A 486 40.22 -28.46 12.50
C ALA A 486 39.60 -29.84 12.76
N GLN A 487 38.64 -29.91 13.69
CA GLN A 487 37.95 -31.15 14.06
C GLN A 487 37.22 -31.81 12.88
N GLN A 488 36.82 -31.03 11.86
CA GLN A 488 36.08 -31.56 10.72
C GLN A 488 37.03 -32.17 9.70
N VAL A 489 38.35 -32.07 9.96
CA VAL A 489 39.34 -32.72 9.12
C VAL A 489 39.58 -34.14 9.66
N SER A 490 39.42 -35.13 8.77
CA SER A 490 39.71 -36.52 9.05
C SER A 490 41.18 -36.80 8.79
N ASP A 491 41.70 -37.89 9.39
CA ASP A 491 43.09 -38.26 9.18
C ASP A 491 43.29 -38.54 7.69
N LYS A 492 42.25 -39.08 7.05
CA LYS A 492 42.31 -39.34 5.62
C LYS A 492 42.64 -38.04 4.90
N HIS A 493 41.90 -36.97 5.22
CA HIS A 493 42.20 -35.67 4.65
C HIS A 493 43.66 -35.33 4.88
N LEU A 494 44.08 -35.36 6.16
CA LEU A 494 45.43 -34.96 6.55
C LEU A 494 46.44 -35.78 5.74
N GLU A 495 46.15 -37.08 5.60
CA GLU A 495 47.07 -37.98 4.91
C GLU A 495 47.08 -37.62 3.43
N GLU A 496 45.99 -37.00 2.96
CA GLU A 496 45.88 -36.45 1.61
C GLU A 496 46.46 -35.05 1.53
N GLY A 497 46.81 -34.49 2.69
CA GLY A 497 47.47 -33.20 2.79
C GLY A 497 46.48 -32.03 2.79
N ARG A 498 45.22 -32.29 3.18
CA ARG A 498 44.25 -31.22 3.33
C ARG A 498 44.19 -30.81 4.79
N LEU A 499 44.23 -29.50 5.04
CA LEU A 499 44.15 -28.91 6.36
C LEU A 499 42.76 -28.31 6.60
N TYR A 500 41.91 -28.38 5.57
CA TYR A 500 40.56 -27.84 5.70
C TYR A 500 39.53 -28.90 5.25
N PRO A 501 38.30 -28.86 5.79
CA PRO A 501 37.24 -29.75 5.31
C PRO A 501 36.97 -29.37 3.85
N PRO A 502 36.42 -30.26 3.00
CA PRO A 502 36.08 -29.88 1.63
C PRO A 502 35.15 -28.65 1.59
N LEU A 503 35.24 -27.89 0.50
CA LEU A 503 34.45 -26.67 0.39
C LEU A 503 32.97 -26.99 0.27
N ASN A 504 32.65 -28.07 -0.43
CA ASN A 504 31.27 -28.49 -0.62
C ASN A 504 30.57 -28.84 0.69
N THR A 505 31.28 -28.91 1.82
CA THR A 505 30.57 -29.25 3.06
C THR A 505 30.37 -28.01 3.92
N ILE A 506 30.57 -26.83 3.34
CA ILE A 506 30.66 -25.60 4.10
C ILE A 506 29.41 -25.34 4.95
N ARG A 507 28.22 -25.72 4.46
CA ARG A 507 27.03 -25.49 5.25
C ARG A 507 27.11 -26.31 6.55
N ASP A 508 27.66 -27.53 6.46
CA ASP A 508 27.74 -28.42 7.61
C ASP A 508 28.79 -27.90 8.59
N VAL A 509 29.92 -27.40 8.06
CA VAL A 509 30.93 -26.76 8.86
C VAL A 509 30.30 -25.61 9.66
N SER A 510 29.48 -24.76 8.99
CA SER A 510 28.93 -23.56 9.61
C SER A 510 28.02 -23.93 10.79
N LEU A 511 27.26 -25.02 10.63
CA LEU A 511 26.33 -25.48 11.62
C LEU A 511 27.07 -25.96 12.87
N LYS A 512 28.17 -26.70 12.67
CA LYS A 512 28.96 -27.22 13.78
C LYS A 512 29.57 -26.05 14.54
N ILE A 513 30.11 -25.07 13.80
CA ILE A 513 30.64 -23.86 14.43
C ILE A 513 29.55 -23.20 15.28
N ALA A 514 28.35 -23.05 14.68
CA ALA A 514 27.25 -22.39 15.35
C ALA A 514 26.79 -23.23 16.54
N GLU A 515 26.71 -24.55 16.35
CA GLU A 515 26.32 -25.43 17.44
C GLU A 515 27.22 -25.17 18.64
N LYS A 516 28.53 -25.09 18.36
CA LYS A 516 29.51 -24.99 19.42
C LYS A 516 29.33 -23.67 20.16
N ILE A 517 29.24 -22.56 19.41
CA ILE A 517 29.03 -21.24 20.00
C ILE A 517 27.82 -21.25 20.94
N VAL A 518 26.69 -21.77 20.46
CA VAL A 518 25.43 -21.84 21.19
C VAL A 518 25.58 -22.67 22.47
N LYS A 519 26.13 -23.89 22.39
CA LYS A 519 26.33 -24.75 23.57
C LYS A 519 27.16 -24.04 24.62
N ASP A 520 28.22 -23.35 24.15
CA ASP A 520 29.14 -22.66 25.03
C ASP A 520 28.41 -21.51 25.73
N ALA A 521 27.60 -20.76 24.97
CA ALA A 521 26.98 -19.56 25.53
C ALA A 521 25.99 -19.90 26.64
N TYR A 522 25.28 -21.02 26.52
CA TYR A 522 24.32 -21.39 27.55
C TYR A 522 25.00 -21.99 28.76
N GLN A 523 26.08 -22.74 28.50
CA GLN A 523 27.01 -23.23 29.51
C GLN A 523 27.48 -22.06 30.38
N GLU A 524 28.12 -21.07 29.75
CA GLU A 524 28.75 -19.99 30.49
C GLU A 524 27.80 -18.79 30.64
N LYS A 525 26.50 -19.06 30.52
CA LYS A 525 25.46 -18.06 30.71
C LYS A 525 25.83 -16.77 29.95
N THR A 526 26.30 -16.89 28.70
CA THR A 526 26.52 -15.69 27.91
C THR A 526 25.36 -15.49 26.94
N ALA A 527 24.47 -16.47 26.82
CA ALA A 527 23.34 -16.40 25.91
C ALA A 527 22.28 -15.44 26.46
N THR A 528 21.56 -14.76 25.56
CA THR A 528 20.49 -13.84 25.97
C THR A 528 19.13 -14.30 25.46
N VAL A 529 19.07 -15.38 24.66
CA VAL A 529 17.81 -15.90 24.14
C VAL A 529 17.33 -17.03 25.07
N TYR A 530 16.25 -16.77 25.83
CA TYR A 530 15.68 -17.77 26.74
C TYR A 530 14.22 -18.04 26.38
N PRO A 531 13.64 -19.24 26.69
CA PRO A 531 14.30 -20.30 27.46
C PRO A 531 15.32 -21.14 26.69
N GLU A 532 16.29 -21.69 27.44
CA GLU A 532 17.33 -22.54 26.91
C GLU A 532 16.71 -23.69 26.14
N PRO A 533 17.09 -23.90 24.86
CA PRO A 533 16.59 -25.06 24.11
C PRO A 533 17.22 -26.34 24.65
N GLN A 534 16.42 -27.41 24.67
CA GLN A 534 16.90 -28.68 25.16
C GLN A 534 17.90 -29.25 24.18
N ASN A 535 17.74 -28.90 22.91
CA ASN A 535 18.54 -29.54 21.86
C ASN A 535 19.14 -28.46 20.95
N LYS A 536 20.44 -28.19 21.14
CA LYS A 536 21.08 -27.01 20.58
C LYS A 536 21.21 -27.16 19.07
N GLU A 537 21.49 -28.39 18.63
CA GLU A 537 21.53 -28.81 17.24
C GLU A 537 20.23 -28.42 16.53
N ALA A 538 19.10 -28.94 17.03
CA ALA A 538 17.83 -28.75 16.37
C ALA A 538 17.48 -27.26 16.40
N PHE A 539 17.86 -26.56 17.48
CA PHE A 539 17.52 -25.17 17.68
C PHE A 539 18.28 -24.31 16.67
N VAL A 540 19.55 -24.65 16.40
CA VAL A 540 20.31 -23.90 15.42
C VAL A 540 19.72 -24.13 14.04
N ARG A 541 19.43 -25.41 13.74
CA ARG A 541 18.83 -25.79 12.48
C ARG A 541 17.53 -25.04 12.24
N SER A 542 16.76 -24.83 13.30
CA SER A 542 15.46 -24.19 13.14
C SER A 542 15.64 -22.70 12.81
N GLN A 543 16.85 -22.17 12.98
CA GLN A 543 17.11 -20.75 12.74
C GLN A 543 17.69 -20.58 11.34
N MET A 544 17.90 -21.68 10.63
CA MET A 544 18.60 -21.57 9.35
C MET A 544 17.61 -21.31 8.22
N TYR A 545 17.98 -20.43 7.30
CA TYR A 545 17.11 -20.14 6.17
C TYR A 545 17.15 -21.32 5.22
N SER A 546 16.00 -21.66 4.67
CA SER A 546 15.92 -22.72 3.68
C SER A 546 15.67 -22.09 2.31
N THR A 547 16.15 -22.77 1.26
CA THR A 547 15.93 -22.36 -0.12
C THR A 547 14.56 -22.84 -0.64
N ASP A 548 13.76 -23.53 0.18
CA ASP A 548 12.41 -23.86 -0.26
C ASP A 548 11.49 -22.66 -0.09
N TYR A 549 10.55 -22.52 -1.02
CA TYR A 549 9.60 -21.41 -0.99
C TYR A 549 8.74 -21.51 0.26
N ASP A 550 8.51 -20.36 0.89
CA ASP A 550 7.51 -20.23 1.93
C ASP A 550 6.14 -20.27 1.29
N GLN A 551 5.13 -20.75 2.05
CA GLN A 551 3.75 -20.53 1.63
C GLN A 551 3.31 -19.16 2.13
N ILE A 552 2.63 -18.40 1.26
CA ILE A 552 2.35 -17.01 1.56
C ILE A 552 0.86 -16.75 1.46
N LEU A 553 0.14 -17.70 0.81
CA LEU A 553 -1.31 -17.67 0.75
C LEU A 553 -1.87 -17.49 2.16
N PRO A 554 -3.09 -16.94 2.30
CA PRO A 554 -3.75 -16.85 3.60
C PRO A 554 -4.03 -18.26 4.14
N ASP A 555 -4.05 -18.40 5.46
CA ASP A 555 -4.42 -19.63 6.15
C ASP A 555 -5.94 -19.79 6.05
N CYS A 556 -6.39 -20.79 5.28
CA CYS A 556 -7.81 -21.01 5.09
C CYS A 556 -8.22 -22.32 5.73
N TYR A 557 -9.33 -22.27 6.49
CA TYR A 557 -9.85 -23.41 7.25
C TYR A 557 -11.26 -23.06 7.66
N SER A 558 -12.07 -24.09 7.87
CA SER A 558 -13.48 -23.89 8.11
C SER A 558 -13.68 -23.95 9.63
N TRP A 559 -14.88 -23.54 10.05
CA TRP A 559 -15.36 -23.68 11.42
C TRP A 559 -16.57 -24.62 11.34
N PRO A 560 -17.04 -25.24 12.45
CA PRO A 560 -18.31 -25.99 12.41
C PRO A 560 -19.44 -25.21 11.76
N GLU A 561 -20.32 -25.94 11.07
CA GLU A 561 -21.40 -25.41 10.26
C GLU A 561 -22.22 -24.37 11.03
N GLU A 562 -22.61 -24.69 12.27
CA GLU A 562 -23.55 -23.88 13.03
C GLU A 562 -22.99 -22.48 13.28
N VAL A 563 -21.67 -22.37 13.40
CA VAL A 563 -21.11 -21.10 13.83
C VAL A 563 -20.52 -20.36 12.63
N GLN A 564 -20.51 -21.02 11.47
CA GLN A 564 -19.91 -20.46 10.28
C GLN A 564 -21.00 -19.83 9.42
N LYS A 565 -22.26 -20.19 9.68
CA LYS A 565 -23.37 -19.80 8.82
C LYS A 565 -23.69 -18.32 8.99
N ILE A 566 -24.20 -17.70 7.92
CA ILE A 566 -24.64 -16.32 7.96
C ILE A 566 -25.98 -16.26 8.71
N GLN A 567 -26.10 -15.32 9.68
CA GLN A 567 -27.31 -15.22 10.48
C GLN A 567 -28.32 -14.29 9.79
N THR A 568 -29.56 -14.77 9.68
CA THR A 568 -30.70 -14.07 9.08
C THR A 568 -31.91 -14.19 10.01
N LYS A 569 -32.95 -14.94 9.59
CA LYS A 569 -34.00 -15.44 10.48
C LYS A 569 -34.60 -16.73 9.90
N PRO B 6 7.36 21.40 -17.16
CA PRO B 6 7.46 19.99 -16.76
C PRO B 6 6.14 19.43 -16.20
N ARG B 7 5.79 18.21 -16.65
CA ARG B 7 4.54 17.55 -16.32
C ARG B 7 4.50 17.14 -14.86
N ARG B 8 3.28 16.94 -14.34
CA ARG B 8 3.08 16.40 -13.00
C ARG B 8 2.62 14.95 -13.05
N ARG B 9 2.30 14.44 -11.85
CA ARG B 9 2.21 13.04 -11.50
C ARG B 9 2.46 13.02 -9.99
N HIS B 10 1.40 13.20 -9.18
CA HIS B 10 1.62 13.31 -7.75
C HIS B 10 1.31 11.95 -7.12
N THR B 11 2.36 11.12 -6.96
CA THR B 11 2.25 9.76 -6.46
C THR B 11 2.06 9.74 -4.95
N HIS B 12 1.30 8.75 -4.48
CA HIS B 12 1.16 8.44 -3.07
C HIS B 12 2.20 7.43 -2.63
N GLN B 13 2.77 6.67 -3.57
CA GLN B 13 3.79 5.65 -3.30
C GLN B 13 5.02 6.31 -2.67
N ARG B 14 5.71 5.57 -1.79
CA ARG B 14 6.86 6.03 -1.02
C ARG B 14 7.74 4.84 -0.65
N GLY B 15 9.02 5.09 -0.39
CA GLY B 15 9.91 4.05 0.09
C GLY B 15 10.27 3.04 -0.99
N TYR B 16 10.77 1.88 -0.56
CA TYR B 16 11.32 0.88 -1.47
C TYR B 16 10.41 0.59 -2.67
N LEU B 17 9.11 0.38 -2.42
CA LEU B 17 8.21 -0.06 -3.47
C LEU B 17 8.07 1.00 -4.56
N LEU B 18 8.32 2.29 -4.25
CA LEU B 18 8.31 3.28 -5.30
C LEU B 18 9.38 2.97 -6.35
N THR B 19 10.60 2.58 -5.89
CA THR B 19 11.72 2.32 -6.79
C THR B 19 11.46 1.08 -7.63
N ARG B 20 10.45 0.28 -7.26
CA ARG B 20 10.17 -0.92 -8.02
C ARG B 20 9.17 -0.65 -9.15
N ASN B 21 8.64 0.58 -9.22
CA ASN B 21 7.67 0.93 -10.25
C ASN B 21 8.39 1.66 -11.36
N PRO B 22 8.54 1.06 -12.57
CA PRO B 22 9.42 1.61 -13.58
C PRO B 22 8.94 2.97 -14.10
N HIS B 23 7.67 3.30 -13.81
CA HIS B 23 7.08 4.55 -14.26
C HIS B 23 7.37 5.66 -13.26
N LEU B 24 7.69 5.30 -12.01
CA LEU B 24 8.07 6.30 -11.02
C LEU B 24 9.59 6.40 -10.88
N ASN B 25 10.29 5.26 -10.97
CA ASN B 25 11.71 5.18 -10.63
C ASN B 25 12.56 5.98 -11.62
N LYS B 26 13.37 6.91 -11.07
CA LYS B 26 14.36 7.69 -11.82
C LYS B 26 15.79 7.25 -11.50
N ASP B 27 15.97 6.21 -10.67
CA ASP B 27 17.30 5.85 -10.19
C ASP B 27 18.04 7.12 -9.75
N LEU B 28 19.29 7.28 -10.23
CA LEU B 28 20.19 8.33 -9.79
C LEU B 28 19.71 9.73 -10.17
N ALA B 29 18.72 9.85 -11.06
CA ALA B 29 18.23 11.19 -11.42
C ALA B 29 17.28 11.76 -10.37
N PHE B 30 16.94 10.96 -9.34
CA PHE B 30 16.26 11.52 -8.18
C PHE B 30 17.19 12.47 -7.45
N THR B 31 16.68 13.68 -7.15
CA THR B 31 17.49 14.69 -6.49
C THR B 31 17.46 14.37 -5.01
N LEU B 32 18.36 14.99 -4.24
CA LEU B 32 18.36 14.73 -2.81
C LEU B 32 16.98 15.04 -2.23
N GLU B 33 16.40 16.15 -2.70
CA GLU B 33 15.09 16.58 -2.22
C GLU B 33 14.05 15.51 -2.51
N GLU B 34 14.08 14.94 -3.72
CA GLU B 34 13.14 13.92 -4.16
C GLU B 34 13.30 12.65 -3.30
N ARG B 35 14.55 12.26 -3.05
CA ARG B 35 14.85 11.07 -2.29
C ARG B 35 14.33 11.19 -0.87
N GLN B 36 14.57 12.36 -0.27
CA GLN B 36 14.20 12.56 1.12
C GLN B 36 12.67 12.62 1.23
N GLN B 37 12.04 13.35 0.29
CA GLN B 37 10.60 13.51 0.29
C GLN B 37 9.87 12.19 0.00
N LEU B 38 10.48 11.32 -0.82
CA LEU B 38 9.85 10.08 -1.23
C LEU B 38 10.25 8.90 -0.31
N ASN B 39 11.00 9.16 0.77
CA ASN B 39 11.44 8.16 1.75
C ASN B 39 12.32 7.08 1.10
N ILE B 40 13.19 7.46 0.17
CA ILE B 40 14.09 6.52 -0.45
C ILE B 40 15.53 6.97 -0.23
N HIS B 41 15.75 8.02 0.57
CA HIS B 41 17.12 8.48 0.73
C HIS B 41 17.93 7.40 1.45
N GLY B 42 19.01 6.94 0.81
CA GLY B 42 19.77 5.83 1.36
C GLY B 42 19.70 4.57 0.51
N LEU B 43 18.64 4.45 -0.30
CA LEU B 43 18.50 3.30 -1.18
C LEU B 43 19.29 3.50 -2.47
N LEU B 44 19.90 4.67 -2.70
CA LEU B 44 20.67 4.86 -3.92
C LEU B 44 22.05 5.43 -3.55
N PRO B 45 23.11 5.15 -4.33
CA PRO B 45 24.40 5.79 -4.08
C PRO B 45 24.34 7.32 -4.11
N PRO B 46 25.30 8.00 -3.45
CA PRO B 46 25.18 9.43 -3.20
C PRO B 46 25.64 10.35 -4.33
N SER B 47 25.14 10.14 -5.54
CA SER B 47 25.40 11.02 -6.67
C SER B 47 24.10 11.27 -7.42
N PHE B 48 24.02 12.45 -8.04
CA PHE B 48 22.85 12.90 -8.76
C PHE B 48 23.21 13.02 -10.24
N ASN B 49 22.50 12.28 -11.11
CA ASN B 49 22.80 12.30 -12.53
C ASN B 49 21.69 12.99 -13.31
N SER B 50 22.09 13.84 -14.27
CA SER B 50 21.18 14.24 -15.31
C SER B 50 20.84 13.01 -16.12
N GLN B 51 19.78 13.12 -16.91
CA GLN B 51 19.36 12.03 -17.78
C GLN B 51 20.47 11.69 -18.78
N GLU B 52 21.22 12.71 -19.24
CA GLU B 52 22.27 12.50 -20.25
C GLU B 52 23.38 11.62 -19.67
N ILE B 53 23.72 11.84 -18.39
CA ILE B 53 24.74 11.01 -17.75
C ILE B 53 24.22 9.57 -17.60
N GLN B 54 22.93 9.39 -17.30
CA GLN B 54 22.35 8.05 -17.25
C GLN B 54 22.42 7.40 -18.63
N VAL B 55 22.22 8.20 -19.69
CA VAL B 55 22.23 7.64 -21.03
C VAL B 55 23.64 7.17 -21.38
N LEU B 56 24.64 7.96 -21.00
CA LEU B 56 26.03 7.60 -21.26
C LEU B 56 26.36 6.24 -20.62
N ARG B 57 25.84 6.00 -19.41
CA ARG B 57 26.15 4.81 -18.64
C ARG B 57 25.56 3.62 -19.39
N VAL B 58 24.32 3.77 -19.86
CA VAL B 58 23.63 2.67 -20.50
C VAL B 58 24.34 2.35 -21.81
N VAL B 59 24.78 3.41 -22.49
CA VAL B 59 25.36 3.25 -23.81
C VAL B 59 26.76 2.68 -23.67
N LYS B 60 27.48 3.02 -22.59
CA LYS B 60 28.79 2.44 -22.35
C LYS B 60 28.66 0.93 -22.20
N ASN B 61 27.69 0.47 -21.38
CA ASN B 61 27.40 -0.95 -21.24
C ASN B 61 27.02 -1.56 -22.59
N PHE B 62 26.14 -0.86 -23.31
CA PHE B 62 25.52 -1.36 -24.53
C PHE B 62 26.60 -1.73 -25.53
N GLU B 63 27.66 -0.93 -25.58
CA GLU B 63 28.67 -1.07 -26.61
C GLU B 63 29.61 -2.24 -26.31
N HIS B 64 29.84 -2.57 -25.02
CA HIS B 64 30.79 -3.60 -24.68
C HIS B 64 30.18 -5.00 -24.80
N LEU B 65 28.91 -5.06 -25.20
CA LEU B 65 28.26 -6.34 -25.39
C LEU B 65 28.73 -6.93 -26.73
N ASN B 66 28.44 -8.22 -26.95
CA ASN B 66 29.05 -9.02 -28.01
C ASN B 66 28.07 -9.21 -29.16
N SER B 67 26.80 -8.95 -28.88
CA SER B 67 25.77 -9.23 -29.87
C SER B 67 24.55 -8.34 -29.65
N ASP B 68 23.70 -8.33 -30.68
CA ASP B 68 22.46 -7.58 -30.68
C ASP B 68 21.47 -8.19 -29.71
N PHE B 69 21.45 -9.53 -29.61
CA PHE B 69 20.59 -10.20 -28.65
C PHE B 69 20.97 -9.77 -27.23
N ASP B 70 22.26 -9.68 -26.95
CA ASP B 70 22.69 -9.25 -25.62
C ASP B 70 22.26 -7.80 -25.42
N ARG B 71 22.35 -6.99 -26.49
CA ARG B 71 22.00 -5.58 -26.37
C ARG B 71 20.50 -5.45 -26.08
N TYR B 72 19.70 -6.34 -26.68
CA TYR B 72 18.25 -6.42 -26.48
C TYR B 72 17.95 -6.72 -25.01
N LEU B 73 18.67 -7.71 -24.44
CA LEU B 73 18.48 -8.13 -23.06
C LEU B 73 18.78 -6.98 -22.11
N LEU B 74 19.83 -6.21 -22.40
CA LEU B 74 20.16 -5.06 -21.58
C LEU B 74 19.02 -4.04 -21.64
N LEU B 75 18.48 -3.82 -22.86
CA LEU B 75 17.51 -2.75 -23.03
C LEU B 75 16.17 -3.16 -22.40
N MET B 76 15.84 -4.45 -22.45
CA MET B 76 14.60 -4.90 -21.84
C MET B 76 14.70 -4.82 -20.31
N ASP B 77 15.88 -5.13 -19.78
CA ASP B 77 16.15 -4.91 -18.36
C ASP B 77 15.91 -3.43 -18.00
N LEU B 78 16.41 -2.52 -18.84
CA LEU B 78 16.25 -1.08 -18.62
C LEU B 78 14.78 -0.70 -18.63
N GLN B 79 14.05 -1.17 -19.66
CA GLN B 79 12.62 -0.95 -19.75
C GLN B 79 11.91 -1.30 -18.44
N ASP B 80 12.33 -2.39 -17.76
CA ASP B 80 11.63 -2.90 -16.59
C ASP B 80 12.12 -2.28 -15.28
N ARG B 81 12.96 -1.25 -15.34
CA ARG B 81 13.50 -0.62 -14.16
C ARG B 81 13.28 0.90 -14.21
N ASN B 82 13.35 1.50 -15.42
CA ASN B 82 13.25 2.93 -15.58
C ASN B 82 12.72 3.26 -16.98
N GLU B 83 11.39 3.35 -17.10
CA GLU B 83 10.71 3.45 -18.37
C GLU B 83 11.15 4.72 -19.12
N LYS B 84 11.29 5.84 -18.40
CA LYS B 84 11.63 7.08 -19.09
C LYS B 84 13.04 7.00 -19.68
N LEU B 85 13.98 6.41 -18.92
CA LEU B 85 15.37 6.33 -19.37
C LEU B 85 15.42 5.38 -20.55
N PHE B 86 14.62 4.32 -20.48
CA PHE B 86 14.52 3.39 -21.60
C PHE B 86 14.19 4.17 -22.88
N TYR B 87 13.15 5.01 -22.79
CA TYR B 87 12.69 5.71 -23.97
C TYR B 87 13.68 6.81 -24.35
N ARG B 88 14.28 7.45 -23.35
CA ARG B 88 15.30 8.41 -23.70
C ARG B 88 16.40 7.72 -24.52
N VAL B 89 16.81 6.52 -24.11
CA VAL B 89 17.88 5.82 -24.81
C VAL B 89 17.47 5.53 -26.24
N LEU B 90 16.26 4.97 -26.43
CA LEU B 90 15.76 4.55 -27.73
C LEU B 90 15.67 5.76 -28.67
N THR B 91 15.09 6.86 -28.18
CA THR B 91 14.86 8.04 -29.01
C THR B 91 16.17 8.76 -29.35
N SER B 92 17.21 8.59 -28.53
CA SER B 92 18.50 9.24 -28.72
C SER B 92 19.16 8.83 -30.04
N ASP B 93 18.83 7.64 -30.57
CA ASP B 93 19.25 7.23 -31.89
C ASP B 93 18.29 6.15 -32.37
N ILE B 94 17.14 6.59 -32.89
CA ILE B 94 16.02 5.70 -33.19
C ILE B 94 16.42 4.69 -34.26
N GLU B 95 17.22 5.11 -35.24
CA GLU B 95 17.58 4.21 -36.31
C GLU B 95 18.49 3.10 -35.77
N LYS B 96 19.26 3.39 -34.72
CA LYS B 96 20.11 2.34 -34.17
C LYS B 96 19.35 1.40 -33.23
N PHE B 97 18.40 1.95 -32.45
CA PHE B 97 17.80 1.16 -31.38
C PHE B 97 16.56 0.38 -31.85
N MET B 98 15.85 0.89 -32.86
CA MET B 98 14.66 0.24 -33.39
C MET B 98 14.91 -1.22 -33.77
N PRO B 99 15.99 -1.58 -34.53
CA PRO B 99 16.23 -2.96 -34.92
C PRO B 99 16.76 -3.83 -33.77
N ILE B 100 16.94 -3.23 -32.59
CA ILE B 100 17.37 -3.99 -31.43
C ILE B 100 16.16 -4.42 -30.60
N VAL B 101 15.27 -3.46 -30.31
CA VAL B 101 14.07 -3.78 -29.55
C VAL B 101 12.97 -4.37 -30.43
N TYR B 102 13.02 -4.16 -31.77
CA TYR B 102 12.02 -4.73 -32.67
C TYR B 102 12.72 -5.56 -33.74
N THR B 103 12.17 -5.64 -34.97
CA THR B 103 12.75 -6.52 -35.98
C THR B 103 14.06 -5.93 -36.48
N PRO B 104 15.07 -6.73 -36.81
CA PRO B 104 15.00 -8.19 -36.68
C PRO B 104 15.37 -8.86 -35.34
N THR B 105 16.05 -8.15 -34.44
CA THR B 105 16.53 -8.83 -33.23
C THR B 105 15.41 -9.49 -32.41
N VAL B 106 14.24 -8.85 -32.33
CA VAL B 106 13.16 -9.36 -31.50
C VAL B 106 12.74 -10.74 -32.01
N GLY B 107 13.08 -11.04 -33.27
CA GLY B 107 12.84 -12.36 -33.83
C GLY B 107 13.56 -13.46 -33.05
N LEU B 108 14.84 -13.22 -32.77
CA LEU B 108 15.66 -14.12 -31.99
C LEU B 108 15.16 -14.13 -30.54
N ALA B 109 14.78 -12.94 -30.04
CA ALA B 109 14.28 -12.81 -28.69
C ALA B 109 13.08 -13.75 -28.55
N CYS B 110 12.20 -13.75 -29.55
CA CYS B 110 11.04 -14.61 -29.49
C CYS B 110 11.44 -16.09 -29.53
N GLN B 111 12.36 -16.46 -30.43
CA GLN B 111 12.79 -17.85 -30.53
C GLN B 111 13.36 -18.31 -29.19
N GLN B 112 14.00 -17.38 -28.48
CA GLN B 112 14.77 -17.67 -27.30
C GLN B 112 13.97 -17.32 -26.02
N TYR B 113 12.75 -16.82 -26.19
CA TYR B 113 11.99 -16.20 -25.10
C TYR B 113 11.86 -17.11 -23.88
N SER B 114 11.60 -18.41 -24.07
CA SER B 114 11.39 -19.29 -22.93
C SER B 114 12.69 -19.53 -22.16
N LEU B 115 13.84 -19.42 -22.83
CA LEU B 115 15.09 -19.74 -22.19
C LEU B 115 15.58 -18.54 -21.37
N VAL B 116 15.46 -17.33 -21.91
CA VAL B 116 16.00 -16.14 -21.28
C VAL B 116 14.95 -15.48 -20.39
N PHE B 117 13.75 -16.06 -20.31
CA PHE B 117 12.66 -15.48 -19.55
C PHE B 117 13.09 -15.01 -18.16
N ARG B 118 12.92 -13.70 -17.91
CA ARG B 118 13.41 -13.09 -16.70
C ARG B 118 12.28 -12.34 -16.02
N LYS B 119 12.11 -11.04 -16.32
CA LYS B 119 10.92 -10.36 -15.80
C LYS B 119 9.84 -10.30 -16.87
N PRO B 120 8.63 -10.82 -16.56
CA PRO B 120 7.48 -10.74 -17.45
C PRO B 120 7.11 -9.29 -17.77
N ARG B 121 6.62 -9.08 -18.98
CA ARG B 121 5.98 -7.85 -19.40
C ARG B 121 4.69 -8.26 -20.11
N GLY B 122 3.67 -7.41 -20.00
CA GLY B 122 2.38 -7.66 -20.65
C GLY B 122 1.51 -8.71 -19.94
N LEU B 123 0.30 -8.89 -20.50
CA LEU B 123 -0.71 -9.77 -19.97
C LEU B 123 -0.83 -11.01 -20.83
N PHE B 124 -0.82 -12.17 -20.18
CA PHE B 124 -1.01 -13.50 -20.74
C PHE B 124 -2.43 -13.98 -20.43
N ILE B 125 -3.20 -14.28 -21.49
CA ILE B 125 -4.58 -14.71 -21.36
C ILE B 125 -4.76 -16.01 -22.14
N THR B 126 -5.23 -17.07 -21.47
CA THR B 126 -5.26 -18.37 -22.12
C THR B 126 -6.68 -18.78 -22.44
N ILE B 127 -6.77 -19.75 -23.34
CA ILE B 127 -8.04 -20.37 -23.68
C ILE B 127 -8.70 -20.87 -22.40
N HIS B 128 -7.89 -21.25 -21.40
CA HIS B 128 -8.44 -21.80 -20.17
C HIS B 128 -8.98 -20.71 -19.24
N ASP B 129 -8.80 -19.44 -19.62
CA ASP B 129 -9.38 -18.30 -18.92
C ASP B 129 -10.72 -17.94 -19.56
N ARG B 130 -11.14 -18.76 -20.51
CA ARG B 130 -12.43 -18.55 -21.15
C ARG B 130 -13.46 -18.30 -20.04
N GLY B 131 -14.19 -17.19 -20.14
CA GLY B 131 -15.24 -16.85 -19.20
C GLY B 131 -14.75 -15.97 -18.04
N HIS B 132 -13.43 -15.75 -18.00
CA HIS B 132 -12.80 -15.07 -16.89
C HIS B 132 -11.90 -13.94 -17.37
N ILE B 133 -12.01 -13.53 -18.64
CA ILE B 133 -11.02 -12.61 -19.19
C ILE B 133 -11.12 -11.29 -18.43
N ALA B 134 -12.33 -10.87 -18.07
CA ALA B 134 -12.53 -9.67 -17.26
C ALA B 134 -11.64 -9.69 -16.03
N SER B 135 -11.56 -10.84 -15.36
CA SER B 135 -10.81 -10.88 -14.10
C SER B 135 -9.31 -11.01 -14.35
N VAL B 136 -8.90 -11.61 -15.47
CA VAL B 136 -7.48 -11.55 -15.84
C VAL B 136 -7.05 -10.09 -16.06
N LEU B 137 -7.88 -9.27 -16.72
CA LEU B 137 -7.61 -7.84 -16.92
C LEU B 137 -7.32 -7.10 -15.60
N ASN B 138 -8.07 -7.44 -14.53
CA ASN B 138 -7.92 -6.85 -13.20
C ASN B 138 -6.50 -6.99 -12.69
N ALA B 139 -5.72 -7.94 -13.21
CA ALA B 139 -4.36 -8.11 -12.71
C ALA B 139 -3.41 -7.02 -13.19
N TRP B 140 -3.78 -6.33 -14.28
CA TRP B 140 -2.95 -5.28 -14.86
C TRP B 140 -2.98 -4.03 -13.97
N PRO B 141 -1.81 -3.49 -13.55
CA PRO B 141 -1.79 -2.40 -12.58
C PRO B 141 -2.06 -0.99 -13.10
N GLU B 142 -2.30 -0.84 -14.42
CA GLU B 142 -2.70 0.45 -14.95
C GLU B 142 -4.16 0.37 -15.38
N ASP B 143 -4.99 1.28 -14.86
CA ASP B 143 -6.41 1.29 -15.15
C ASP B 143 -6.71 1.99 -16.48
N VAL B 144 -5.88 2.96 -16.86
CA VAL B 144 -6.20 3.76 -18.03
C VAL B 144 -5.36 3.27 -19.21
N ILE B 145 -5.99 2.50 -20.10
CA ILE B 145 -5.33 1.91 -21.25
C ILE B 145 -5.99 2.52 -22.49
N LYS B 146 -5.17 2.92 -23.48
CA LYS B 146 -5.68 3.53 -24.70
C LYS B 146 -5.26 2.77 -25.96
N ALA B 147 -4.34 1.80 -25.82
CA ALA B 147 -3.79 1.06 -26.94
C ALA B 147 -3.31 -0.32 -26.49
N ILE B 148 -3.82 -1.34 -27.18
CA ILE B 148 -3.48 -2.73 -26.95
C ILE B 148 -2.86 -3.28 -28.23
N VAL B 149 -1.73 -3.96 -28.07
CA VAL B 149 -1.30 -4.82 -29.15
C VAL B 149 -1.41 -6.26 -28.68
N VAL B 150 -2.08 -7.10 -29.51
CA VAL B 150 -2.40 -8.47 -29.16
C VAL B 150 -1.96 -9.39 -30.29
N THR B 151 -1.39 -10.54 -29.91
CA THR B 151 -0.97 -11.61 -30.81
C THR B 151 -1.47 -12.95 -30.26
N ASP B 152 -1.55 -13.97 -31.11
CA ASP B 152 -1.70 -15.35 -30.65
C ASP B 152 -0.42 -16.15 -30.91
N GLY B 153 0.60 -15.45 -31.43
CA GLY B 153 1.90 -16.06 -31.67
C GLY B 153 1.92 -17.06 -32.82
N GLU B 154 0.82 -17.16 -33.58
CA GLU B 154 0.74 -18.17 -34.63
C GLU B 154 1.59 -17.82 -35.86
N ARG B 155 1.84 -16.53 -36.11
CA ARG B 155 2.62 -16.17 -37.30
C ARG B 155 3.59 -15.03 -36.95
N ILE B 156 4.69 -15.36 -36.27
CA ILE B 156 5.58 -14.36 -35.72
C ILE B 156 6.59 -14.00 -36.81
N LEU B 157 6.57 -12.73 -37.24
CA LEU B 157 7.48 -12.30 -38.28
C LEU B 157 7.42 -13.30 -39.44
N GLY B 158 8.58 -13.72 -39.92
CA GLY B 158 8.64 -14.82 -40.86
C GLY B 158 9.10 -16.12 -40.19
N LEU B 159 8.92 -16.21 -38.85
CA LEU B 159 9.39 -17.39 -38.12
C LEU B 159 8.29 -18.42 -37.91
N GLY B 160 7.03 -18.07 -38.19
CA GLY B 160 5.92 -18.99 -38.01
C GLY B 160 5.39 -19.00 -36.57
N ASP B 161 4.92 -20.19 -36.12
CA ASP B 161 4.19 -20.34 -34.87
C ASP B 161 5.20 -20.43 -33.74
N LEU B 162 5.25 -19.40 -32.87
CA LEU B 162 6.17 -19.48 -31.73
C LEU B 162 5.37 -19.49 -30.43
N GLY B 163 4.07 -19.79 -30.52
CA GLY B 163 3.13 -19.74 -29.40
C GLY B 163 3.40 -18.61 -28.41
N CYS B 164 3.59 -18.97 -27.13
CA CYS B 164 3.67 -18.00 -26.05
C CYS B 164 4.97 -17.22 -26.11
N ASN B 165 5.99 -17.79 -26.76
CA ASN B 165 7.21 -17.06 -27.06
C ASN B 165 6.90 -15.82 -27.89
N GLY B 166 5.73 -15.77 -28.53
CA GLY B 166 5.35 -14.63 -29.34
C GLY B 166 5.16 -13.33 -28.56
N MET B 167 5.25 -13.38 -27.21
CA MET B 167 5.01 -12.21 -26.40
C MET B 167 6.06 -11.12 -26.67
N GLY B 168 7.24 -11.49 -27.20
CA GLY B 168 8.25 -10.49 -27.56
C GLY B 168 7.75 -9.44 -28.57
N ILE B 169 6.77 -9.86 -29.40
CA ILE B 169 6.27 -9.01 -30.47
C ILE B 169 5.42 -7.85 -29.93
N PRO B 170 4.31 -8.07 -29.18
CA PRO B 170 3.53 -6.95 -28.65
C PRO B 170 4.38 -6.01 -27.80
N VAL B 171 5.29 -6.58 -27.00
CA VAL B 171 6.13 -5.78 -26.11
C VAL B 171 7.00 -4.81 -26.94
N GLY B 172 7.72 -5.35 -27.93
CA GLY B 172 8.57 -4.50 -28.74
C GLY B 172 7.80 -3.56 -29.65
N LYS B 173 6.66 -4.03 -30.18
CA LYS B 173 5.84 -3.21 -31.06
C LYS B 173 5.36 -1.98 -30.29
N LEU B 174 4.91 -2.21 -29.06
CA LEU B 174 4.44 -1.10 -28.24
C LEU B 174 5.61 -0.20 -27.86
N ALA B 175 6.83 -0.72 -27.76
CA ALA B 175 7.96 0.18 -27.48
C ALA B 175 8.10 1.18 -28.63
N LEU B 176 7.75 0.73 -29.83
CA LEU B 176 7.89 1.59 -31.02
C LEU B 176 6.71 2.58 -31.12
N TYR B 177 5.51 2.17 -30.67
CA TYR B 177 4.40 3.10 -30.51
C TYR B 177 4.78 4.32 -29.69
N THR B 178 5.56 4.10 -28.62
CA THR B 178 5.96 5.17 -27.73
C THR B 178 7.13 5.93 -28.35
N ALA B 179 8.18 5.20 -28.72
CA ALA B 179 9.44 5.78 -29.17
C ALA B 179 9.23 6.57 -30.46
N CYS B 180 8.47 5.98 -31.41
CA CYS B 180 8.25 6.59 -32.71
C CYS B 180 7.01 7.50 -32.74
N GLY B 181 6.00 7.21 -31.91
CA GLY B 181 4.71 7.89 -32.04
C GLY B 181 4.31 8.73 -30.82
N GLY B 182 5.03 8.60 -29.71
CA GLY B 182 4.66 9.35 -28.52
C GLY B 182 3.43 8.80 -27.77
N MET B 183 3.02 7.56 -28.04
CA MET B 183 1.99 6.93 -27.20
C MET B 183 2.53 6.75 -25.76
N ASN B 184 1.69 7.07 -24.76
CA ASN B 184 2.03 6.94 -23.35
C ASN B 184 2.20 5.44 -23.03
N PRO B 185 3.41 5.01 -22.60
CA PRO B 185 3.66 3.60 -22.28
C PRO B 185 2.78 3.09 -21.13
N GLN B 186 2.46 3.97 -20.18
CA GLN B 186 1.57 3.59 -19.09
C GLN B 186 0.18 3.24 -19.61
N GLU B 187 -0.15 3.70 -20.83
CA GLU B 187 -1.50 3.54 -21.38
C GLU B 187 -1.57 2.45 -22.43
N CYS B 188 -0.50 1.67 -22.54
CA CYS B 188 -0.38 0.65 -23.56
C CYS B 188 -0.29 -0.70 -22.87
N LEU B 189 -0.97 -1.68 -23.45
CA LEU B 189 -1.08 -3.00 -22.84
C LEU B 189 -0.67 -4.03 -23.89
N PRO B 190 0.50 -4.70 -23.74
CA PRO B 190 0.85 -5.83 -24.60
C PRO B 190 0.09 -7.09 -24.16
N VAL B 191 -0.43 -7.88 -25.11
CA VAL B 191 -1.26 -9.03 -24.79
C VAL B 191 -0.87 -10.23 -25.64
N ILE B 192 -0.75 -11.39 -24.99
CA ILE B 192 -0.75 -12.64 -25.72
C ILE B 192 -1.96 -13.52 -25.37
N LEU B 193 -2.65 -14.00 -26.41
CA LEU B 193 -3.64 -15.03 -26.22
C LEU B 193 -2.97 -16.36 -26.55
N ASP B 194 -2.86 -17.25 -25.56
CA ASP B 194 -2.22 -18.55 -25.74
C ASP B 194 -3.32 -19.58 -25.78
N VAL B 195 -3.53 -20.16 -26.95
CA VAL B 195 -4.55 -21.16 -27.16
C VAL B 195 -3.83 -22.48 -27.46
N GLY B 196 -2.52 -22.51 -27.22
CA GLY B 196 -1.69 -23.63 -27.60
C GLY B 196 -0.71 -23.26 -28.71
N THR B 197 0.07 -24.26 -29.16
CA THR B 197 1.03 -24.07 -30.22
C THR B 197 1.13 -25.36 -31.05
N GLU B 198 1.49 -25.20 -32.34
CA GLU B 198 1.85 -26.31 -33.19
C GLU B 198 3.37 -26.45 -33.27
N ASN B 199 4.10 -25.60 -32.53
CA ASN B 199 5.57 -25.60 -32.60
C ASN B 199 6.09 -26.80 -31.84
N GLU B 200 6.58 -27.79 -32.60
CA GLU B 200 7.01 -29.06 -32.08
C GLU B 200 8.16 -28.91 -31.07
N GLU B 201 9.10 -28.00 -31.36
CA GLU B 201 10.26 -27.81 -30.48
C GLU B 201 9.83 -27.16 -29.16
N LEU B 202 8.86 -26.26 -29.19
CA LEU B 202 8.34 -25.68 -27.95
C LEU B 202 7.58 -26.72 -27.14
N LEU B 203 6.83 -27.59 -27.81
CA LEU B 203 6.06 -28.63 -27.14
C LEU B 203 6.97 -29.60 -26.39
N LYS B 204 8.19 -29.85 -26.91
CA LYS B 204 9.15 -30.80 -26.37
C LYS B 204 9.98 -30.14 -25.26
N ASP B 205 9.99 -28.80 -25.27
CA ASP B 205 11.00 -28.03 -24.58
C ASP B 205 10.64 -27.90 -23.10
N PRO B 206 11.48 -28.42 -22.16
CA PRO B 206 11.14 -28.38 -20.74
C PRO B 206 10.93 -26.96 -20.22
N LEU B 207 11.55 -25.98 -20.88
CA LEU B 207 11.54 -24.60 -20.41
C LEU B 207 10.42 -23.76 -21.03
N TYR B 208 9.61 -24.36 -21.93
CA TYR B 208 8.62 -23.57 -22.65
C TYR B 208 7.69 -22.93 -21.62
N ILE B 209 7.38 -21.64 -21.80
CA ILE B 209 6.60 -20.90 -20.82
C ILE B 209 5.10 -20.95 -21.13
N GLY B 210 4.72 -21.50 -22.30
CA GLY B 210 3.33 -21.48 -22.74
C GLY B 210 2.57 -22.76 -22.37
N LEU B 211 1.28 -22.78 -22.73
CA LEU B 211 0.48 -23.99 -22.63
C LEU B 211 1.10 -25.10 -23.49
N ARG B 212 1.38 -26.23 -22.85
CA ARG B 212 1.93 -27.37 -23.57
C ARG B 212 0.79 -28.15 -24.21
N GLN B 213 0.20 -27.62 -25.29
CA GLN B 213 -0.88 -28.29 -25.98
C GLN B 213 -0.93 -27.73 -27.40
N ARG B 214 -1.61 -28.47 -28.28
CA ARG B 214 -1.87 -28.06 -29.64
C ARG B 214 -2.83 -26.88 -29.62
N ARG B 215 -2.93 -26.14 -30.75
CA ARG B 215 -3.81 -25.00 -30.81
C ARG B 215 -5.27 -25.45 -30.79
N VAL B 216 -6.09 -24.73 -30.00
CA VAL B 216 -7.53 -24.85 -30.06
C VAL B 216 -8.03 -24.15 -31.33
N ARG B 217 -8.82 -24.84 -32.16
CA ARG B 217 -9.31 -24.27 -33.42
C ARG B 217 -10.80 -23.96 -33.30
N GLY B 218 -11.42 -23.57 -34.43
CA GLY B 218 -12.86 -23.56 -34.55
C GLY B 218 -13.54 -22.54 -33.64
N SER B 219 -14.78 -22.86 -33.24
CA SER B 219 -15.67 -21.85 -32.69
C SER B 219 -15.31 -21.60 -31.23
N GLU B 220 -14.63 -22.57 -30.63
CA GLU B 220 -14.09 -22.36 -29.30
C GLU B 220 -13.09 -21.20 -29.33
N TYR B 221 -12.23 -21.19 -30.36
CA TYR B 221 -11.29 -20.10 -30.59
C TYR B 221 -12.04 -18.80 -30.87
N ASP B 222 -13.07 -18.87 -31.72
CA ASP B 222 -13.79 -17.68 -32.16
C ASP B 222 -14.51 -17.00 -30.99
N ASP B 223 -15.12 -17.82 -30.10
CA ASP B 223 -15.87 -17.31 -28.95
C ASP B 223 -14.91 -16.64 -27.97
N PHE B 224 -13.72 -17.23 -27.84
CA PHE B 224 -12.68 -16.74 -26.94
C PHE B 224 -12.28 -15.32 -27.36
N LEU B 225 -12.05 -15.16 -28.67
CA LEU B 225 -11.64 -13.87 -29.22
C LEU B 225 -12.75 -12.83 -29.04
N ASP B 226 -14.01 -13.28 -29.19
CA ASP B 226 -15.19 -12.46 -28.97
C ASP B 226 -15.19 -11.96 -27.52
N GLU B 227 -15.00 -12.90 -26.57
CA GLU B 227 -14.88 -12.47 -25.18
C GLU B 227 -13.68 -11.54 -25.02
N PHE B 228 -12.56 -11.84 -25.69
CA PHE B 228 -11.45 -10.92 -25.51
C PHE B 228 -11.89 -9.51 -25.87
N MET B 229 -12.53 -9.35 -27.05
CA MET B 229 -12.89 -8.02 -27.53
C MET B 229 -13.88 -7.34 -26.58
N GLU B 230 -14.86 -8.10 -26.03
CA GLU B 230 -15.87 -7.53 -25.14
C GLU B 230 -15.23 -7.08 -23.84
N ALA B 231 -14.36 -7.92 -23.25
CA ALA B 231 -13.76 -7.66 -21.94
C ALA B 231 -12.95 -6.38 -21.98
N VAL B 232 -12.12 -6.25 -23.03
CA VAL B 232 -11.17 -5.15 -23.11
C VAL B 232 -11.91 -3.84 -23.41
N SER B 233 -12.86 -3.85 -24.35
CA SER B 233 -13.55 -2.60 -24.67
C SER B 233 -14.45 -2.18 -23.51
N SER B 234 -15.02 -3.18 -22.84
CA SER B 234 -15.90 -2.94 -21.72
C SER B 234 -15.11 -2.34 -20.56
N LYS B 235 -13.89 -2.81 -20.32
CA LYS B 235 -13.08 -2.31 -19.21
C LYS B 235 -12.43 -0.97 -19.56
N TYR B 236 -11.89 -0.84 -20.77
CA TYR B 236 -11.09 0.34 -21.08
C TYR B 236 -11.84 1.34 -21.96
N GLY B 237 -13.08 0.99 -22.34
CA GLY B 237 -13.92 1.91 -23.11
C GLY B 237 -13.77 1.65 -24.61
N MET B 238 -14.80 2.04 -25.37
CA MET B 238 -14.83 1.74 -26.79
C MET B 238 -13.74 2.51 -27.54
N ASN B 239 -13.15 3.52 -26.91
CA ASN B 239 -12.17 4.34 -27.60
C ASN B 239 -10.79 3.68 -27.60
N CYS B 240 -10.62 2.62 -26.79
CA CYS B 240 -9.34 1.96 -26.68
C CYS B 240 -9.01 1.24 -27.99
N LEU B 241 -7.85 1.58 -28.56
CA LEU B 241 -7.34 0.96 -29.77
C LEU B 241 -6.92 -0.48 -29.48
N ILE B 242 -7.33 -1.41 -30.34
CA ILE B 242 -6.96 -2.82 -30.31
C ILE B 242 -6.31 -3.17 -31.65
N GLN B 243 -4.99 -3.39 -31.64
CA GLN B 243 -4.24 -3.72 -32.85
C GLN B 243 -3.83 -5.19 -32.84
N PHE B 244 -4.23 -5.93 -33.88
CA PHE B 244 -3.87 -7.33 -34.02
C PHE B 244 -2.51 -7.42 -34.73
N GLU B 245 -1.67 -8.35 -34.26
CA GLU B 245 -0.37 -8.56 -34.89
C GLU B 245 -0.09 -10.05 -34.91
N ASP B 246 0.49 -10.50 -36.02
CA ASP B 246 1.16 -11.79 -36.13
C ASP B 246 0.21 -12.95 -35.82
N PHE B 247 -1.05 -12.81 -36.26
CA PHE B 247 -1.95 -13.96 -36.34
C PHE B 247 -1.71 -14.62 -37.69
N ALA B 248 -2.16 -15.88 -37.84
CA ALA B 248 -2.20 -16.57 -39.11
C ALA B 248 -3.14 -15.82 -40.07
N ASN B 249 -2.82 -15.85 -41.37
CA ASN B 249 -3.52 -15.05 -42.38
C ASN B 249 -5.03 -15.18 -42.25
N VAL B 250 -5.54 -16.43 -42.32
CA VAL B 250 -6.98 -16.68 -42.37
C VAL B 250 -7.64 -16.05 -41.15
N ASN B 251 -7.02 -16.28 -39.99
CA ASN B 251 -7.43 -15.65 -38.75
C ASN B 251 -7.33 -14.13 -38.81
N ALA B 252 -6.18 -13.59 -39.24
CA ALA B 252 -6.01 -12.14 -39.27
C ALA B 252 -7.11 -11.51 -40.09
N PHE B 253 -7.42 -12.10 -41.25
CA PHE B 253 -8.37 -11.51 -42.16
C PHE B 253 -9.78 -11.58 -41.55
N ARG B 254 -10.16 -12.78 -41.10
CA ARG B 254 -11.48 -13.00 -40.53
C ARG B 254 -11.71 -12.07 -39.34
N LEU B 255 -10.74 -12.03 -38.41
CA LEU B 255 -10.91 -11.25 -37.20
C LEU B 255 -10.99 -9.75 -37.55
N LEU B 256 -10.15 -9.29 -38.49
CA LEU B 256 -10.23 -7.89 -38.86
C LEU B 256 -11.61 -7.57 -39.44
N ASN B 257 -12.18 -8.48 -40.23
CA ASN B 257 -13.45 -8.15 -40.91
C ASN B 257 -14.60 -8.22 -39.91
N LYS B 258 -14.52 -9.17 -38.98
CA LYS B 258 -15.58 -9.35 -38.00
C LYS B 258 -15.71 -8.13 -37.09
N TYR B 259 -14.58 -7.50 -36.75
CA TYR B 259 -14.56 -6.54 -35.65
C TYR B 259 -14.40 -5.10 -36.12
N ARG B 260 -13.86 -4.88 -37.34
CA ARG B 260 -13.39 -3.55 -37.69
C ARG B 260 -14.51 -2.52 -37.68
N ASN B 261 -15.75 -2.97 -37.86
CA ASN B 261 -16.87 -2.05 -38.02
C ASN B 261 -17.50 -1.72 -36.67
N GLN B 262 -17.08 -2.43 -35.61
CA GLN B 262 -17.72 -2.20 -34.32
C GLN B 262 -16.70 -1.87 -33.22
N TYR B 263 -15.43 -2.25 -33.42
CA TYR B 263 -14.41 -1.91 -32.46
C TYR B 263 -13.37 -0.98 -33.08
N CYS B 264 -12.62 -0.31 -32.20
CA CYS B 264 -11.55 0.57 -32.65
C CYS B 264 -10.31 -0.28 -32.89
N THR B 265 -10.21 -0.86 -34.10
CA THR B 265 -9.28 -1.95 -34.30
C THR B 265 -8.70 -1.96 -35.72
N PHE B 266 -7.45 -2.44 -35.83
CA PHE B 266 -6.81 -2.62 -37.10
C PHE B 266 -5.80 -3.75 -36.98
N ASN B 267 -5.38 -4.24 -38.14
CA ASN B 267 -4.35 -5.26 -38.19
C ASN B 267 -3.16 -4.69 -38.96
N ASP B 268 -2.00 -4.58 -38.29
CA ASP B 268 -0.90 -3.84 -38.88
C ASP B 268 -0.25 -4.63 -40.02
N ASP B 269 -0.24 -5.97 -39.90
CA ASP B 269 0.38 -6.80 -40.93
C ASP B 269 -0.38 -6.64 -42.25
N ILE B 270 -1.68 -6.34 -42.16
CA ILE B 270 -2.51 -6.23 -43.35
C ILE B 270 -2.51 -4.79 -43.83
N GLN B 271 -3.01 -3.90 -42.96
CA GLN B 271 -3.40 -2.55 -43.35
C GLN B 271 -2.20 -1.61 -43.32
N GLY B 272 -1.26 -1.85 -42.37
CA GLY B 272 -0.10 -1.00 -42.19
C GLY B 272 0.92 -1.21 -43.32
N THR B 273 1.10 -2.49 -43.67
CA THR B 273 1.89 -2.90 -44.81
C THR B 273 1.35 -2.27 -46.10
N ALA B 274 0.02 -2.29 -46.29
CA ALA B 274 -0.59 -1.74 -47.50
C ALA B 274 -0.26 -0.25 -47.58
N SER B 275 -0.38 0.39 -46.42
CA SER B 275 -0.15 1.81 -46.26
C SER B 275 1.28 2.18 -46.64
N VAL B 276 2.29 1.47 -46.13
CA VAL B 276 3.65 1.97 -46.30
C VAL B 276 4.09 1.65 -47.73
N ALA B 277 3.59 0.54 -48.30
CA ALA B 277 3.88 0.20 -49.69
C ALA B 277 3.32 1.28 -50.62
N VAL B 278 2.05 1.66 -50.40
CA VAL B 278 1.41 2.70 -51.19
C VAL B 278 2.15 4.04 -51.00
N ALA B 279 2.63 4.33 -49.78
CA ALA B 279 3.40 5.55 -49.58
C ALA B 279 4.60 5.59 -50.54
N GLY B 280 5.30 4.45 -50.66
CA GLY B 280 6.45 4.31 -51.52
C GLY B 280 6.09 4.50 -52.99
N LEU B 281 4.96 3.91 -53.40
CA LEU B 281 4.51 4.04 -54.77
C LEU B 281 4.21 5.48 -55.14
N LEU B 282 3.51 6.17 -54.23
CA LEU B 282 3.15 7.58 -54.38
C LEU B 282 4.40 8.45 -54.43
N ALA B 283 5.45 8.08 -53.70
CA ALA B 283 6.67 8.87 -53.67
C ALA B 283 7.35 8.68 -55.03
N ALA B 284 7.37 7.42 -55.48
CA ALA B 284 7.95 7.05 -56.77
C ALA B 284 7.30 7.81 -57.92
N LEU B 285 6.02 8.19 -57.77
CA LEU B 285 5.26 8.80 -58.85
C LEU B 285 5.83 10.19 -59.16
N ARG B 286 6.50 10.77 -58.16
CA ARG B 286 7.08 12.09 -58.32
C ARG B 286 8.41 12.00 -59.08
N ILE B 287 8.92 10.78 -59.29
CA ILE B 287 10.08 10.58 -60.15
C ILE B 287 9.63 10.19 -61.57
N THR B 288 8.73 9.22 -61.69
CA THR B 288 8.21 8.80 -62.98
C THR B 288 7.36 9.92 -63.60
N LYS B 289 6.90 10.87 -62.75
CA LYS B 289 6.17 12.08 -63.11
C LYS B 289 4.86 11.77 -63.84
N ASN B 290 4.15 10.72 -63.39
CA ASN B 290 2.88 10.33 -63.97
C ASN B 290 1.94 9.88 -62.86
N LYS B 291 0.79 9.30 -63.24
CA LYS B 291 -0.28 9.01 -62.28
C LYS B 291 -0.24 7.53 -61.92
N LEU B 292 -0.90 7.18 -60.81
CA LEU B 292 -1.12 5.77 -60.47
C LEU B 292 -1.85 5.07 -61.60
N SER B 293 -2.78 5.78 -62.27
CA SER B 293 -3.58 5.30 -63.38
C SER B 293 -2.71 4.81 -64.53
N ASP B 294 -1.52 5.41 -64.65
CA ASP B 294 -0.60 5.14 -65.75
C ASP B 294 0.17 3.85 -65.53
N GLN B 295 0.05 3.27 -64.32
CA GLN B 295 0.90 2.14 -63.93
C GLN B 295 0.29 0.81 -64.35
N THR B 296 1.18 -0.17 -64.58
CA THR B 296 0.85 -1.58 -64.61
C THR B 296 1.66 -2.30 -63.51
N ILE B 297 0.96 -2.83 -62.49
CA ILE B 297 1.61 -3.39 -61.30
C ILE B 297 1.58 -4.91 -61.33
N LEU B 298 2.75 -5.54 -61.21
CA LEU B 298 2.77 -6.99 -61.05
C LEU B 298 3.33 -7.32 -59.66
N PHE B 299 2.60 -8.16 -58.92
CA PHE B 299 3.03 -8.68 -57.62
C PHE B 299 3.62 -10.08 -57.78
N GLN B 300 4.88 -10.18 -57.33
CA GLN B 300 5.57 -11.42 -57.07
C GLN B 300 5.13 -11.85 -55.68
N GLY B 301 4.18 -12.80 -55.64
CA GLY B 301 3.50 -13.22 -54.41
C GLY B 301 2.03 -12.82 -54.44
N ALA B 302 1.18 -13.53 -53.68
CA ALA B 302 -0.23 -13.18 -53.71
C ALA B 302 -0.85 -13.49 -52.36
N GLY B 303 -0.05 -13.25 -51.31
CA GLY B 303 -0.38 -13.58 -49.94
C GLY B 303 -0.93 -12.37 -49.20
N GLU B 304 -0.62 -12.29 -47.90
CA GLU B 304 -1.23 -11.28 -47.06
C GLU B 304 -0.79 -9.89 -47.48
N ALA B 305 0.51 -9.74 -47.75
CA ALA B 305 1.03 -8.44 -48.13
C ALA B 305 0.47 -8.05 -49.50
N ALA B 306 0.53 -9.00 -50.45
CA ALA B 306 0.10 -8.72 -51.80
C ALA B 306 -1.34 -8.22 -51.83
N LEU B 307 -2.24 -8.91 -51.14
CA LEU B 307 -3.67 -8.62 -51.23
C LEU B 307 -4.00 -7.33 -50.50
N GLY B 308 -3.31 -7.11 -49.37
CA GLY B 308 -3.43 -5.86 -48.65
C GLY B 308 -3.02 -4.66 -49.49
N ILE B 309 -1.80 -4.69 -50.04
CA ILE B 309 -1.27 -3.62 -50.89
C ILE B 309 -2.20 -3.39 -52.10
N ALA B 310 -2.50 -4.48 -52.81
CA ALA B 310 -3.39 -4.45 -53.96
C ALA B 310 -4.70 -3.76 -53.59
N HIS B 311 -5.34 -4.21 -52.49
CA HIS B 311 -6.58 -3.61 -52.07
C HIS B 311 -6.42 -2.09 -52.00
N LEU B 312 -5.37 -1.62 -51.31
CA LEU B 312 -5.23 -0.18 -51.06
C LEU B 312 -4.88 0.57 -52.34
N ILE B 313 -4.07 -0.04 -53.22
CA ILE B 313 -3.79 0.60 -54.50
C ILE B 313 -5.11 0.88 -55.23
N VAL B 314 -5.99 -0.14 -55.27
CA VAL B 314 -7.24 -0.02 -55.99
C VAL B 314 -8.03 1.20 -55.51
N MET B 315 -8.05 1.44 -54.21
CA MET B 315 -8.76 2.59 -53.68
C MET B 315 -8.07 3.87 -54.10
N ALA B 316 -6.73 3.89 -54.09
CA ALA B 316 -5.99 5.05 -54.57
C ALA B 316 -6.35 5.34 -56.03
N LEU B 317 -6.55 4.28 -56.83
CA LEU B 317 -6.97 4.38 -58.22
C LEU B 317 -8.38 4.95 -58.31
N GLU B 318 -9.28 4.36 -57.53
CA GLU B 318 -10.64 4.87 -57.40
C GLU B 318 -10.58 6.37 -57.05
N LYS B 319 -9.67 6.74 -56.16
CA LYS B 319 -9.59 8.11 -55.66
C LYS B 319 -9.15 9.03 -56.81
N GLU B 320 -8.37 8.48 -57.75
CA GLU B 320 -7.93 9.23 -58.92
C GLU B 320 -9.10 9.46 -59.87
N GLY B 321 -10.10 8.57 -59.83
CA GLY B 321 -11.33 8.74 -60.60
C GLY B 321 -11.60 7.56 -61.53
N LEU B 322 -10.94 6.43 -61.27
CA LEU B 322 -11.03 5.24 -62.09
C LEU B 322 -12.07 4.32 -61.45
N PRO B 323 -13.07 3.78 -62.20
CA PRO B 323 -14.04 2.84 -61.61
C PRO B 323 -13.34 1.57 -61.15
N LYS B 324 -13.99 0.84 -60.24
CA LYS B 324 -13.36 -0.26 -59.54
C LYS B 324 -12.82 -1.30 -60.51
N GLU B 325 -13.58 -1.59 -61.57
CA GLU B 325 -13.24 -2.69 -62.45
C GLU B 325 -12.08 -2.30 -63.40
N LYS B 326 -11.96 -1.01 -63.76
CA LYS B 326 -10.78 -0.53 -64.49
C LYS B 326 -9.57 -0.59 -63.55
N ALA B 327 -9.77 -0.07 -62.34
CA ALA B 327 -8.79 -0.06 -61.26
C ALA B 327 -8.12 -1.42 -61.13
N ILE B 328 -8.95 -2.47 -60.97
CA ILE B 328 -8.54 -3.83 -60.67
C ILE B 328 -7.68 -4.40 -61.81
N LYS B 329 -7.97 -4.02 -63.06
CA LYS B 329 -7.32 -4.65 -64.21
C LYS B 329 -5.87 -4.16 -64.35
N LYS B 330 -5.48 -3.19 -63.54
CA LYS B 330 -4.12 -2.66 -63.54
C LYS B 330 -3.17 -3.50 -62.68
N ILE B 331 -3.66 -4.54 -61.99
CA ILE B 331 -2.89 -5.29 -61.00
C ILE B 331 -2.93 -6.79 -61.33
N TRP B 332 -1.74 -7.40 -61.50
CA TRP B 332 -1.58 -8.83 -61.72
C TRP B 332 -0.88 -9.42 -60.49
N LEU B 333 -1.27 -10.65 -60.09
CA LEU B 333 -0.62 -11.41 -59.03
C LEU B 333 -0.04 -12.70 -59.60
N VAL B 334 1.03 -13.18 -58.97
CA VAL B 334 1.68 -14.46 -59.21
C VAL B 334 1.81 -15.13 -57.85
N ASP B 335 1.27 -16.35 -57.69
CA ASP B 335 1.52 -17.11 -56.47
C ASP B 335 2.49 -18.25 -56.80
N SER B 336 2.57 -19.23 -55.89
CA SER B 336 3.50 -20.35 -56.04
C SER B 336 3.16 -21.23 -57.24
N LYS B 337 1.94 -21.11 -57.78
CA LYS B 337 1.58 -21.97 -58.90
C LYS B 337 1.66 -21.19 -60.19
N GLY B 338 1.95 -19.88 -60.07
CA GLY B 338 2.13 -19.04 -61.25
C GLY B 338 1.12 -17.90 -61.29
N LEU B 339 0.91 -17.34 -62.48
CA LEU B 339 0.07 -16.16 -62.64
C LEU B 339 -1.37 -16.50 -62.25
N ILE B 340 -2.09 -15.50 -61.73
CA ILE B 340 -3.47 -15.64 -61.35
C ILE B 340 -4.33 -15.19 -62.53
N VAL B 341 -4.97 -16.18 -63.19
CA VAL B 341 -5.78 -16.02 -64.38
C VAL B 341 -7.17 -16.61 -64.12
N LYS B 342 -8.17 -16.06 -64.84
CA LYS B 342 -9.54 -16.54 -64.75
C LYS B 342 -9.57 -18.05 -64.96
N GLY B 343 -10.17 -18.76 -64.00
CA GLY B 343 -10.44 -20.19 -64.13
C GLY B 343 -9.21 -21.08 -63.96
N ARG B 344 -8.15 -20.57 -63.33
CA ARG B 344 -7.02 -21.42 -62.97
C ARG B 344 -7.40 -22.29 -61.76
N ALA B 345 -6.76 -23.46 -61.63
CA ALA B 345 -6.90 -24.27 -60.42
C ALA B 345 -6.27 -23.54 -59.22
N SER B 346 -6.47 -24.12 -58.01
CA SER B 346 -6.17 -23.55 -56.70
C SER B 346 -6.17 -22.02 -56.68
N LEU B 347 -7.37 -21.43 -56.72
CA LEU B 347 -7.54 -20.02 -56.46
C LEU B 347 -8.33 -19.86 -55.17
N THR B 348 -8.17 -18.72 -54.49
CA THR B 348 -8.98 -18.40 -53.33
C THR B 348 -9.94 -17.29 -53.74
N GLN B 349 -10.88 -16.96 -52.84
CA GLN B 349 -11.87 -15.92 -53.07
C GLN B 349 -11.17 -14.56 -53.19
N GLU B 350 -10.02 -14.43 -52.51
CA GLU B 350 -9.31 -13.17 -52.48
C GLU B 350 -8.51 -13.02 -53.77
N LYS B 351 -7.94 -14.16 -54.23
CA LYS B 351 -7.12 -14.14 -55.43
C LYS B 351 -8.01 -13.90 -56.64
N GLU B 352 -9.22 -14.48 -56.59
CA GLU B 352 -10.23 -14.40 -57.64
C GLU B 352 -10.43 -12.96 -58.13
N LYS B 353 -10.42 -12.00 -57.23
CA LYS B 353 -10.67 -10.62 -57.59
C LYS B 353 -9.69 -10.14 -58.66
N PHE B 354 -8.54 -10.80 -58.81
CA PHE B 354 -7.47 -10.36 -59.70
C PHE B 354 -7.19 -11.43 -60.79
N ALA B 355 -8.15 -12.35 -61.00
CA ALA B 355 -8.01 -13.41 -61.98
C ALA B 355 -8.58 -12.95 -63.32
N HIS B 356 -7.80 -12.14 -64.05
CA HIS B 356 -8.22 -11.65 -65.36
C HIS B 356 -8.09 -12.77 -66.40
N GLU B 357 -8.83 -12.61 -67.50
CA GLU B 357 -8.80 -13.55 -68.60
C GLU B 357 -7.42 -13.53 -69.24
N HIS B 358 -6.78 -14.69 -69.35
CA HIS B 358 -5.42 -14.76 -69.85
C HIS B 358 -4.92 -16.20 -69.80
N GLU B 359 -4.01 -16.50 -70.74
CA GLU B 359 -3.18 -17.70 -70.78
C GLU B 359 -2.49 -17.93 -69.43
N GLU B 360 -2.47 -19.20 -68.99
CA GLU B 360 -1.77 -19.56 -67.76
C GLU B 360 -0.26 -19.51 -67.99
N MET B 361 0.48 -19.01 -66.99
CA MET B 361 1.94 -18.93 -67.06
C MET B 361 2.53 -19.23 -65.69
N LYS B 362 3.71 -19.86 -65.67
CA LYS B 362 4.37 -20.30 -64.46
C LYS B 362 5.66 -19.52 -64.24
N ASN B 363 6.36 -19.20 -65.34
CA ASN B 363 7.71 -18.63 -65.36
C ASN B 363 7.62 -17.11 -65.20
N LEU B 364 8.24 -16.57 -64.13
CA LEU B 364 8.10 -15.15 -63.84
C LEU B 364 8.77 -14.30 -64.93
N GLU B 365 9.89 -14.76 -65.51
CA GLU B 365 10.56 -14.05 -66.61
C GLU B 365 9.60 -13.80 -67.77
N ALA B 366 8.92 -14.88 -68.18
CA ALA B 366 7.93 -14.85 -69.25
C ALA B 366 6.75 -14.02 -68.80
N ILE B 367 6.42 -14.08 -67.50
CA ILE B 367 5.32 -13.27 -67.02
C ILE B 367 5.64 -11.79 -67.17
N VAL B 368 6.89 -11.42 -66.82
CA VAL B 368 7.32 -10.03 -66.90
C VAL B 368 7.28 -9.59 -68.37
N GLN B 369 7.83 -10.42 -69.26
CA GLN B 369 7.90 -10.10 -70.69
C GLN B 369 6.49 -9.91 -71.26
N GLU B 370 5.54 -10.72 -70.80
CA GLU B 370 4.16 -10.66 -71.25
C GLU B 370 3.45 -9.45 -70.66
N ILE B 371 3.56 -9.23 -69.36
CA ILE B 371 2.71 -8.23 -68.72
C ILE B 371 3.29 -6.84 -68.99
N LYS B 372 4.62 -6.77 -69.06
CA LYS B 372 5.37 -5.53 -69.16
C LYS B 372 4.94 -4.56 -68.05
N PRO B 373 5.17 -4.85 -66.75
CA PRO B 373 4.73 -3.93 -65.71
C PRO B 373 5.58 -2.65 -65.69
N THR B 374 5.00 -1.57 -65.15
CA THR B 374 5.74 -0.37 -64.81
C THR B 374 6.26 -0.45 -63.37
N ALA B 375 5.60 -1.30 -62.55
CA ALA B 375 5.94 -1.49 -61.14
C ALA B 375 5.85 -2.98 -60.77
N LEU B 376 6.95 -3.47 -60.21
CA LEU B 376 7.15 -4.86 -59.85
C LEU B 376 7.39 -4.93 -58.34
N ILE B 377 6.50 -5.63 -57.60
CA ILE B 377 6.53 -5.62 -56.15
C ILE B 377 6.75 -7.05 -55.65
N GLY B 378 7.88 -7.26 -54.96
CA GLY B 378 8.23 -8.56 -54.43
C GLY B 378 7.78 -8.74 -52.99
N VAL B 379 6.79 -9.65 -52.79
CA VAL B 379 6.27 -10.01 -51.48
C VAL B 379 5.97 -11.51 -51.49
N ALA B 380 6.95 -12.29 -51.94
CA ALA B 380 6.83 -13.73 -52.03
C ALA B 380 7.83 -14.49 -51.15
N ALA B 381 8.87 -13.82 -50.59
CA ALA B 381 9.85 -14.48 -49.72
C ALA B 381 10.73 -15.51 -50.42
N ILE B 382 10.92 -15.37 -51.74
CA ILE B 382 11.87 -16.21 -52.47
C ILE B 382 13.01 -15.29 -52.92
N GLY B 383 14.19 -15.47 -52.30
CA GLY B 383 15.34 -14.61 -52.56
C GLY B 383 15.77 -14.74 -54.01
N GLY B 384 16.09 -13.61 -54.65
CA GLY B 384 16.71 -13.66 -55.97
C GLY B 384 15.69 -13.91 -57.09
N ALA B 385 14.39 -13.87 -56.76
CA ALA B 385 13.35 -14.04 -57.76
C ALA B 385 13.40 -12.96 -58.85
N PHE B 386 13.88 -11.74 -58.55
CA PHE B 386 14.05 -10.77 -59.62
C PHE B 386 15.43 -10.99 -60.25
N SER B 387 15.49 -11.95 -61.17
CA SER B 387 16.74 -12.33 -61.82
C SER B 387 17.25 -11.19 -62.68
N GLU B 388 18.48 -11.35 -63.17
CA GLU B 388 19.09 -10.45 -64.14
C GLU B 388 18.14 -10.18 -65.32
N GLN B 389 17.50 -11.24 -65.83
CA GLN B 389 16.69 -11.13 -67.02
C GLN B 389 15.46 -10.25 -66.74
N ILE B 390 14.85 -10.43 -65.55
CA ILE B 390 13.70 -9.65 -65.12
C ILE B 390 14.11 -8.17 -65.09
N LEU B 391 15.25 -7.90 -64.46
CA LEU B 391 15.70 -6.52 -64.26
C LEU B 391 16.04 -5.86 -65.61
N LYS B 392 16.72 -6.56 -66.51
CA LYS B 392 17.01 -6.02 -67.83
C LYS B 392 15.70 -5.69 -68.53
N ASP B 393 14.77 -6.66 -68.50
CA ASP B 393 13.50 -6.52 -69.18
C ASP B 393 12.72 -5.35 -68.60
N MET B 394 12.84 -5.12 -67.28
CA MET B 394 12.09 -4.05 -66.65
C MET B 394 12.67 -2.71 -67.11
N ALA B 395 13.99 -2.66 -67.27
CA ALA B 395 14.66 -1.43 -67.65
C ALA B 395 14.50 -1.19 -69.16
N ALA B 396 14.15 -2.24 -69.92
CA ALA B 396 13.92 -2.12 -71.35
C ALA B 396 12.49 -1.64 -71.62
N PHE B 397 11.55 -2.00 -70.75
CA PHE B 397 10.16 -1.64 -71.01
C PHE B 397 9.86 -0.26 -70.42
N ASN B 398 10.68 0.17 -69.47
CA ASN B 398 10.40 1.39 -68.71
C ASN B 398 11.66 2.24 -68.62
N GLU B 399 11.48 3.55 -68.73
CA GLU B 399 12.51 4.55 -68.55
C GLU B 399 13.01 4.47 -67.10
N ARG B 400 12.07 4.53 -66.14
CA ARG B 400 12.35 4.42 -64.71
C ARG B 400 11.51 3.29 -64.09
N PRO B 401 11.93 2.00 -64.18
CA PRO B 401 11.15 0.89 -63.61
C PRO B 401 11.09 0.98 -62.08
N ILE B 402 9.88 0.84 -61.51
CA ILE B 402 9.70 0.77 -60.06
C ILE B 402 9.82 -0.69 -59.65
N ILE B 403 10.79 -0.94 -58.77
CA ILE B 403 11.12 -2.29 -58.30
C ILE B 403 11.23 -2.26 -56.77
N PHE B 404 10.29 -2.96 -56.11
CA PHE B 404 10.24 -3.09 -54.66
C PHE B 404 10.57 -4.53 -54.28
N ALA B 405 11.69 -4.73 -53.59
CA ALA B 405 12.00 -6.06 -53.07
C ALA B 405 11.69 -6.08 -51.57
N LEU B 406 10.44 -6.43 -51.20
CA LEU B 406 9.98 -6.15 -49.85
C LEU B 406 10.21 -7.35 -48.91
N SER B 407 10.61 -8.49 -49.48
CA SER B 407 10.80 -9.70 -48.68
C SER B 407 11.97 -9.55 -47.70
N ASN B 408 11.75 -9.90 -46.43
CA ASN B 408 12.70 -9.73 -45.32
C ASN B 408 13.18 -11.09 -44.81
N PRO B 409 14.44 -11.28 -44.34
CA PRO B 409 15.51 -10.28 -44.42
C PRO B 409 16.12 -10.24 -45.81
N THR B 410 17.29 -9.60 -45.94
CA THR B 410 17.85 -9.40 -47.27
C THR B 410 18.12 -10.74 -47.93
N SER B 411 18.31 -11.80 -47.15
CA SER B 411 18.62 -13.09 -47.76
C SER B 411 17.39 -13.61 -48.49
N LYS B 412 16.25 -12.93 -48.31
CA LYS B 412 14.97 -13.28 -48.91
C LYS B 412 14.55 -12.28 -49.99
N ALA B 413 15.23 -11.13 -50.11
CA ALA B 413 14.86 -10.04 -50.99
C ALA B 413 14.83 -10.54 -52.44
N GLU B 414 13.87 -10.05 -53.22
CA GLU B 414 13.73 -10.49 -54.60
C GLU B 414 15.02 -10.17 -55.37
N CYS B 415 15.66 -9.04 -55.05
CA CYS B 415 17.01 -8.74 -55.53
C CYS B 415 17.71 -7.82 -54.54
N SER B 416 19.03 -7.66 -54.72
CA SER B 416 19.72 -6.65 -53.93
C SER B 416 19.69 -5.30 -54.65
N ALA B 417 19.97 -4.22 -53.92
CA ALA B 417 20.03 -2.89 -54.49
C ALA B 417 21.15 -2.80 -55.52
N GLU B 418 22.28 -3.46 -55.20
CA GLU B 418 23.44 -3.56 -56.07
C GLU B 418 23.04 -4.13 -57.44
N GLN B 419 22.40 -5.31 -57.46
CA GLN B 419 22.02 -5.93 -58.71
C GLN B 419 20.97 -5.06 -59.41
N CYS B 420 20.06 -4.49 -58.63
CA CYS B 420 18.95 -3.73 -59.21
C CYS B 420 19.49 -2.55 -60.01
N TYR B 421 20.33 -1.73 -59.35
CA TYR B 421 20.94 -0.57 -59.96
C TYR B 421 21.92 -0.96 -61.07
N LYS B 422 22.67 -2.07 -60.88
CA LYS B 422 23.65 -2.43 -61.89
C LYS B 422 22.93 -2.79 -63.18
N ILE B 423 21.97 -3.72 -63.09
CA ILE B 423 21.32 -4.26 -64.28
C ILE B 423 20.46 -3.19 -64.94
N THR B 424 19.87 -2.29 -64.15
CA THR B 424 19.01 -1.30 -64.78
C THR B 424 19.82 -0.06 -65.12
N LYS B 425 21.16 -0.16 -65.09
CA LYS B 425 22.01 0.93 -65.52
C LYS B 425 21.63 2.18 -64.73
N GLY B 426 21.33 1.97 -63.44
CA GLY B 426 21.00 3.07 -62.54
C GLY B 426 19.65 3.70 -62.80
N ARG B 427 18.76 3.03 -63.56
CA ARG B 427 17.47 3.63 -63.90
C ARG B 427 16.35 3.22 -62.93
N ALA B 428 16.48 2.09 -62.25
CA ALA B 428 15.41 1.60 -61.39
C ALA B 428 15.14 2.57 -60.24
N ILE B 429 13.85 2.70 -59.89
CA ILE B 429 13.37 3.26 -58.63
C ILE B 429 13.16 2.11 -57.64
N PHE B 430 13.99 2.05 -56.58
CA PHE B 430 14.08 0.86 -55.76
C PHE B 430 13.78 1.18 -54.30
N ALA B 431 13.07 0.24 -53.66
CA ALA B 431 12.83 0.20 -52.24
C ALA B 431 12.87 -1.26 -51.78
N SER B 432 13.20 -1.48 -50.51
CA SER B 432 13.32 -2.84 -50.03
C SER B 432 12.56 -2.94 -48.73
N GLY B 433 12.41 -4.18 -48.24
CA GLY B 433 11.89 -4.44 -46.91
C GLY B 433 12.98 -4.29 -45.82
N SER B 434 14.15 -4.86 -46.10
CA SER B 434 15.26 -4.82 -45.15
C SER B 434 16.35 -3.90 -45.69
N PRO B 435 17.17 -3.27 -44.80
CA PRO B 435 18.15 -2.27 -45.22
C PRO B 435 19.21 -2.81 -46.18
N PHE B 436 19.44 -2.10 -47.29
CA PHE B 436 20.61 -2.29 -48.15
C PHE B 436 21.52 -1.07 -48.02
N ASP B 437 22.82 -1.27 -48.16
CA ASP B 437 23.74 -0.13 -48.08
C ASP B 437 23.55 0.76 -49.31
N PRO B 438 23.95 2.05 -49.23
CA PRO B 438 24.00 2.93 -50.40
C PRO B 438 24.79 2.29 -51.54
N VAL B 439 24.42 2.68 -52.76
CA VAL B 439 25.05 2.16 -53.98
C VAL B 439 25.52 3.34 -54.82
N THR B 440 26.81 3.32 -55.20
CA THR B 440 27.32 4.39 -56.04
C THR B 440 27.42 3.91 -57.50
N LEU B 441 26.79 4.66 -58.41
CA LEU B 441 26.80 4.37 -59.84
C LEU B 441 28.14 4.79 -60.45
N PRO B 442 28.46 4.36 -61.69
CA PRO B 442 29.77 4.63 -62.29
C PRO B 442 29.92 6.12 -62.57
N ASN B 443 28.81 6.87 -62.48
CA ASN B 443 28.89 8.32 -62.63
C ASN B 443 29.09 9.05 -61.29
N GLY B 444 29.37 8.30 -60.22
CA GLY B 444 29.73 8.90 -58.95
C GLY B 444 28.54 9.33 -58.09
N GLN B 445 27.31 9.17 -58.57
CA GLN B 445 26.14 9.42 -57.76
C GLN B 445 25.87 8.20 -56.89
N THR B 446 25.59 8.48 -55.62
CA THR B 446 25.26 7.47 -54.63
C THR B 446 23.74 7.48 -54.42
N LEU B 447 23.07 6.34 -54.65
CA LEU B 447 21.64 6.19 -54.40
C LEU B 447 21.46 5.53 -53.03
N TYR B 448 20.41 5.95 -52.29
CA TYR B 448 20.17 5.52 -50.92
C TYR B 448 18.79 4.86 -50.83
N PRO B 449 18.63 3.62 -51.32
CA PRO B 449 17.34 2.95 -51.27
C PRO B 449 16.81 2.86 -49.84
N GLY B 450 15.58 3.34 -49.62
CA GLY B 450 14.93 3.27 -48.30
C GLY B 450 14.22 1.93 -48.08
N GLN B 451 13.61 1.78 -46.88
CA GLN B 451 12.83 0.60 -46.55
C GLN B 451 11.37 0.97 -46.32
N GLY B 452 10.47 0.14 -46.84
CA GLY B 452 9.07 0.29 -46.53
C GLY B 452 8.77 -0.27 -45.14
N ASN B 453 9.39 0.36 -44.14
CA ASN B 453 9.31 -0.05 -42.75
C ASN B 453 7.91 0.28 -42.20
N ASN B 454 7.25 -0.70 -41.59
CA ASN B 454 5.88 -0.53 -41.11
C ASN B 454 5.79 0.56 -40.04
N SER B 455 6.93 0.85 -39.41
CA SER B 455 7.05 1.83 -38.36
C SER B 455 6.68 3.21 -38.85
N TYR B 456 6.77 3.45 -40.16
CA TYR B 456 6.38 4.75 -40.67
C TYR B 456 4.88 4.96 -40.48
N VAL B 457 4.10 3.86 -40.34
CA VAL B 457 2.64 3.92 -40.34
C VAL B 457 2.02 3.77 -38.94
N PHE B 458 2.23 2.62 -38.26
CA PHE B 458 1.45 2.28 -37.06
C PHE B 458 1.52 3.35 -35.95
N PRO B 459 2.69 3.96 -35.62
CA PRO B 459 2.76 4.93 -34.52
C PRO B 459 1.89 6.17 -34.71
N GLY B 460 2.03 6.82 -35.88
CA GLY B 460 1.22 7.97 -36.24
C GLY B 460 -0.29 7.67 -36.28
N VAL B 461 -0.66 6.51 -36.85
CA VAL B 461 -2.05 6.12 -36.97
C VAL B 461 -2.64 6.01 -35.57
N ALA B 462 -1.93 5.25 -34.70
CA ALA B 462 -2.40 5.02 -33.34
C ALA B 462 -2.59 6.34 -32.62
N LEU B 463 -1.55 7.19 -32.69
CA LEU B 463 -1.56 8.48 -32.02
C LEU B 463 -2.75 9.31 -32.53
N GLY B 464 -2.89 9.40 -33.85
CA GLY B 464 -4.03 10.08 -34.46
C GLY B 464 -5.37 9.58 -33.93
N VAL B 465 -5.64 8.28 -34.10
CA VAL B 465 -6.89 7.63 -33.78
C VAL B 465 -7.26 7.89 -32.32
N VAL B 466 -6.27 7.72 -31.44
CA VAL B 466 -6.49 7.91 -30.02
C VAL B 466 -6.71 9.38 -29.68
N ALA B 467 -5.89 10.26 -30.25
CA ALA B 467 -5.91 11.68 -29.86
C ALA B 467 -7.30 12.29 -30.08
N CYS B 468 -8.01 11.86 -31.13
CA CYS B 468 -9.27 12.50 -31.48
C CYS B 468 -10.47 11.60 -31.16
N GLY B 469 -10.21 10.38 -30.66
CA GLY B 469 -11.26 9.45 -30.28
C GLY B 469 -11.99 8.85 -31.48
N LEU B 470 -11.27 8.53 -32.56
CA LEU B 470 -11.87 7.89 -33.73
C LEU B 470 -12.40 6.54 -33.29
N ARG B 471 -13.67 6.23 -33.59
CA ARG B 471 -14.25 4.98 -33.11
C ARG B 471 -13.94 3.81 -34.04
N GLN B 472 -13.56 4.11 -35.28
CA GLN B 472 -13.39 3.13 -36.34
C GLN B 472 -12.17 3.50 -37.14
N ILE B 473 -11.53 2.52 -37.76
CA ILE B 473 -10.33 2.83 -38.53
C ILE B 473 -10.54 2.40 -39.99
N THR B 474 -10.88 3.39 -40.84
CA THR B 474 -11.33 3.14 -42.21
C THR B 474 -10.12 2.90 -43.12
N ASP B 475 -10.38 2.30 -44.29
CA ASP B 475 -9.36 2.15 -45.31
C ASP B 475 -8.77 3.52 -45.64
N ASN B 476 -9.61 4.54 -45.60
CA ASN B 476 -9.21 5.89 -45.94
C ASN B 476 -8.15 6.40 -44.98
N ILE B 477 -8.17 5.88 -43.75
CA ILE B 477 -7.17 6.27 -42.77
C ILE B 477 -5.80 5.90 -43.32
N PHE B 478 -5.72 4.70 -43.89
CA PHE B 478 -4.48 4.14 -44.39
C PHE B 478 -4.06 4.81 -45.69
N LEU B 479 -5.02 5.18 -46.56
CA LEU B 479 -4.65 5.83 -47.82
C LEU B 479 -4.13 7.22 -47.53
N THR B 480 -4.87 7.96 -46.70
CA THR B 480 -4.49 9.28 -46.24
C THR B 480 -3.09 9.25 -45.66
N THR B 481 -2.87 8.30 -44.74
CA THR B 481 -1.58 8.15 -44.10
C THR B 481 -0.45 7.98 -45.13
N ALA B 482 -0.67 7.14 -46.15
CA ALA B 482 0.29 6.91 -47.22
C ALA B 482 0.65 8.22 -47.92
N GLU B 483 -0.37 9.03 -48.24
CA GLU B 483 -0.15 10.32 -48.87
C GLU B 483 0.70 11.22 -47.97
N VAL B 484 0.49 11.16 -46.65
CA VAL B 484 1.23 12.01 -45.73
C VAL B 484 2.71 11.63 -45.73
N ILE B 485 2.98 10.31 -45.72
CA ILE B 485 4.36 9.85 -45.68
C ILE B 485 5.08 10.33 -46.94
N ALA B 486 4.50 10.05 -48.11
CA ALA B 486 5.10 10.44 -49.38
C ALA B 486 5.36 11.94 -49.41
N GLN B 487 4.47 12.70 -48.77
CA GLN B 487 4.58 14.15 -48.76
C GLN B 487 5.79 14.61 -47.97
N GLN B 488 6.28 13.79 -47.02
CA GLN B 488 7.44 14.14 -46.22
C GLN B 488 8.74 13.82 -46.97
N VAL B 489 8.62 13.15 -48.13
CA VAL B 489 9.81 12.90 -48.94
C VAL B 489 10.08 14.15 -49.77
N SER B 490 11.29 14.69 -49.66
CA SER B 490 11.64 15.91 -50.37
C SER B 490 12.12 15.59 -51.79
N ASP B 491 12.10 16.61 -52.66
CA ASP B 491 12.61 16.45 -54.01
C ASP B 491 14.06 15.95 -53.95
N LYS B 492 14.83 16.52 -53.03
CA LYS B 492 16.21 16.15 -52.75
C LYS B 492 16.34 14.64 -52.44
N HIS B 493 15.47 14.12 -51.58
CA HIS B 493 15.49 12.70 -51.24
C HIS B 493 15.23 11.86 -52.48
N LEU B 494 14.17 12.20 -53.22
CA LEU B 494 13.87 11.46 -54.42
C LEU B 494 15.07 11.45 -55.36
N GLU B 495 15.78 12.57 -55.44
CA GLU B 495 16.92 12.68 -56.35
C GLU B 495 18.06 11.77 -55.88
N GLU B 496 18.12 11.51 -54.57
CA GLU B 496 19.06 10.56 -53.97
C GLU B 496 18.51 9.13 -53.98
N GLY B 497 17.30 8.94 -54.52
CA GLY B 497 16.81 7.59 -54.74
C GLY B 497 16.01 7.00 -53.57
N ARG B 498 15.55 7.89 -52.66
CA ARG B 498 14.85 7.49 -51.44
C ARG B 498 13.36 7.74 -51.62
N LEU B 499 12.57 6.70 -51.31
CA LEU B 499 11.12 6.80 -51.47
C LEU B 499 10.43 6.97 -50.13
N TYR B 500 11.21 7.07 -49.03
CA TYR B 500 10.65 7.26 -47.70
C TYR B 500 11.48 8.29 -46.94
N PRO B 501 10.88 9.06 -46.00
CA PRO B 501 11.60 10.09 -45.27
C PRO B 501 12.64 9.39 -44.40
N PRO B 502 13.70 10.09 -43.96
CA PRO B 502 14.73 9.47 -43.12
C PRO B 502 14.14 8.84 -41.86
N LEU B 503 14.64 7.64 -41.50
CA LEU B 503 14.15 6.96 -40.30
C LEU B 503 14.35 7.81 -39.05
N ASN B 504 15.42 8.61 -39.03
CA ASN B 504 15.72 9.45 -37.86
C ASN B 504 14.68 10.57 -37.69
N THR B 505 13.80 10.77 -38.68
CA THR B 505 12.76 11.80 -38.53
C THR B 505 11.44 11.21 -38.00
N ILE B 506 11.42 9.93 -37.60
CA ILE B 506 10.15 9.18 -37.59
C ILE B 506 9.16 9.80 -36.62
N ARG B 507 9.68 10.42 -35.54
CA ARG B 507 8.85 11.15 -34.59
C ARG B 507 8.01 12.18 -35.33
N ASP B 508 8.66 12.89 -36.27
CA ASP B 508 8.01 13.98 -36.97
C ASP B 508 7.00 13.43 -37.97
N VAL B 509 7.40 12.42 -38.75
CA VAL B 509 6.48 11.76 -39.66
C VAL B 509 5.22 11.34 -38.91
N SER B 510 5.39 10.66 -37.75
CA SER B 510 4.26 10.23 -36.92
C SER B 510 3.37 11.43 -36.55
N LEU B 511 4.00 12.55 -36.17
CA LEU B 511 3.25 13.71 -35.74
C LEU B 511 2.36 14.16 -36.88
N LYS B 512 2.90 14.08 -38.11
CA LYS B 512 2.23 14.64 -39.26
C LYS B 512 1.08 13.72 -39.65
N ILE B 513 1.29 12.41 -39.47
CA ILE B 513 0.23 11.45 -39.78
C ILE B 513 -0.93 11.73 -38.84
N ALA B 514 -0.59 11.99 -37.57
CA ALA B 514 -1.62 12.14 -36.54
C ALA B 514 -2.38 13.45 -36.74
N GLU B 515 -1.63 14.53 -37.00
CA GLU B 515 -2.17 15.84 -37.35
C GLU B 515 -3.27 15.69 -38.40
N LYS B 516 -2.95 14.96 -39.48
CA LYS B 516 -3.84 14.83 -40.62
C LYS B 516 -5.14 14.09 -40.25
N ILE B 517 -5.01 12.91 -39.62
CA ILE B 517 -6.14 12.09 -39.16
C ILE B 517 -7.06 12.93 -38.27
N VAL B 518 -6.45 13.75 -37.39
CA VAL B 518 -7.15 14.56 -36.41
C VAL B 518 -7.90 15.69 -37.14
N LYS B 519 -7.15 16.45 -37.95
CA LYS B 519 -7.73 17.51 -38.76
C LYS B 519 -8.95 16.97 -39.50
N ASP B 520 -8.79 15.81 -40.13
CA ASP B 520 -9.84 15.16 -40.91
C ASP B 520 -11.04 14.82 -40.04
N ALA B 521 -10.79 14.40 -38.79
CA ALA B 521 -11.86 13.82 -37.98
C ALA B 521 -12.84 14.90 -37.53
N TYR B 522 -12.28 16.06 -37.16
CA TYR B 522 -13.09 17.21 -36.77
C TYR B 522 -13.90 17.70 -37.98
N GLN B 523 -13.25 17.74 -39.15
CA GLN B 523 -13.86 18.22 -40.37
C GLN B 523 -15.00 17.31 -40.82
N GLU B 524 -14.88 15.99 -40.65
CA GLU B 524 -15.97 15.13 -41.08
C GLU B 524 -16.79 14.64 -39.89
N LYS B 525 -16.52 15.26 -38.73
CA LYS B 525 -17.25 15.01 -37.48
C LYS B 525 -17.24 13.51 -37.17
N THR B 526 -16.04 12.93 -37.12
CA THR B 526 -15.88 11.53 -36.72
C THR B 526 -15.15 11.49 -35.38
N ALA B 527 -14.53 12.63 -35.03
CA ALA B 527 -13.87 12.77 -33.75
C ALA B 527 -14.90 12.63 -32.64
N THR B 528 -14.46 12.16 -31.46
CA THR B 528 -15.32 12.05 -30.29
C THR B 528 -14.80 12.88 -29.12
N VAL B 529 -13.61 13.48 -29.23
CA VAL B 529 -13.03 14.30 -28.16
C VAL B 529 -13.45 15.76 -28.35
N TYR B 530 -14.27 16.29 -27.44
CA TYR B 530 -14.67 17.69 -27.49
C TYR B 530 -14.31 18.39 -26.18
N PRO B 531 -14.12 19.72 -26.17
CA PRO B 531 -14.35 20.56 -27.34
C PRO B 531 -13.24 20.44 -28.40
N GLU B 532 -13.60 20.74 -29.66
CA GLU B 532 -12.67 20.79 -30.76
C GLU B 532 -11.50 21.67 -30.37
N PRO B 533 -10.23 21.22 -30.55
CA PRO B 533 -9.07 22.06 -30.26
C PRO B 533 -8.93 23.24 -31.23
N GLN B 534 -8.53 24.36 -30.66
CA GLN B 534 -8.07 25.54 -31.38
C GLN B 534 -7.12 25.08 -32.50
N ASN B 535 -5.94 24.62 -32.09
CA ASN B 535 -4.84 24.34 -33.00
C ASN B 535 -4.53 22.84 -32.97
N LYS B 536 -4.64 22.19 -34.13
CA LYS B 536 -4.62 20.73 -34.16
C LYS B 536 -3.22 20.17 -33.92
N GLU B 537 -2.20 20.88 -34.44
CA GLU B 537 -0.80 20.57 -34.23
C GLU B 537 -0.51 20.55 -32.73
N ALA B 538 -0.78 21.69 -32.06
CA ALA B 538 -0.50 21.87 -30.64
C ALA B 538 -1.20 20.82 -29.79
N PHE B 539 -2.37 20.35 -30.26
CA PHE B 539 -3.23 19.46 -29.48
C PHE B 539 -2.66 18.04 -29.51
N VAL B 540 -2.33 17.58 -30.72
CA VAL B 540 -1.63 16.33 -30.90
C VAL B 540 -0.32 16.35 -30.10
N ARG B 541 0.45 17.44 -30.22
CA ARG B 541 1.71 17.52 -29.50
C ARG B 541 1.51 17.32 -28.00
N SER B 542 0.38 17.82 -27.47
CA SER B 542 0.13 17.81 -26.04
C SER B 542 -0.20 16.40 -25.57
N GLN B 543 -0.58 15.51 -26.49
CA GLN B 543 -0.96 14.15 -26.19
C GLN B 543 0.27 13.25 -26.28
N MET B 544 1.41 13.80 -26.68
CA MET B 544 2.55 12.95 -26.94
C MET B 544 3.40 12.80 -25.68
N TYR B 545 3.83 11.55 -25.41
CA TYR B 545 4.69 11.23 -24.27
C TYR B 545 6.06 11.85 -24.48
N SER B 546 6.55 12.56 -23.46
CA SER B 546 7.92 13.06 -23.47
C SER B 546 8.83 12.07 -22.74
N THR B 547 10.13 12.08 -23.10
CA THR B 547 11.13 11.28 -22.40
C THR B 547 11.69 12.04 -21.19
N ASP B 548 11.29 13.31 -21.01
CA ASP B 548 11.75 14.02 -19.83
C ASP B 548 11.04 13.39 -18.62
N TYR B 549 11.75 13.33 -17.48
CA TYR B 549 11.13 12.89 -16.24
C TYR B 549 10.03 13.88 -15.82
N ASP B 550 8.90 13.32 -15.36
CA ASP B 550 7.86 14.07 -14.68
C ASP B 550 8.36 14.53 -13.31
N GLN B 551 7.70 15.55 -12.76
CA GLN B 551 7.91 15.85 -11.35
C GLN B 551 6.87 15.06 -10.57
N ILE B 552 7.25 14.48 -9.42
CA ILE B 552 6.33 13.61 -8.70
C ILE B 552 6.21 13.98 -7.22
N LEU B 553 7.04 14.94 -6.81
CA LEU B 553 6.98 15.64 -5.52
C LEU B 553 5.62 16.28 -5.30
N PRO B 554 5.16 16.35 -4.03
CA PRO B 554 3.89 16.99 -3.72
C PRO B 554 4.00 18.45 -4.17
N ASP B 555 2.87 19.01 -4.54
CA ASP B 555 2.81 20.43 -4.85
C ASP B 555 2.83 21.16 -3.52
N CYS B 556 3.89 21.95 -3.29
CA CYS B 556 4.01 22.65 -2.02
C CYS B 556 3.96 24.16 -2.26
N TYR B 557 3.12 24.86 -1.49
CA TYR B 557 2.85 26.26 -1.73
C TYR B 557 2.20 26.82 -0.46
N SER B 558 2.54 28.06 -0.12
CA SER B 558 2.09 28.61 1.14
C SER B 558 0.76 29.36 0.96
N TRP B 559 0.11 29.65 2.09
CA TRP B 559 -1.07 30.48 2.20
C TRP B 559 -0.65 31.74 2.95
N PRO B 560 -1.40 32.87 2.87
CA PRO B 560 -1.10 34.04 3.72
C PRO B 560 -1.02 33.65 5.19
N GLU B 561 -0.13 34.31 5.95
CA GLU B 561 0.23 33.86 7.30
C GLU B 561 -0.99 33.85 8.21
N GLU B 562 -1.96 34.73 7.93
CA GLU B 562 -3.11 34.93 8.79
C GLU B 562 -3.96 33.66 8.88
N VAL B 563 -4.15 33.00 7.72
CA VAL B 563 -5.00 31.83 7.62
C VAL B 563 -4.18 30.53 7.63
N GLN B 564 -2.85 30.63 7.71
CA GLN B 564 -1.99 29.45 7.72
C GLN B 564 -1.61 29.12 9.16
N LYS B 565 -1.74 30.10 10.05
CA LYS B 565 -1.34 30.02 11.44
C LYS B 565 -2.05 28.86 12.13
N ILE B 566 -1.39 28.25 13.13
CA ILE B 566 -2.04 27.31 14.02
C ILE B 566 -2.79 28.10 15.08
N GLN B 567 -4.12 28.00 15.08
CA GLN B 567 -4.95 28.71 16.04
C GLN B 567 -4.80 28.06 17.41
N THR B 568 -4.72 28.92 18.43
CA THR B 568 -4.61 28.57 19.84
C THR B 568 -5.67 29.35 20.63
N LYS B 569 -5.67 29.18 21.95
CA LYS B 569 -6.11 30.20 22.89
C LYS B 569 -5.67 29.79 24.30
N PRO C 6 10.31 17.08 19.83
CA PRO C 6 9.33 16.01 19.58
C PRO C 6 9.99 14.73 19.05
N ARG C 7 9.26 13.61 19.10
CA ARG C 7 9.77 12.36 18.55
C ARG C 7 9.37 12.24 17.08
N ARG C 8 10.26 11.65 16.26
CA ARG C 8 10.04 11.56 14.83
C ARG C 8 9.72 10.12 14.42
N ARG C 9 8.57 9.93 13.79
CA ARG C 9 8.22 8.64 13.23
C ARG C 9 7.92 8.84 11.74
N HIS C 10 8.83 8.38 10.88
CA HIS C 10 8.72 8.64 9.44
C HIS C 10 7.81 7.60 8.82
N THR C 11 6.62 8.04 8.39
CA THR C 11 5.66 7.15 7.75
C THR C 11 5.89 7.13 6.25
N HIS C 12 5.65 5.96 5.65
CA HIS C 12 5.58 5.83 4.20
C HIS C 12 4.14 5.96 3.73
N GLN C 13 3.18 6.02 4.66
CA GLN C 13 1.77 6.17 4.29
C GLN C 13 1.53 7.58 3.75
N ARG C 14 0.69 7.69 2.72
CA ARG C 14 0.30 8.98 2.14
C ARG C 14 -1.19 8.95 1.81
N GLY C 15 -1.76 10.15 1.68
CA GLY C 15 -3.10 10.33 1.13
C GLY C 15 -4.18 9.78 2.06
N TYR C 16 -5.35 9.49 1.45
CA TYR C 16 -6.56 9.16 2.18
C TYR C 16 -6.30 8.10 3.27
N LEU C 17 -5.55 7.05 2.96
CA LEU C 17 -5.46 5.93 3.89
C LEU C 17 -4.66 6.31 5.15
N LEU C 18 -3.75 7.28 4.99
CA LEU C 18 -3.02 7.79 6.14
C LEU C 18 -3.99 8.33 7.18
N THR C 19 -5.01 9.08 6.74
CA THR C 19 -5.99 9.67 7.67
C THR C 19 -6.82 8.61 8.39
N ARG C 20 -6.84 7.37 7.88
CA ARG C 20 -7.65 6.30 8.46
C ARG C 20 -6.87 5.49 9.49
N ASN C 21 -5.59 5.89 9.71
CA ASN C 21 -4.77 5.27 10.71
C ASN C 21 -4.72 6.17 11.95
N PRO C 22 -5.33 5.76 13.08
CA PRO C 22 -5.53 6.66 14.23
C PRO C 22 -4.22 7.03 14.94
N HIS C 23 -3.13 6.29 14.68
CA HIS C 23 -1.80 6.63 15.18
C HIS C 23 -1.09 7.62 14.26
N LEU C 24 -1.58 7.78 13.02
CA LEU C 24 -1.00 8.75 12.11
C LEU C 24 -1.82 10.03 12.07
N ASN C 25 -3.15 9.92 12.15
CA ASN C 25 -4.08 11.01 11.91
C ASN C 25 -4.06 12.05 13.05
N LYS C 26 -3.90 13.33 12.68
CA LYS C 26 -3.91 14.47 13.59
C LYS C 26 -5.17 15.34 13.40
N ASP C 27 -6.08 14.95 12.49
CA ASP C 27 -7.20 15.82 12.14
C ASP C 27 -6.69 17.19 11.72
N LEU C 28 -7.33 18.22 12.29
CA LEU C 28 -7.03 19.62 11.99
C LEU C 28 -5.69 20.10 12.56
N ALA C 29 -4.97 19.28 13.34
CA ALA C 29 -3.65 19.67 13.81
C ALA C 29 -2.55 19.45 12.75
N PHE C 30 -2.88 18.83 11.60
CA PHE C 30 -1.90 18.73 10.53
C PHE C 30 -1.71 20.13 9.96
N THR C 31 -0.46 20.59 9.87
CA THR C 31 -0.19 21.90 9.31
C THR C 31 -0.40 21.83 7.80
N LEU C 32 -0.43 22.99 7.13
CA LEU C 32 -0.60 23.07 5.69
C LEU C 32 0.52 22.31 5.02
N GLU C 33 1.73 22.41 5.57
CA GLU C 33 2.90 21.75 5.02
C GLU C 33 2.81 20.24 5.19
N GLU C 34 2.40 19.78 6.38
CA GLU C 34 2.16 18.37 6.63
C GLU C 34 1.12 17.85 5.62
N ARG C 35 0.01 18.58 5.50
CA ARG C 35 -1.07 18.18 4.60
C ARG C 35 -0.57 18.06 3.16
N GLN C 36 0.20 19.04 2.69
CA GLN C 36 0.64 18.98 1.31
C GLN C 36 1.67 17.87 1.12
N GLN C 37 2.59 17.73 2.08
CA GLN C 37 3.61 16.69 2.06
C GLN C 37 3.04 15.27 2.08
N LEU C 38 1.91 15.09 2.78
CA LEU C 38 1.37 13.77 3.05
C LEU C 38 0.27 13.44 2.04
N ASN C 39 0.11 14.29 1.02
CA ASN C 39 -0.87 14.16 -0.04
C ASN C 39 -2.30 14.10 0.49
N ILE C 40 -2.62 14.84 1.56
CA ILE C 40 -3.97 14.93 2.11
C ILE C 40 -4.54 16.36 2.04
N HIS C 41 -3.84 17.28 1.38
CA HIS C 41 -4.33 18.65 1.36
C HIS C 41 -5.64 18.74 0.58
N GLY C 42 -6.71 19.20 1.23
CA GLY C 42 -7.99 19.22 0.55
C GLY C 42 -8.97 18.25 1.20
N LEU C 43 -8.46 17.25 1.94
CA LEU C 43 -9.31 16.29 2.61
C LEU C 43 -9.76 16.80 3.97
N LEU C 44 -9.24 17.96 4.41
CA LEU C 44 -9.66 18.57 5.67
C LEU C 44 -10.08 20.01 5.43
N PRO C 45 -10.98 20.56 6.27
CA PRO C 45 -11.32 21.98 6.21
C PRO C 45 -10.08 22.84 6.42
N PRO C 46 -10.06 24.10 5.90
CA PRO C 46 -8.86 24.92 5.87
C PRO C 46 -8.61 25.79 7.11
N SER C 47 -8.65 25.16 8.29
CA SER C 47 -8.22 25.76 9.54
C SER C 47 -7.27 24.77 10.19
N PHE C 48 -6.33 25.30 10.99
CA PHE C 48 -5.29 24.52 11.65
C PHE C 48 -5.46 24.65 13.16
N ASN C 49 -5.57 23.52 13.85
CA ASN C 49 -5.92 23.52 15.26
C ASN C 49 -4.68 23.11 16.07
N SER C 50 -4.36 23.85 17.13
CA SER C 50 -3.51 23.31 18.17
C SER C 50 -4.23 22.17 18.88
N GLN C 51 -3.49 21.35 19.62
CA GLN C 51 -4.09 20.27 20.37
C GLN C 51 -5.16 20.78 21.35
N GLU C 52 -4.95 21.97 21.94
CA GLU C 52 -5.84 22.49 22.96
C GLU C 52 -7.20 22.90 22.38
N ILE C 53 -7.20 23.52 21.19
CA ILE C 53 -8.39 23.76 20.39
C ILE C 53 -9.12 22.45 20.11
N GLN C 54 -8.39 21.41 19.67
CA GLN C 54 -8.99 20.09 19.47
C GLN C 54 -9.64 19.59 20.76
N VAL C 55 -8.93 19.68 21.88
CA VAL C 55 -9.51 19.29 23.15
C VAL C 55 -10.76 20.12 23.45
N LEU C 56 -10.69 21.44 23.27
CA LEU C 56 -11.87 22.28 23.47
C LEU C 56 -13.09 21.74 22.73
N ARG C 57 -12.89 21.38 21.46
CA ARG C 57 -13.98 20.87 20.64
C ARG C 57 -14.54 19.58 21.24
N VAL C 58 -13.68 18.62 21.56
CA VAL C 58 -14.14 17.37 22.16
C VAL C 58 -14.91 17.64 23.46
N VAL C 59 -14.35 18.45 24.35
CA VAL C 59 -14.93 18.73 25.66
C VAL C 59 -16.33 19.34 25.52
N LYS C 60 -16.49 20.31 24.61
CA LYS C 60 -17.78 20.95 24.41
C LYS C 60 -18.85 19.93 24.01
N ASN C 61 -18.49 18.99 23.14
CA ASN C 61 -19.41 17.95 22.70
C ASN C 61 -19.71 17.05 23.88
N PHE C 62 -18.67 16.70 24.64
CA PHE C 62 -18.78 15.82 25.79
C PHE C 62 -19.80 16.42 26.77
N GLU C 63 -19.72 17.74 26.95
CA GLU C 63 -20.56 18.47 27.88
C GLU C 63 -22.04 18.38 27.51
N HIS C 64 -22.35 18.28 26.21
CA HIS C 64 -23.71 18.28 25.68
C HIS C 64 -24.40 16.93 25.89
N LEU C 65 -23.64 15.89 26.25
CA LEU C 65 -24.25 14.56 26.36
C LEU C 65 -24.87 14.36 27.74
N ASN C 66 -26.00 13.65 27.77
CA ASN C 66 -26.81 13.51 28.96
C ASN C 66 -26.57 12.18 29.67
N SER C 67 -25.68 11.33 29.17
CA SER C 67 -25.42 10.08 29.89
C SER C 67 -23.95 9.71 29.85
N ASP C 68 -23.57 8.83 30.78
CA ASP C 68 -22.20 8.35 30.87
C ASP C 68 -21.92 7.44 29.70
N PHE C 69 -22.94 6.67 29.31
CA PHE C 69 -22.80 5.75 28.20
C PHE C 69 -22.51 6.52 26.91
N ASP C 70 -23.31 7.54 26.64
CA ASP C 70 -23.09 8.29 25.41
C ASP C 70 -21.71 8.90 25.44
N ARG C 71 -21.27 9.35 26.63
CA ARG C 71 -19.95 9.95 26.79
C ARG C 71 -18.89 8.91 26.43
N TYR C 72 -19.11 7.67 26.87
CA TYR C 72 -18.22 6.59 26.49
C TYR C 72 -18.20 6.42 24.96
N LEU C 73 -19.36 6.44 24.32
CA LEU C 73 -19.39 6.22 22.88
C LEU C 73 -18.66 7.34 22.12
N LEU C 74 -18.79 8.59 22.60
CA LEU C 74 -18.02 9.68 22.01
C LEU C 74 -16.49 9.44 22.12
N LEU C 75 -16.01 9.04 23.30
CA LEU C 75 -14.59 8.82 23.58
C LEU C 75 -14.02 7.64 22.77
N MET C 76 -14.80 6.56 22.58
CA MET C 76 -14.36 5.40 21.83
C MET C 76 -14.29 5.73 20.35
N ASP C 77 -15.28 6.49 19.87
CA ASP C 77 -15.21 7.10 18.56
C ASP C 77 -13.91 7.89 18.38
N LEU C 78 -13.52 8.69 19.37
CA LEU C 78 -12.30 9.50 19.28
C LEU C 78 -11.04 8.62 19.24
N GLN C 79 -10.99 7.61 20.11
CA GLN C 79 -9.92 6.64 20.17
C GLN C 79 -9.68 6.04 18.78
N ASP C 80 -10.76 5.73 18.06
CA ASP C 80 -10.61 5.05 16.78
C ASP C 80 -10.38 6.02 15.62
N ARG C 81 -10.28 7.33 15.91
CA ARG C 81 -10.05 8.34 14.90
C ARG C 81 -8.66 8.98 15.08
N ASN C 82 -8.26 9.23 16.33
CA ASN C 82 -7.08 10.05 16.59
C ASN C 82 -6.60 9.71 18.00
N GLU C 83 -5.66 8.75 18.07
CA GLU C 83 -5.18 8.16 19.31
C GLU C 83 -4.55 9.23 20.23
N LYS C 84 -3.74 10.12 19.66
CA LYS C 84 -3.03 11.11 20.46
C LYS C 84 -4.03 12.05 21.14
N LEU C 85 -5.02 12.51 20.37
CA LEU C 85 -6.05 13.41 20.87
C LEU C 85 -6.88 12.66 21.92
N PHE C 86 -7.18 11.39 21.64
CA PHE C 86 -7.90 10.59 22.61
C PHE C 86 -7.19 10.64 23.96
N TYR C 87 -5.89 10.35 23.97
CA TYR C 87 -5.13 10.30 25.22
C TYR C 87 -4.96 11.68 25.85
N ARG C 88 -4.85 12.70 25.01
CA ARG C 88 -4.71 14.05 25.51
C ARG C 88 -5.96 14.44 26.31
N VAL C 89 -7.13 14.04 25.81
CA VAL C 89 -8.42 14.31 26.44
C VAL C 89 -8.49 13.56 27.77
N LEU C 90 -8.04 12.30 27.78
CA LEU C 90 -8.18 11.45 28.96
C LEU C 90 -7.31 12.02 30.08
N THR C 91 -6.10 12.43 29.68
CA THR C 91 -5.10 12.84 30.64
C THR C 91 -5.35 14.29 31.07
N SER C 92 -6.27 14.99 30.42
CA SER C 92 -6.56 16.35 30.82
C SER C 92 -7.35 16.34 32.14
N ASP C 93 -8.10 15.26 32.39
CA ASP C 93 -8.83 15.12 33.64
C ASP C 93 -8.97 13.64 33.99
N ILE C 94 -7.87 13.05 34.45
CA ILE C 94 -7.77 11.60 34.48
C ILE C 94 -8.86 11.05 35.40
N GLU C 95 -9.16 11.81 36.48
CA GLU C 95 -10.20 11.46 37.43
C GLU C 95 -11.61 11.53 36.82
N LYS C 96 -11.87 12.53 35.98
CA LYS C 96 -13.16 12.57 35.30
C LYS C 96 -13.29 11.41 34.30
N PHE C 97 -12.24 11.14 33.52
CA PHE C 97 -12.43 10.30 32.36
C PHE C 97 -12.27 8.82 32.67
N MET C 98 -11.48 8.43 33.68
CA MET C 98 -11.23 7.02 33.96
C MET C 98 -12.55 6.29 34.17
N PRO C 99 -13.51 6.83 34.96
CA PRO C 99 -14.77 6.11 35.20
C PRO C 99 -15.68 6.03 33.97
N ILE C 100 -15.32 6.76 32.90
CA ILE C 100 -16.07 6.78 31.65
C ILE C 100 -15.53 5.69 30.72
N VAL C 101 -14.20 5.63 30.56
CA VAL C 101 -13.66 4.67 29.61
C VAL C 101 -13.43 3.33 30.27
N TYR C 102 -13.27 3.32 31.60
CA TYR C 102 -13.16 2.05 32.30
C TYR C 102 -14.30 1.96 33.32
N THR C 103 -14.12 1.19 34.41
CA THR C 103 -15.23 0.94 35.34
C THR C 103 -15.59 2.21 36.08
N PRO C 104 -16.89 2.50 36.37
CA PRO C 104 -17.98 1.58 36.07
C PRO C 104 -18.62 1.55 34.66
N THR C 105 -18.54 2.65 33.90
CA THR C 105 -19.28 2.84 32.66
C THR C 105 -19.09 1.68 31.67
N VAL C 106 -17.89 1.12 31.65
CA VAL C 106 -17.47 0.09 30.70
C VAL C 106 -18.28 -1.19 30.94
N GLY C 107 -18.83 -1.33 32.16
CA GLY C 107 -19.74 -2.43 32.48
C GLY C 107 -21.00 -2.38 31.64
N LEU C 108 -21.59 -1.18 31.53
CA LEU C 108 -22.78 -1.02 30.72
C LEU C 108 -22.41 -1.14 29.23
N ALA C 109 -21.23 -0.61 28.86
CA ALA C 109 -20.71 -0.81 27.51
C ALA C 109 -20.66 -2.30 27.18
N CYS C 110 -20.15 -3.12 28.09
CA CYS C 110 -20.09 -4.53 27.77
C CYS C 110 -21.50 -5.12 27.63
N GLN C 111 -22.43 -4.73 28.52
CA GLN C 111 -23.78 -5.26 28.44
C GLN C 111 -24.40 -4.91 27.09
N GLN C 112 -24.06 -3.72 26.55
CA GLN C 112 -24.68 -3.16 25.35
C GLN C 112 -23.83 -3.39 24.10
N TYR C 113 -22.69 -4.09 24.27
CA TYR C 113 -21.64 -4.16 23.25
C TYR C 113 -22.16 -4.60 21.89
N SER C 114 -23.01 -5.65 21.87
CA SER C 114 -23.50 -6.21 20.62
C SER C 114 -24.51 -5.27 19.99
N LEU C 115 -25.21 -4.52 20.84
CA LEU C 115 -26.21 -3.58 20.33
C LEU C 115 -25.53 -2.37 19.66
N VAL C 116 -24.46 -1.88 20.27
CA VAL C 116 -23.86 -0.63 19.83
C VAL C 116 -22.62 -0.85 18.96
N PHE C 117 -22.24 -2.11 18.72
CA PHE C 117 -21.05 -2.48 17.96
C PHE C 117 -20.91 -1.65 16.69
N ARG C 118 -19.87 -0.82 16.64
CA ARG C 118 -19.71 0.16 15.58
C ARG C 118 -18.30 0.05 15.01
N LYS C 119 -17.29 0.34 15.84
CA LYS C 119 -15.95 0.11 15.32
C LYS C 119 -15.16 -0.87 16.19
N PRO C 120 -14.84 -2.03 15.59
CA PRO C 120 -14.08 -3.08 16.26
C PRO C 120 -12.74 -2.57 16.75
N ARG C 121 -12.33 -3.06 17.92
CA ARG C 121 -11.00 -2.81 18.45
C ARG C 121 -10.53 -4.14 19.00
N GLY C 122 -9.22 -4.36 18.97
CA GLY C 122 -8.62 -5.56 19.51
C GLY C 122 -8.85 -6.78 18.60
N LEU C 123 -8.29 -7.89 19.05
CA LEU C 123 -8.23 -9.13 18.30
C LEU C 123 -9.16 -10.13 18.97
N PHE C 124 -10.01 -10.79 18.16
CA PHE C 124 -10.94 -11.83 18.59
C PHE C 124 -10.44 -13.20 18.12
N ILE C 125 -10.22 -14.10 19.06
CA ILE C 125 -9.65 -15.40 18.74
C ILE C 125 -10.60 -16.42 19.34
N THR C 126 -11.06 -17.38 18.52
CA THR C 126 -12.08 -18.28 19.01
C THR C 126 -11.50 -19.68 19.18
N ILE C 127 -12.27 -20.53 19.86
CA ILE C 127 -11.91 -21.92 20.08
C ILE C 127 -11.78 -22.61 18.73
N HIS C 128 -12.58 -22.18 17.73
CA HIS C 128 -12.57 -22.76 16.39
C HIS C 128 -11.35 -22.32 15.59
N ASP C 129 -10.55 -21.39 16.12
CA ASP C 129 -9.27 -21.09 15.51
C ASP C 129 -8.14 -21.90 16.14
N ARG C 130 -8.50 -22.93 16.93
CA ARG C 130 -7.47 -23.76 17.55
C ARG C 130 -6.60 -24.32 16.44
N GLY C 131 -5.27 -24.26 16.61
CA GLY C 131 -4.33 -24.76 15.61
C GLY C 131 -3.94 -23.69 14.59
N HIS C 132 -4.58 -22.52 14.67
CA HIS C 132 -4.33 -21.44 13.72
C HIS C 132 -4.24 -20.09 14.40
N ILE C 133 -3.93 -20.07 15.70
CA ILE C 133 -3.86 -18.81 16.43
C ILE C 133 -2.75 -17.92 15.82
N ALA C 134 -1.59 -18.51 15.51
CA ALA C 134 -0.49 -17.79 14.87
C ALA C 134 -1.00 -16.96 13.69
N SER C 135 -1.86 -17.55 12.86
CA SER C 135 -2.30 -16.83 11.66
C SER C 135 -3.32 -15.76 12.03
N VAL C 136 -4.09 -15.98 13.11
CA VAL C 136 -5.03 -14.95 13.52
C VAL C 136 -4.23 -13.71 13.94
N LEU C 137 -3.14 -13.93 14.69
CA LEU C 137 -2.24 -12.87 15.11
C LEU C 137 -1.77 -12.01 13.92
N ASN C 138 -1.47 -12.64 12.78
CA ASN C 138 -0.98 -11.97 11.58
C ASN C 138 -1.94 -10.85 11.11
N ALA C 139 -3.24 -10.94 11.44
CA ALA C 139 -4.18 -9.89 11.04
C ALA C 139 -3.94 -8.59 11.82
N TRP C 140 -3.31 -8.67 12.99
CA TRP C 140 -3.13 -7.47 13.81
C TRP C 140 -2.16 -6.55 13.09
N PRO C 141 -2.49 -5.26 12.85
CA PRO C 141 -1.59 -4.40 12.07
C PRO C 141 -0.30 -3.89 12.73
N GLU C 142 -0.09 -4.17 14.02
CA GLU C 142 1.14 -3.71 14.66
C GLU C 142 2.04 -4.92 14.93
N ASP C 143 3.30 -4.84 14.51
CA ASP C 143 4.20 -5.98 14.63
C ASP C 143 4.81 -6.04 16.04
N VAL C 144 5.02 -4.88 16.66
CA VAL C 144 5.73 -4.80 17.91
C VAL C 144 4.69 -4.61 19.02
N ILE C 145 4.47 -5.68 19.80
CA ILE C 145 3.56 -5.62 20.93
C ILE C 145 4.33 -5.92 22.21
N LYS C 146 4.07 -5.15 23.28
CA LYS C 146 4.78 -5.30 24.54
C LYS C 146 3.82 -5.59 25.69
N ALA C 147 2.55 -5.24 25.51
CA ALA C 147 1.52 -5.55 26.50
C ALA C 147 0.25 -6.04 25.82
N ILE C 148 -0.29 -7.13 26.39
CA ILE C 148 -1.55 -7.76 26.03
C ILE C 148 -2.42 -7.81 27.27
N VAL C 149 -3.69 -7.44 27.08
CA VAL C 149 -4.72 -7.74 28.04
C VAL C 149 -5.73 -8.69 27.39
N VAL C 150 -6.02 -9.81 28.06
CA VAL C 150 -6.84 -10.87 27.50
C VAL C 150 -7.93 -11.30 28.49
N THR C 151 -9.14 -11.57 27.97
CA THR C 151 -10.23 -12.10 28.80
C THR C 151 -10.94 -13.21 28.04
N ASP C 152 -11.66 -14.11 28.74
CA ASP C 152 -12.59 -14.98 28.03
C ASP C 152 -14.03 -14.53 28.27
N GLY C 153 -14.16 -13.41 28.99
CA GLY C 153 -15.44 -12.76 29.23
C GLY C 153 -16.36 -13.55 30.16
N GLU C 154 -15.77 -14.48 30.95
CA GLU C 154 -16.61 -15.32 31.76
C GLU C 154 -17.06 -14.60 33.04
N ARG C 155 -16.24 -13.67 33.52
CA ARG C 155 -16.52 -12.99 34.78
C ARG C 155 -16.19 -11.50 34.69
N ILE C 156 -17.03 -10.76 33.95
CA ILE C 156 -16.77 -9.36 33.63
C ILE C 156 -17.27 -8.51 34.82
N LEU C 157 -16.35 -7.84 35.53
CA LEU C 157 -16.74 -7.07 36.70
C LEU C 157 -17.61 -7.95 37.61
N GLY C 158 -18.73 -7.39 38.05
CA GLY C 158 -19.66 -8.17 38.84
C GLY C 158 -20.90 -8.53 38.01
N LEU C 159 -20.72 -8.62 36.68
CA LEU C 159 -21.85 -8.80 35.77
C LEU C 159 -21.95 -10.24 35.25
N GLY C 160 -21.01 -11.13 35.62
CA GLY C 160 -21.05 -12.52 35.18
C GLY C 160 -20.53 -12.74 33.75
N ASP C 161 -21.06 -13.78 33.07
CA ASP C 161 -20.65 -14.22 31.75
C ASP C 161 -21.26 -13.30 30.70
N LEU C 162 -20.40 -12.53 30.03
CA LEU C 162 -20.87 -11.69 28.94
C LEU C 162 -20.30 -12.16 27.60
N GLY C 163 -19.56 -13.27 27.62
CA GLY C 163 -19.03 -13.82 26.39
C GLY C 163 -18.20 -12.78 25.64
N CYS C 164 -18.49 -12.62 24.36
CA CYS C 164 -17.68 -11.81 23.47
C CYS C 164 -17.90 -10.33 23.75
N ASN C 165 -19.00 -10.00 24.46
CA ASN C 165 -19.29 -8.63 24.81
C ASN C 165 -18.25 -8.14 25.82
N GLY C 166 -17.43 -9.06 26.34
CA GLY C 166 -16.40 -8.71 27.32
C GLY C 166 -15.22 -7.95 26.70
N MET C 167 -15.26 -7.76 25.38
CA MET C 167 -14.10 -7.20 24.69
C MET C 167 -13.92 -5.76 25.17
N GLY C 168 -15.00 -5.15 25.68
CA GLY C 168 -14.92 -3.79 26.19
C GLY C 168 -13.94 -3.66 27.37
N ILE C 169 -13.78 -4.78 28.08
CA ILE C 169 -12.92 -4.75 29.26
C ILE C 169 -11.46 -4.59 28.84
N PRO C 170 -10.86 -5.49 28.02
CA PRO C 170 -9.45 -5.31 27.63
C PRO C 170 -9.19 -3.98 26.94
N VAL C 171 -10.13 -3.53 26.08
CA VAL C 171 -9.96 -2.27 25.39
C VAL C 171 -9.87 -1.12 26.41
N GLY C 172 -10.80 -1.07 27.36
CA GLY C 172 -10.78 0.02 28.34
C GLY C 172 -9.60 -0.12 29.29
N LYS C 173 -9.23 -1.37 29.58
CA LYS C 173 -8.13 -1.58 30.50
C LYS C 173 -6.85 -0.99 29.90
N LEU C 174 -6.65 -1.18 28.60
CA LEU C 174 -5.39 -0.80 28.01
C LEU C 174 -5.38 0.70 27.82
N ALA C 175 -6.56 1.31 27.68
CA ALA C 175 -6.63 2.76 27.69
C ALA C 175 -6.01 3.31 28.98
N LEU C 176 -6.20 2.58 30.09
CA LEU C 176 -5.69 3.01 31.38
C LEU C 176 -4.21 2.71 31.51
N TYR C 177 -3.75 1.56 30.95
CA TYR C 177 -2.33 1.31 30.82
C TYR C 177 -1.62 2.51 30.16
N THR C 178 -2.28 3.16 29.18
CA THR C 178 -1.64 4.27 28.48
C THR C 178 -1.85 5.60 29.23
N ALA C 179 -3.11 5.89 29.59
CA ALA C 179 -3.47 7.15 30.24
C ALA C 179 -2.77 7.25 31.60
N CYS C 180 -2.82 6.18 32.38
CA CYS C 180 -2.33 6.23 33.75
C CYS C 180 -0.85 5.86 33.81
N GLY C 181 -0.39 4.97 32.93
CA GLY C 181 0.94 4.37 33.06
C GLY C 181 1.93 4.75 31.96
N GLY C 182 1.48 5.41 30.89
CA GLY C 182 2.40 5.84 29.85
C GLY C 182 2.85 4.70 28.94
N MET C 183 2.13 3.58 28.93
CA MET C 183 2.36 2.52 27.95
C MET C 183 1.98 2.99 26.54
N ASN C 184 2.82 2.68 25.54
CA ASN C 184 2.57 3.03 24.14
C ASN C 184 1.37 2.23 23.65
N PRO C 185 0.25 2.87 23.23
CA PRO C 185 -0.95 2.15 22.79
C PRO C 185 -0.70 1.36 21.50
N GLN C 186 0.21 1.84 20.65
CA GLN C 186 0.59 1.08 19.45
C GLN C 186 1.14 -0.28 19.84
N GLU C 187 1.67 -0.44 21.07
CA GLU C 187 2.33 -1.67 21.51
C GLU C 187 1.40 -2.48 22.42
N CYS C 188 0.14 -2.09 22.48
CA CYS C 188 -0.84 -2.78 23.29
C CYS C 188 -1.83 -3.51 22.40
N LEU C 189 -2.13 -4.73 22.80
CA LEU C 189 -3.04 -5.60 22.05
C LEU C 189 -4.12 -6.10 23.02
N PRO C 190 -5.38 -5.61 22.90
CA PRO C 190 -6.52 -6.20 23.61
C PRO C 190 -7.03 -7.48 22.92
N VAL C 191 -7.33 -8.51 23.71
CA VAL C 191 -7.66 -9.82 23.15
C VAL C 191 -8.90 -10.37 23.84
N ILE C 192 -9.87 -10.85 23.07
CA ILE C 192 -10.89 -11.72 23.64
C ILE C 192 -10.78 -13.14 23.07
N LEU C 193 -10.81 -14.11 23.98
CA LEU C 193 -10.88 -15.52 23.64
C LEU C 193 -12.34 -15.93 23.77
N ASP C 194 -12.97 -16.22 22.64
CA ASP C 194 -14.37 -16.61 22.66
C ASP C 194 -14.43 -18.13 22.49
N VAL C 195 -14.83 -18.81 23.57
CA VAL C 195 -14.92 -20.25 23.59
C VAL C 195 -16.39 -20.59 23.73
N GLY C 196 -17.21 -19.54 23.64
CA GLY C 196 -18.66 -19.67 23.79
C GLY C 196 -19.13 -18.93 25.03
N THR C 197 -20.44 -19.00 25.33
CA THR C 197 -20.97 -18.29 26.49
C THR C 197 -22.13 -19.06 27.12
N GLU C 198 -22.38 -18.79 28.42
CA GLU C 198 -23.49 -19.40 29.15
C GLU C 198 -24.61 -18.39 29.35
N ASN C 199 -24.38 -17.16 28.86
CA ASN C 199 -25.33 -16.08 29.02
C ASN C 199 -26.53 -16.36 28.12
N GLU C 200 -27.66 -16.70 28.74
CA GLU C 200 -28.82 -17.21 28.04
C GLU C 200 -29.44 -16.10 27.18
N GLU C 201 -29.30 -14.83 27.61
CA GLU C 201 -29.89 -13.71 26.88
C GLU C 201 -29.07 -13.40 25.64
N LEU C 202 -27.75 -13.54 25.77
CA LEU C 202 -26.86 -13.39 24.62
C LEU C 202 -27.10 -14.50 23.60
N LEU C 203 -27.34 -15.74 24.07
CA LEU C 203 -27.55 -16.85 23.18
C LEU C 203 -28.79 -16.66 22.30
N LYS C 204 -29.78 -15.89 22.79
CA LYS C 204 -31.07 -15.71 22.14
C LYS C 204 -31.15 -14.33 21.46
N ASP C 205 -30.18 -13.46 21.71
CA ASP C 205 -30.17 -12.12 21.12
C ASP C 205 -29.71 -12.23 19.66
N PRO C 206 -30.54 -11.84 18.66
CA PRO C 206 -30.11 -11.87 17.25
C PRO C 206 -28.84 -11.07 16.89
N LEU C 207 -28.54 -10.01 17.68
CA LEU C 207 -27.46 -9.08 17.46
C LEU C 207 -26.16 -9.51 18.15
N TYR C 208 -26.22 -10.57 18.99
CA TYR C 208 -25.05 -11.01 19.72
C TYR C 208 -23.92 -11.26 18.73
N ILE C 209 -22.70 -10.80 19.06
CA ILE C 209 -21.60 -10.75 18.10
C ILE C 209 -20.66 -11.94 18.34
N GLY C 210 -20.90 -12.67 19.44
CA GLY C 210 -19.98 -13.74 19.79
C GLY C 210 -20.42 -15.06 19.16
N LEU C 211 -19.72 -16.14 19.50
CA LEU C 211 -20.14 -17.44 19.02
C LEU C 211 -21.41 -17.83 19.74
N ARG C 212 -22.43 -18.24 18.97
CA ARG C 212 -23.73 -18.60 19.53
C ARG C 212 -23.69 -20.05 19.97
N GLN C 213 -22.89 -20.34 21.00
CA GLN C 213 -22.74 -21.67 21.56
C GLN C 213 -22.35 -21.55 23.03
N ARG C 214 -22.54 -22.65 23.78
CA ARG C 214 -22.15 -22.73 25.18
C ARG C 214 -20.64 -22.92 25.27
N ARG C 215 -20.07 -22.69 26.47
CA ARG C 215 -18.63 -22.64 26.65
C ARG C 215 -17.99 -24.00 26.47
N VAL C 216 -16.88 -24.03 25.73
CA VAL C 216 -16.05 -25.24 25.67
C VAL C 216 -15.21 -25.26 26.95
N ARG C 217 -15.25 -26.38 27.71
CA ARG C 217 -14.45 -26.55 28.92
C ARG C 217 -13.44 -27.68 28.73
N GLY C 218 -12.83 -28.15 29.83
CA GLY C 218 -11.94 -29.31 29.85
C GLY C 218 -10.61 -29.12 29.12
N SER C 219 -10.08 -30.23 28.59
CA SER C 219 -8.74 -30.26 28.03
C SER C 219 -8.69 -29.36 26.79
N GLU C 220 -9.80 -29.30 26.06
CA GLU C 220 -9.84 -28.53 24.82
C GLU C 220 -9.74 -27.03 25.08
N TYR C 221 -10.29 -26.58 26.21
CA TYR C 221 -10.03 -25.23 26.69
C TYR C 221 -8.57 -25.08 27.06
N ASP C 222 -8.05 -25.99 27.88
CA ASP C 222 -6.69 -25.91 28.40
C ASP C 222 -5.67 -25.86 27.25
N ASP C 223 -5.92 -26.68 26.22
CA ASP C 223 -5.02 -26.81 25.08
C ASP C 223 -5.04 -25.52 24.26
N PHE C 224 -6.23 -24.93 24.12
CA PHE C 224 -6.42 -23.70 23.39
C PHE C 224 -5.65 -22.58 24.09
N LEU C 225 -5.74 -22.53 25.42
CA LEU C 225 -5.01 -21.53 26.19
C LEU C 225 -3.51 -21.72 26.05
N ASP C 226 -3.04 -22.97 25.96
CA ASP C 226 -1.60 -23.19 25.88
C ASP C 226 -1.10 -22.61 24.56
N GLU C 227 -1.91 -22.80 23.49
CA GLU C 227 -1.54 -22.39 22.15
C GLU C 227 -1.52 -20.87 22.09
N PHE C 228 -2.52 -20.23 22.73
CA PHE C 228 -2.53 -18.79 22.82
C PHE C 228 -1.21 -18.29 23.40
N MET C 229 -0.78 -18.89 24.52
CA MET C 229 0.41 -18.39 25.19
C MET C 229 1.64 -18.60 24.32
N GLU C 230 1.74 -19.76 23.65
CA GLU C 230 2.88 -20.04 22.79
C GLU C 230 2.91 -19.08 21.60
N ALA C 231 1.75 -18.90 20.97
CA ALA C 231 1.66 -18.13 19.75
C ALA C 231 2.03 -16.67 20.01
N VAL C 232 1.53 -16.12 21.11
CA VAL C 232 1.75 -14.71 21.39
C VAL C 232 3.22 -14.48 21.75
N SER C 233 3.80 -15.39 22.54
CA SER C 233 5.17 -15.21 23.02
C SER C 233 6.17 -15.54 21.90
N SER C 234 5.80 -16.43 20.99
CA SER C 234 6.66 -16.67 19.83
C SER C 234 6.65 -15.45 18.94
N LYS C 235 5.46 -14.86 18.74
CA LYS C 235 5.39 -13.75 17.80
C LYS C 235 5.96 -12.46 18.38
N TYR C 236 5.61 -12.11 19.62
CA TYR C 236 6.03 -10.79 20.11
C TYR C 236 7.20 -10.89 21.09
N GLY C 237 7.66 -12.10 21.38
CA GLY C 237 8.82 -12.30 22.24
C GLY C 237 8.39 -12.71 23.65
N MET C 238 9.31 -13.33 24.38
CA MET C 238 9.07 -13.78 25.75
C MET C 238 8.87 -12.59 26.70
N ASN C 239 9.29 -11.38 26.30
CA ASN C 239 9.24 -10.18 27.14
C ASN C 239 7.87 -9.51 27.06
N CYS C 240 7.02 -9.93 26.12
CA CYS C 240 5.68 -9.38 25.99
C CYS C 240 4.85 -9.72 27.23
N LEU C 241 4.33 -8.68 27.89
CA LEU C 241 3.50 -8.85 29.07
C LEU C 241 2.13 -9.34 28.63
N ILE C 242 1.64 -10.37 29.34
CA ILE C 242 0.34 -10.99 29.14
C ILE C 242 -0.46 -10.91 30.44
N GLN C 243 -1.47 -10.02 30.47
CA GLN C 243 -2.31 -9.84 31.64
C GLN C 243 -3.68 -10.47 31.40
N PHE C 244 -4.06 -11.36 32.32
CA PHE C 244 -5.38 -11.96 32.37
C PHE C 244 -6.32 -11.03 33.13
N GLU C 245 -7.56 -10.94 32.64
CA GLU C 245 -8.64 -10.19 33.29
C GLU C 245 -9.96 -10.93 33.10
N ASP C 246 -10.72 -11.10 34.19
CA ASP C 246 -12.13 -11.44 34.10
C ASP C 246 -12.36 -12.86 33.60
N PHE C 247 -11.46 -13.79 34.00
CA PHE C 247 -11.79 -15.21 33.89
C PHE C 247 -12.55 -15.62 35.13
N ALA C 248 -13.31 -16.73 35.01
CA ALA C 248 -13.93 -17.35 36.17
C ALA C 248 -12.85 -17.81 37.14
N ASN C 249 -13.26 -17.95 38.41
CA ASN C 249 -12.35 -18.18 39.52
C ASN C 249 -11.55 -19.46 39.28
N VAL C 250 -12.22 -20.54 38.84
CA VAL C 250 -11.47 -21.78 38.65
C VAL C 250 -10.31 -21.56 37.69
N ASN C 251 -10.61 -20.92 36.54
CA ASN C 251 -9.64 -20.71 35.48
C ASN C 251 -8.57 -19.69 35.90
N ALA C 252 -8.96 -18.64 36.64
CA ALA C 252 -8.06 -17.53 36.91
C ALA C 252 -6.83 -18.00 37.67
N PHE C 253 -7.07 -18.65 38.82
CA PHE C 253 -5.99 -19.20 39.63
C PHE C 253 -5.20 -20.21 38.83
N ARG C 254 -5.91 -21.19 38.26
CA ARG C 254 -5.27 -22.30 37.56
C ARG C 254 -4.33 -21.76 36.49
N LEU C 255 -4.80 -20.78 35.70
CA LEU C 255 -4.00 -20.33 34.57
C LEU C 255 -2.82 -19.49 35.07
N LEU C 256 -3.04 -18.68 36.12
CA LEU C 256 -1.92 -17.89 36.64
C LEU C 256 -0.81 -18.83 37.13
N ASN C 257 -1.20 -19.88 37.87
CA ASN C 257 -0.21 -20.79 38.45
C ASN C 257 0.46 -21.59 37.35
N LYS C 258 -0.28 -21.89 36.30
CA LYS C 258 0.30 -22.67 35.22
C LYS C 258 1.36 -21.85 34.48
N TYR C 259 1.13 -20.55 34.31
CA TYR C 259 1.93 -19.77 33.36
C TYR C 259 2.96 -18.86 34.01
N ARG C 260 2.82 -18.55 35.31
CA ARG C 260 3.52 -17.43 35.90
C ARG C 260 5.04 -17.64 35.93
N ASN C 261 5.47 -18.90 35.94
CA ASN C 261 6.89 -19.20 36.03
C ASN C 261 7.48 -19.39 34.63
N GLN C 262 6.64 -19.42 33.60
CA GLN C 262 7.25 -19.55 32.29
C GLN C 262 7.05 -18.30 31.44
N TYR C 263 5.98 -17.55 31.69
CA TYR C 263 5.69 -16.39 30.86
C TYR C 263 5.67 -15.12 31.70
N CYS C 264 5.82 -13.99 31.02
CA CYS C 264 5.64 -12.67 31.61
C CYS C 264 4.16 -12.37 31.76
N THR C 265 3.56 -12.79 32.87
CA THR C 265 2.11 -12.80 32.98
C THR C 265 1.68 -12.52 34.41
N PHE C 266 0.49 -11.94 34.56
CA PHE C 266 -0.13 -11.78 35.86
C PHE C 266 -1.63 -11.63 35.68
N ASN C 267 -2.37 -11.81 36.77
CA ASN C 267 -3.80 -11.70 36.68
C ASN C 267 -4.23 -10.56 37.62
N ASP C 268 -4.82 -9.50 37.08
CA ASP C 268 -4.94 -8.25 37.84
C ASP C 268 -6.02 -8.39 38.91
N ASP C 269 -7.10 -9.10 38.61
CA ASP C 269 -8.17 -9.28 39.57
C ASP C 269 -7.63 -9.95 40.83
N ILE C 270 -6.58 -10.79 40.68
CA ILE C 270 -6.06 -11.53 41.81
C ILE C 270 -4.90 -10.75 42.43
N GLN C 271 -3.88 -10.45 41.62
CA GLN C 271 -2.61 -9.99 42.16
C GLN C 271 -2.61 -8.48 42.40
N GLY C 272 -3.28 -7.72 41.52
CA GLY C 272 -3.34 -6.26 41.62
C GLY C 272 -4.31 -5.81 42.72
N THR C 273 -5.44 -6.52 42.82
CA THR C 273 -6.33 -6.37 43.95
C THR C 273 -5.55 -6.56 45.26
N ALA C 274 -4.74 -7.63 45.33
CA ALA C 274 -3.93 -7.86 46.52
C ALA C 274 -3.02 -6.67 46.80
N SER C 275 -2.41 -6.14 45.73
CA SER C 275 -1.40 -5.12 45.87
C SER C 275 -2.03 -3.82 46.37
N VAL C 276 -3.26 -3.55 45.93
CA VAL C 276 -3.85 -2.27 46.26
C VAL C 276 -4.46 -2.36 47.67
N ALA C 277 -4.95 -3.55 48.04
CA ALA C 277 -5.56 -3.79 49.35
C ALA C 277 -4.49 -3.69 50.45
N VAL C 278 -3.28 -4.13 50.12
CA VAL C 278 -2.17 -4.09 51.03
C VAL C 278 -1.62 -2.66 51.12
N ALA C 279 -1.55 -1.98 49.98
CA ALA C 279 -1.11 -0.59 49.99
C ALA C 279 -1.99 0.17 50.98
N GLY C 280 -3.27 -0.23 51.03
CA GLY C 280 -4.24 0.41 51.90
C GLY C 280 -3.95 0.08 53.36
N LEU C 281 -3.53 -1.17 53.61
CA LEU C 281 -3.25 -1.65 54.95
C LEU C 281 -1.96 -1.01 55.48
N LEU C 282 -0.91 -0.99 54.65
CA LEU C 282 0.34 -0.34 55.03
C LEU C 282 0.09 1.14 55.35
N ALA C 283 -0.84 1.78 54.63
CA ALA C 283 -1.17 3.17 54.87
C ALA C 283 -1.84 3.34 56.24
N ALA C 284 -2.78 2.45 56.54
CA ALA C 284 -3.51 2.46 57.80
C ALA C 284 -2.56 2.29 58.98
N LEU C 285 -1.41 1.61 58.77
CA LEU C 285 -0.49 1.28 59.84
C LEU C 285 0.20 2.54 60.36
N ARG C 286 0.23 3.59 59.52
CA ARG C 286 0.83 4.87 59.90
C ARG C 286 -0.17 5.66 60.76
N ILE C 287 -1.44 5.22 60.74
CA ILE C 287 -2.47 5.78 61.60
C ILE C 287 -2.54 4.99 62.90
N THR C 288 -2.74 3.66 62.82
CA THR C 288 -2.67 2.81 64.00
C THR C 288 -1.28 2.87 64.65
N LYS C 289 -0.27 3.31 63.89
CA LYS C 289 1.08 3.59 64.36
C LYS C 289 1.73 2.33 64.95
N ASN C 290 1.33 1.16 64.45
CA ASN C 290 1.88 -0.10 64.91
C ASN C 290 2.27 -0.97 63.71
N LYS C 291 2.34 -2.29 63.92
CA LYS C 291 2.94 -3.17 62.94
C LYS C 291 1.89 -4.13 62.37
N LEU C 292 2.23 -4.69 61.21
CA LEU C 292 1.43 -5.70 60.55
C LEU C 292 1.36 -6.94 61.43
N SER C 293 2.51 -7.30 62.04
CA SER C 293 2.62 -8.41 62.98
C SER C 293 1.49 -8.37 64.01
N ASP C 294 1.17 -7.16 64.48
CA ASP C 294 0.28 -6.93 65.62
C ASP C 294 -1.18 -6.99 65.22
N GLN C 295 -1.48 -7.40 63.97
CA GLN C 295 -2.83 -7.31 63.44
C GLN C 295 -3.58 -8.64 63.50
N THR C 296 -4.91 -8.57 63.54
CA THR C 296 -5.75 -9.74 63.31
C THR C 296 -6.76 -9.37 62.24
N ILE C 297 -6.79 -10.16 61.15
CA ILE C 297 -7.50 -9.83 59.92
C ILE C 297 -8.59 -10.87 59.63
N LEU C 298 -9.81 -10.37 59.43
CA LEU C 298 -10.98 -11.14 59.05
C LEU C 298 -11.54 -10.60 57.73
N PHE C 299 -11.95 -11.52 56.84
CA PHE C 299 -12.54 -11.23 55.54
C PHE C 299 -14.01 -11.66 55.50
N GLN C 300 -14.85 -10.80 54.94
CA GLN C 300 -16.22 -11.14 54.61
C GLN C 300 -16.26 -11.57 53.15
N GLY C 301 -15.63 -12.72 52.88
CA GLY C 301 -15.57 -13.34 51.56
C GLY C 301 -14.29 -14.17 51.46
N ALA C 302 -14.28 -15.14 50.53
CA ALA C 302 -13.10 -15.98 50.33
C ALA C 302 -12.93 -16.34 48.86
N GLY C 303 -13.37 -15.44 47.96
CA GLY C 303 -13.23 -15.61 46.52
C GLY C 303 -11.87 -15.15 45.98
N GLU C 304 -11.86 -14.67 44.72
CA GLU C 304 -10.66 -14.21 44.05
C GLU C 304 -9.95 -13.15 44.91
N ALA C 305 -10.69 -12.10 45.27
CA ALA C 305 -10.18 -10.97 46.04
C ALA C 305 -9.56 -11.44 47.36
N ALA C 306 -10.38 -12.04 48.23
CA ALA C 306 -9.94 -12.43 49.56
C ALA C 306 -8.63 -13.21 49.54
N LEU C 307 -8.59 -14.28 48.74
CA LEU C 307 -7.49 -15.25 48.74
C LEU C 307 -6.21 -14.61 48.22
N GLY C 308 -6.35 -13.72 47.23
CA GLY C 308 -5.22 -13.00 46.68
C GLY C 308 -4.63 -12.02 47.68
N ILE C 309 -5.51 -11.33 48.41
CA ILE C 309 -5.12 -10.37 49.43
C ILE C 309 -4.43 -11.12 50.57
N ALA C 310 -5.13 -12.13 51.12
CA ALA C 310 -4.60 -12.91 52.23
C ALA C 310 -3.18 -13.37 51.91
N HIS C 311 -3.00 -13.90 50.69
CA HIS C 311 -1.71 -14.40 50.27
C HIS C 311 -0.62 -13.33 50.36
N LEU C 312 -0.92 -12.11 49.88
CA LEU C 312 0.12 -11.09 49.83
C LEU C 312 0.38 -10.49 51.21
N ILE C 313 -0.62 -10.57 52.10
CA ILE C 313 -0.42 -10.18 53.50
C ILE C 313 0.54 -11.15 54.19
N VAL C 314 0.39 -12.45 53.89
CA VAL C 314 1.26 -13.50 54.41
C VAL C 314 2.72 -13.15 54.07
N MET C 315 2.95 -12.81 52.80
CA MET C 315 4.25 -12.42 52.28
C MET C 315 4.82 -11.24 53.06
N ALA C 316 3.95 -10.27 53.36
CA ALA C 316 4.33 -9.03 54.00
C ALA C 316 4.72 -9.28 55.46
N LEU C 317 4.16 -10.37 56.02
CA LEU C 317 4.50 -10.78 57.38
C LEU C 317 5.89 -11.40 57.39
N GLU C 318 6.19 -12.17 56.33
CA GLU C 318 7.46 -12.87 56.18
C GLU C 318 8.59 -11.88 55.90
N LYS C 319 8.20 -10.67 55.48
CA LYS C 319 9.17 -9.59 55.28
C LYS C 319 9.46 -8.89 56.61
N GLU C 320 8.90 -9.48 57.69
CA GLU C 320 8.85 -8.89 59.02
C GLU C 320 9.16 -10.01 60.03
N GLY C 321 10.01 -10.96 59.60
CA GLY C 321 10.35 -12.15 60.38
C GLY C 321 9.34 -13.28 60.19
N LEU C 322 8.47 -13.45 61.20
CA LEU C 322 7.28 -14.28 61.27
C LEU C 322 7.26 -15.40 60.22
N PRO C 323 7.59 -16.67 60.58
CA PRO C 323 7.48 -17.78 59.65
C PRO C 323 6.03 -18.07 59.26
N LYS C 324 5.86 -18.97 58.30
CA LYS C 324 4.65 -19.06 57.49
C LYS C 324 3.41 -19.37 58.33
N GLU C 325 3.49 -20.37 59.21
CA GLU C 325 2.31 -20.86 59.93
C GLU C 325 1.93 -19.86 61.03
N LYS C 326 2.91 -19.08 61.51
CA LYS C 326 2.69 -18.02 62.48
C LYS C 326 1.89 -16.90 61.80
N ALA C 327 2.32 -16.53 60.60
CA ALA C 327 1.67 -15.50 59.82
C ALA C 327 0.22 -15.89 59.52
N ILE C 328 0.03 -17.06 58.88
CA ILE C 328 -1.27 -17.48 58.38
C ILE C 328 -2.33 -17.39 59.47
N LYS C 329 -1.97 -17.85 60.68
CA LYS C 329 -2.82 -17.81 61.85
C LYS C 329 -3.58 -16.50 61.91
N LYS C 330 -2.88 -15.40 61.56
CA LYS C 330 -3.37 -14.04 61.75
C LYS C 330 -4.43 -13.65 60.72
N ILE C 331 -4.87 -14.60 59.88
CA ILE C 331 -5.87 -14.34 58.85
C ILE C 331 -7.01 -15.35 58.96
N TRP C 332 -8.24 -14.84 59.05
CA TRP C 332 -9.45 -15.64 59.07
C TRP C 332 -10.31 -15.28 57.88
N LEU C 333 -11.10 -16.24 57.37
CA LEU C 333 -11.99 -15.97 56.25
C LEU C 333 -13.37 -16.55 56.52
N VAL C 334 -14.38 -16.04 55.78
CA VAL C 334 -15.78 -16.42 55.92
C VAL C 334 -16.38 -16.46 54.52
N ASP C 335 -16.79 -17.66 54.09
CA ASP C 335 -17.40 -17.81 52.77
C ASP C 335 -18.92 -17.90 52.93
N SER C 336 -19.64 -18.18 51.83
CA SER C 336 -21.10 -18.10 51.78
C SER C 336 -21.76 -19.32 52.41
N LYS C 337 -20.93 -20.27 52.84
CA LYS C 337 -21.36 -21.38 53.67
C LYS C 337 -20.59 -21.27 54.98
N GLY C 338 -20.76 -20.11 55.64
CA GLY C 338 -20.22 -19.85 56.97
C GLY C 338 -18.72 -19.65 57.00
N LEU C 339 -18.14 -19.67 58.22
CA LEU C 339 -16.76 -19.37 58.53
C LEU C 339 -15.85 -20.49 58.04
N ILE C 340 -14.57 -20.16 57.80
CA ILE C 340 -13.58 -21.12 57.32
C ILE C 340 -12.88 -21.77 58.51
N VAL C 341 -13.15 -23.07 58.68
CA VAL C 341 -12.57 -23.91 59.73
C VAL C 341 -12.48 -25.35 59.23
N LYS C 342 -11.50 -26.10 59.78
CA LYS C 342 -11.10 -27.42 59.33
C LYS C 342 -12.29 -28.33 59.03
N GLY C 343 -12.37 -28.80 57.78
CA GLY C 343 -13.34 -29.79 57.36
C GLY C 343 -14.78 -29.30 57.43
N ARG C 344 -15.33 -28.92 56.28
CA ARG C 344 -16.71 -28.48 56.12
C ARG C 344 -17.01 -28.38 54.62
N ALA C 345 -18.31 -28.45 54.27
CA ALA C 345 -18.76 -28.52 52.89
C ALA C 345 -18.24 -27.33 52.07
N SER C 346 -17.73 -27.63 50.87
CA SER C 346 -17.21 -26.69 49.89
C SER C 346 -15.83 -26.14 50.29
N LEU C 347 -15.10 -26.87 51.14
CA LEU C 347 -13.77 -26.51 51.60
C LEU C 347 -12.73 -26.72 50.49
N THR C 348 -12.58 -25.72 49.60
CA THR C 348 -11.70 -25.81 48.44
C THR C 348 -10.25 -25.93 48.91
N GLN C 349 -9.35 -26.19 47.95
CA GLN C 349 -7.96 -26.45 48.31
C GLN C 349 -7.23 -25.14 48.63
N GLU C 350 -7.75 -24.03 48.09
CA GLU C 350 -7.20 -22.72 48.40
C GLU C 350 -7.64 -22.30 49.80
N LYS C 351 -8.95 -22.39 50.05
CA LYS C 351 -9.54 -22.10 51.36
C LYS C 351 -8.87 -22.90 52.47
N GLU C 352 -8.00 -23.84 52.08
CA GLU C 352 -7.44 -24.83 52.99
C GLU C 352 -6.52 -24.16 54.00
N LYS C 353 -5.51 -23.42 53.53
CA LYS C 353 -4.46 -22.95 54.43
C LYS C 353 -5.01 -21.98 55.46
N PHE C 354 -6.26 -21.52 55.27
CA PHE C 354 -6.84 -20.52 56.16
C PHE C 354 -8.03 -21.09 56.93
N ALA C 355 -8.04 -22.41 57.10
CA ALA C 355 -8.94 -23.08 58.02
C ALA C 355 -8.17 -23.45 59.29
N HIS C 356 -8.67 -22.97 60.44
CA HIS C 356 -8.02 -23.22 61.72
C HIS C 356 -8.98 -23.97 62.63
N GLU C 357 -8.48 -24.42 63.79
CA GLU C 357 -9.27 -25.19 64.74
C GLU C 357 -10.27 -24.27 65.43
N HIS C 358 -11.58 -24.54 65.23
CA HIS C 358 -12.65 -23.72 65.77
C HIS C 358 -14.00 -24.15 65.22
N GLU C 359 -15.06 -23.63 65.86
CA GLU C 359 -16.48 -23.82 65.57
C GLU C 359 -16.82 -23.41 64.13
N GLU C 360 -17.76 -24.15 63.53
CA GLU C 360 -18.42 -23.74 62.29
C GLU C 360 -19.55 -22.77 62.63
N MET C 361 -19.54 -21.58 62.02
CA MET C 361 -20.48 -20.52 62.37
C MET C 361 -21.11 -19.93 61.11
N LYS C 362 -22.39 -19.58 61.21
CA LYS C 362 -23.15 -19.12 60.07
C LYS C 362 -23.48 -17.64 60.26
N ASN C 363 -22.98 -17.07 61.37
CA ASN C 363 -23.35 -15.72 61.77
C ASN C 363 -22.10 -14.83 61.86
N LEU C 364 -22.09 -13.79 61.01
CA LEU C 364 -20.99 -12.85 60.88
C LEU C 364 -20.89 -11.99 62.15
N GLU C 365 -22.02 -11.39 62.53
CA GLU C 365 -22.16 -10.62 63.76
C GLU C 365 -21.47 -11.36 64.93
N ALA C 366 -21.59 -12.69 64.94
CA ALA C 366 -21.04 -13.54 65.99
C ALA C 366 -19.55 -13.79 65.80
N ILE C 367 -19.13 -13.98 64.53
CA ILE C 367 -17.74 -14.27 64.18
C ILE C 367 -16.86 -13.06 64.51
N VAL C 368 -17.45 -11.87 64.34
CA VAL C 368 -16.80 -10.59 64.64
C VAL C 368 -16.54 -10.51 66.15
N GLN C 369 -17.63 -10.60 66.93
CA GLN C 369 -17.62 -10.68 68.39
C GLN C 369 -16.56 -11.69 68.85
N GLU C 370 -16.43 -12.77 68.07
CA GLU C 370 -15.59 -13.92 68.39
C GLU C 370 -14.11 -13.57 68.25
N ILE C 371 -13.67 -13.14 67.06
CA ILE C 371 -12.25 -13.19 66.73
C ILE C 371 -11.53 -11.90 67.14
N LYS C 372 -12.29 -10.85 67.49
CA LYS C 372 -11.72 -9.57 67.92
C LYS C 372 -10.73 -9.08 66.88
N PRO C 373 -11.12 -8.91 65.59
CA PRO C 373 -10.17 -8.52 64.55
C PRO C 373 -9.79 -7.04 64.62
N THR C 374 -8.53 -6.70 64.27
CA THR C 374 -8.17 -5.31 64.08
C THR C 374 -8.71 -4.82 62.74
N ALA C 375 -8.48 -5.60 61.68
CA ALA C 375 -8.87 -5.21 60.33
C ALA C 375 -9.97 -6.12 59.80
N LEU C 376 -11.01 -5.51 59.23
CA LEU C 376 -12.17 -6.18 58.65
C LEU C 376 -12.25 -5.85 57.16
N ILE C 377 -12.27 -6.89 56.30
CA ILE C 377 -12.17 -6.69 54.86
C ILE C 377 -13.38 -7.29 54.15
N GLY C 378 -14.16 -6.44 53.49
CA GLY C 378 -15.39 -6.84 52.86
C GLY C 378 -15.22 -7.06 51.35
N VAL C 379 -15.29 -8.33 50.95
CA VAL C 379 -15.08 -8.77 49.58
C VAL C 379 -16.01 -9.97 49.32
N ALA C 380 -17.33 -9.71 49.36
CA ALA C 380 -18.35 -10.74 49.30
C ALA C 380 -19.58 -10.26 48.52
N ALA C 381 -19.60 -8.97 48.19
CA ALA C 381 -20.65 -8.40 47.36
C ALA C 381 -21.98 -8.37 48.09
N ILE C 382 -21.97 -8.68 49.40
CA ILE C 382 -23.18 -8.61 50.20
C ILE C 382 -23.38 -7.19 50.70
N GLY C 383 -24.33 -6.48 50.11
CA GLY C 383 -24.67 -5.11 50.49
C GLY C 383 -25.22 -5.04 51.91
N GLY C 384 -24.50 -4.36 52.81
CA GLY C 384 -24.96 -4.08 54.17
C GLY C 384 -24.47 -5.12 55.18
N ALA C 385 -23.44 -5.88 54.81
CA ALA C 385 -22.97 -7.00 55.59
C ALA C 385 -22.30 -6.54 56.89
N PHE C 386 -21.70 -5.33 56.88
CA PHE C 386 -21.20 -4.75 58.11
C PHE C 386 -22.32 -3.93 58.75
N SER C 387 -23.04 -4.55 59.68
CA SER C 387 -24.18 -3.92 60.31
C SER C 387 -23.70 -3.05 61.47
N GLU C 388 -24.59 -2.13 61.89
CA GLU C 388 -24.55 -1.43 63.16
C GLU C 388 -23.65 -2.18 64.14
N GLN C 389 -24.01 -3.45 64.37
CA GLN C 389 -23.51 -4.25 65.48
C GLN C 389 -22.02 -4.53 65.30
N ILE C 390 -21.69 -5.05 64.10
CA ILE C 390 -20.33 -5.34 63.68
C ILE C 390 -19.42 -4.13 63.98
N LEU C 391 -19.87 -2.96 63.50
CA LEU C 391 -19.09 -1.71 63.57
C LEU C 391 -18.92 -1.25 65.02
N LYS C 392 -20.05 -1.19 65.76
CA LYS C 392 -20.09 -0.90 67.18
C LYS C 392 -19.04 -1.77 67.91
N ASP C 393 -19.10 -3.07 67.63
CA ASP C 393 -18.15 -4.02 68.18
C ASP C 393 -16.73 -3.63 67.80
N MET C 394 -16.52 -3.43 66.49
CA MET C 394 -15.19 -3.19 65.94
C MET C 394 -14.57 -1.96 66.60
N ALA C 395 -15.40 -0.94 66.85
CA ALA C 395 -14.99 0.31 67.49
C ALA C 395 -14.75 0.08 68.98
N ALA C 396 -15.44 -0.91 69.56
CA ALA C 396 -15.23 -1.31 70.95
C ALA C 396 -13.86 -1.98 71.10
N PHE C 397 -13.59 -2.99 70.26
CA PHE C 397 -12.41 -3.83 70.40
C PHE C 397 -11.16 -3.07 69.99
N ASN C 398 -11.32 -1.99 69.21
CA ASN C 398 -10.16 -1.29 68.72
C ASN C 398 -10.31 0.22 68.89
N GLU C 399 -9.17 0.85 69.17
CA GLU C 399 -8.97 2.28 69.13
C GLU C 399 -9.48 2.82 67.79
N ARG C 400 -8.74 2.47 66.75
CA ARG C 400 -8.97 2.87 65.37
C ARG C 400 -9.12 1.58 64.54
N PRO C 401 -10.33 0.99 64.41
CA PRO C 401 -10.48 -0.25 63.65
C PRO C 401 -10.41 0.01 62.14
N ILE C 402 -9.53 -0.74 61.48
CA ILE C 402 -9.38 -0.73 60.02
C ILE C 402 -10.54 -1.50 59.37
N ILE C 403 -11.39 -0.80 58.60
CA ILE C 403 -12.54 -1.38 57.93
C ILE C 403 -12.50 -1.08 56.43
N PHE C 404 -12.48 -2.14 55.60
CA PHE C 404 -12.53 -1.97 54.15
C PHE C 404 -13.80 -2.57 53.57
N ALA C 405 -14.58 -1.72 52.88
CA ALA C 405 -15.82 -2.16 52.26
C ALA C 405 -15.61 -2.18 50.74
N LEU C 406 -14.94 -3.24 50.27
CA LEU C 406 -14.37 -3.24 48.93
C LEU C 406 -15.36 -3.65 47.85
N SER C 407 -16.56 -4.14 48.19
CA SER C 407 -17.44 -4.68 47.16
C SER C 407 -18.07 -3.58 46.33
N ASN C 408 -18.27 -3.84 45.03
CA ASN C 408 -18.69 -2.83 44.05
C ASN C 408 -19.99 -3.26 43.39
N PRO C 409 -20.89 -2.33 42.99
CA PRO C 409 -20.80 -0.91 43.34
C PRO C 409 -21.24 -0.60 44.77
N THR C 410 -21.57 0.67 45.02
CA THR C 410 -21.86 1.17 46.36
C THR C 410 -22.99 0.36 46.98
N SER C 411 -23.96 -0.03 46.14
CA SER C 411 -25.13 -0.76 46.61
C SER C 411 -24.77 -2.15 47.13
N LYS C 412 -23.54 -2.62 46.82
CA LYS C 412 -23.10 -3.92 47.28
C LYS C 412 -22.09 -3.78 48.41
N ALA C 413 -21.75 -2.53 48.76
CA ALA C 413 -20.76 -2.28 49.80
C ALA C 413 -21.24 -2.86 51.13
N GLU C 414 -20.31 -3.44 51.89
CA GLU C 414 -20.55 -3.99 53.21
C GLU C 414 -21.15 -2.93 54.13
N CYS C 415 -20.71 -1.67 53.99
CA CYS C 415 -21.32 -0.52 54.63
C CYS C 415 -20.87 0.76 53.91
N SER C 416 -21.66 1.82 54.11
CA SER C 416 -21.35 3.14 53.58
C SER C 416 -20.29 3.80 54.45
N ALA C 417 -19.69 4.87 53.93
CA ALA C 417 -18.78 5.73 54.68
C ALA C 417 -19.54 6.35 55.85
N GLU C 418 -20.71 6.91 55.55
CA GLU C 418 -21.64 7.50 56.50
C GLU C 418 -21.84 6.58 57.71
N GLN C 419 -22.37 5.36 57.49
CA GLN C 419 -22.69 4.45 58.59
C GLN C 419 -21.44 4.02 59.33
N CYS C 420 -20.33 3.84 58.61
CA CYS C 420 -19.14 3.33 59.27
C CYS C 420 -18.50 4.40 60.15
N TYR C 421 -18.70 5.67 59.78
CA TYR C 421 -18.15 6.78 60.54
C TYR C 421 -19.08 7.07 61.73
N LYS C 422 -20.38 7.28 61.45
CA LYS C 422 -21.39 7.52 62.47
C LYS C 422 -21.21 6.53 63.62
N ILE C 423 -21.22 5.23 63.29
CA ILE C 423 -21.35 4.19 64.29
C ILE C 423 -20.01 3.97 64.98
N THR C 424 -18.89 4.09 64.26
CA THR C 424 -17.62 3.91 64.96
C THR C 424 -17.19 5.21 65.64
N LYS C 425 -18.13 6.18 65.65
CA LYS C 425 -17.90 7.48 66.27
C LYS C 425 -16.57 8.06 65.77
N GLY C 426 -16.37 7.95 64.45
CA GLY C 426 -15.33 8.66 63.73
C GLY C 426 -13.92 8.07 63.85
N ARG C 427 -13.74 6.87 64.44
CA ARG C 427 -12.36 6.42 64.55
C ARG C 427 -12.03 5.17 63.72
N ALA C 428 -12.95 4.75 62.85
CA ALA C 428 -12.64 3.71 61.86
C ALA C 428 -11.73 4.28 60.78
N ILE C 429 -10.65 3.53 60.44
CA ILE C 429 -9.86 3.76 59.24
C ILE C 429 -10.53 2.99 58.10
N PHE C 430 -11.03 3.73 57.10
CA PHE C 430 -11.98 3.20 56.13
C PHE C 430 -11.54 3.48 54.70
N ALA C 431 -11.80 2.48 53.85
CA ALA C 431 -11.63 2.58 52.42
C ALA C 431 -12.68 1.70 51.76
N SER C 432 -13.04 2.06 50.52
CA SER C 432 -14.10 1.38 49.80
C SER C 432 -13.58 0.93 48.43
N GLY C 433 -14.38 0.07 47.77
CA GLY C 433 -14.22 -0.22 46.35
C GLY C 433 -14.74 0.94 45.51
N SER C 434 -15.99 1.36 45.76
CA SER C 434 -16.67 2.41 45.02
C SER C 434 -16.65 3.73 45.78
N PRO C 435 -16.59 4.90 45.10
CA PRO C 435 -16.38 6.17 45.80
C PRO C 435 -17.57 6.49 46.69
N PHE C 436 -17.26 6.88 47.93
CA PHE C 436 -18.26 7.51 48.76
C PHE C 436 -17.87 8.98 48.94
N ASP C 437 -18.89 9.81 49.14
CA ASP C 437 -18.69 11.23 49.39
C ASP C 437 -17.99 11.43 50.73
N PRO C 438 -17.21 12.50 50.91
CA PRO C 438 -16.64 12.80 52.23
C PRO C 438 -17.76 12.97 53.26
N VAL C 439 -17.45 12.57 54.50
CA VAL C 439 -18.42 12.60 55.58
C VAL C 439 -17.92 13.59 56.63
N THR C 440 -18.76 14.59 56.92
CA THR C 440 -18.51 15.52 58.01
C THR C 440 -19.48 15.19 59.13
N LEU C 441 -18.91 14.69 60.25
CA LEU C 441 -19.55 14.46 61.53
C LEU C 441 -20.16 15.77 62.06
N PRO C 442 -21.18 15.71 62.96
CA PRO C 442 -21.70 16.92 63.64
C PRO C 442 -20.73 17.81 64.43
N ASN C 443 -19.46 17.38 64.53
CA ASN C 443 -18.43 18.06 65.30
C ASN C 443 -17.39 18.71 64.37
N GLY C 444 -17.87 19.31 63.28
CA GLY C 444 -17.05 20.02 62.30
C GLY C 444 -15.75 19.27 61.95
N GLN C 445 -15.90 18.01 61.54
CA GLN C 445 -14.77 17.14 61.21
C GLN C 445 -15.15 16.34 59.97
N THR C 446 -14.31 16.45 58.93
CA THR C 446 -14.57 15.85 57.63
C THR C 446 -13.53 14.78 57.34
N LEU C 447 -14.02 13.56 57.07
CA LEU C 447 -13.14 12.47 56.67
C LEU C 447 -13.42 12.20 55.20
N TYR C 448 -12.37 11.79 54.47
CA TYR C 448 -12.33 11.78 53.01
C TYR C 448 -11.89 10.40 52.53
N PRO C 449 -12.72 9.34 52.71
CA PRO C 449 -12.26 7.96 52.51
C PRO C 449 -11.95 7.68 51.04
N GLY C 450 -10.78 7.11 50.76
CA GLY C 450 -10.36 6.77 49.41
C GLY C 450 -10.87 5.41 48.93
N GLN C 451 -10.68 5.10 47.64
CA GLN C 451 -11.00 3.79 47.08
C GLN C 451 -9.72 3.04 46.80
N GLY C 452 -9.77 1.72 47.01
CA GLY C 452 -8.67 0.85 46.63
C GLY C 452 -8.70 0.55 45.13
N ASN C 453 -8.49 1.59 44.33
CA ASN C 453 -8.68 1.51 42.90
C ASN C 453 -7.58 0.65 42.28
N ASN C 454 -7.98 -0.39 41.51
CA ASN C 454 -7.02 -1.27 40.87
C ASN C 454 -6.02 -0.48 40.02
N SER C 455 -6.45 0.67 39.49
CA SER C 455 -5.64 1.51 38.64
C SER C 455 -4.40 2.06 39.35
N TYR C 456 -4.34 1.96 40.68
CA TYR C 456 -3.14 2.45 41.35
C TYR C 456 -1.97 1.51 41.02
N VAL C 457 -2.29 0.31 40.55
CA VAL C 457 -1.32 -0.77 40.50
C VAL C 457 -0.90 -1.15 39.09
N PHE C 458 -1.85 -1.62 38.26
CA PHE C 458 -1.50 -2.27 36.99
C PHE C 458 -0.68 -1.37 36.06
N PRO C 459 -0.92 -0.04 35.96
CA PRO C 459 -0.21 0.76 34.95
C PRO C 459 1.29 0.84 35.22
N GLY C 460 1.65 1.11 36.48
CA GLY C 460 3.04 1.19 36.90
C GLY C 460 3.76 -0.17 36.90
N VAL C 461 3.05 -1.24 37.26
CA VAL C 461 3.61 -2.59 37.24
C VAL C 461 3.98 -2.96 35.81
N ALA C 462 3.03 -2.76 34.88
CA ALA C 462 3.22 -2.97 33.44
C ALA C 462 4.35 -2.10 32.90
N LEU C 463 4.40 -0.80 33.24
CA LEU C 463 5.44 0.11 32.75
C LEU C 463 6.83 -0.34 33.23
N GLY C 464 6.98 -0.50 34.55
CA GLY C 464 8.13 -1.10 35.20
C GLY C 464 8.63 -2.41 34.57
N VAL C 465 7.76 -3.43 34.51
CA VAL C 465 8.12 -4.76 34.01
C VAL C 465 8.63 -4.69 32.58
N VAL C 466 7.96 -3.91 31.73
CA VAL C 466 8.30 -3.80 30.31
C VAL C 466 9.57 -2.96 30.13
N ALA C 467 9.69 -1.84 30.85
CA ALA C 467 10.81 -0.92 30.69
C ALA C 467 12.15 -1.64 30.87
N CYS C 468 12.22 -2.61 31.79
CA CYS C 468 13.52 -3.20 32.12
C CYS C 468 13.62 -4.65 31.64
N GLY C 469 12.49 -5.18 31.13
CA GLY C 469 12.50 -6.49 30.49
C GLY C 469 12.49 -7.61 31.52
N LEU C 470 11.62 -7.48 32.52
CA LEU C 470 11.46 -8.53 33.49
C LEU C 470 10.66 -9.65 32.85
N ARG C 471 11.09 -10.91 33.07
CA ARG C 471 10.50 -12.05 32.39
C ARG C 471 9.38 -12.67 33.22
N GLN C 472 9.54 -12.66 34.54
CA GLN C 472 8.57 -13.20 35.48
C GLN C 472 8.11 -12.06 36.36
N ILE C 473 6.88 -12.14 36.87
CA ILE C 473 6.37 -11.08 37.72
C ILE C 473 6.03 -11.75 39.04
N THR C 474 6.94 -11.61 40.00
CA THR C 474 6.87 -12.31 41.28
C THR C 474 5.90 -11.58 42.20
N ASP C 475 5.42 -12.31 43.22
CA ASP C 475 4.75 -11.78 44.39
C ASP C 475 5.42 -10.51 44.90
N ASN C 476 6.75 -10.53 44.93
CA ASN C 476 7.49 -9.41 45.49
C ASN C 476 7.26 -8.12 44.72
N ILE C 477 6.97 -8.23 43.41
CA ILE C 477 6.73 -7.04 42.62
C ILE C 477 5.50 -6.34 43.18
N PHE C 478 4.48 -7.13 43.55
CA PHE C 478 3.22 -6.61 44.07
C PHE C 478 3.36 -6.01 45.48
N LEU C 479 4.24 -6.61 46.30
CA LEU C 479 4.42 -6.16 47.67
C LEU C 479 5.13 -4.80 47.65
N THR C 480 6.20 -4.73 46.86
CA THR C 480 7.02 -3.54 46.68
C THR C 480 6.14 -2.39 46.20
N THR C 481 5.31 -2.66 45.19
CA THR C 481 4.39 -1.69 44.63
C THR C 481 3.44 -1.15 45.70
N ALA C 482 2.89 -2.03 46.54
CA ALA C 482 2.01 -1.65 47.63
C ALA C 482 2.72 -0.70 48.59
N GLU C 483 4.00 -0.99 48.88
CA GLU C 483 4.81 -0.12 49.72
C GLU C 483 5.01 1.23 49.04
N VAL C 484 5.18 1.22 47.72
CA VAL C 484 5.41 2.46 47.00
C VAL C 484 4.15 3.31 47.05
N ILE C 485 2.97 2.67 46.87
CA ILE C 485 1.71 3.40 46.90
C ILE C 485 1.54 4.09 48.26
N ALA C 486 1.65 3.30 49.33
CA ALA C 486 1.53 3.79 50.71
C ALA C 486 2.51 4.91 50.98
N GLN C 487 3.73 4.76 50.47
CA GLN C 487 4.75 5.78 50.65
C GLN C 487 4.28 7.13 50.09
N GLN C 488 3.38 7.12 49.10
CA GLN C 488 2.99 8.36 48.43
C GLN C 488 1.87 9.06 49.17
N VAL C 489 1.29 8.41 50.18
CA VAL C 489 0.24 9.03 50.98
C VAL C 489 0.92 9.94 52.02
N SER C 490 0.54 11.22 52.03
CA SER C 490 1.10 12.17 52.99
C SER C 490 0.50 11.93 54.37
N ASP C 491 1.22 12.39 55.41
CA ASP C 491 0.70 12.39 56.77
C ASP C 491 -0.61 13.16 56.85
N LYS C 492 -0.71 14.26 56.10
CA LYS C 492 -1.91 15.07 56.11
C LYS C 492 -3.08 14.31 55.48
N HIS C 493 -2.80 13.50 54.46
CA HIS C 493 -3.82 12.66 53.86
C HIS C 493 -4.35 11.66 54.89
N LEU C 494 -3.42 11.10 55.68
CA LEU C 494 -3.79 10.12 56.67
C LEU C 494 -4.72 10.73 57.72
N GLU C 495 -4.45 11.99 58.09
CA GLU C 495 -5.26 12.64 59.11
C GLU C 495 -6.66 12.94 58.58
N GLU C 496 -6.76 13.16 57.27
CA GLU C 496 -8.03 13.40 56.59
C GLU C 496 -8.74 12.08 56.33
N GLY C 497 -8.06 10.97 56.69
CA GLY C 497 -8.65 9.64 56.64
C GLY C 497 -8.50 8.98 55.27
N ARG C 498 -7.52 9.45 54.49
CA ARG C 498 -7.24 8.97 53.15
C ARG C 498 -6.11 7.95 53.20
N LEU C 499 -6.38 6.73 52.70
CA LEU C 499 -5.36 5.69 52.63
C LEU C 499 -4.70 5.58 51.25
N TYR C 500 -5.09 6.42 50.29
CA TYR C 500 -4.53 6.31 48.94
C TYR C 500 -4.14 7.69 48.43
N PRO C 501 -3.11 7.83 47.55
CA PRO C 501 -2.76 9.14 46.99
C PRO C 501 -3.95 9.64 46.17
N PRO C 502 -4.01 10.94 45.80
CA PRO C 502 -5.16 11.44 45.02
C PRO C 502 -5.17 10.74 43.67
N LEU C 503 -6.36 10.39 43.16
CA LEU C 503 -6.47 9.78 41.84
C LEU C 503 -5.82 10.63 40.76
N ASN C 504 -5.86 11.97 40.90
CA ASN C 504 -5.34 12.82 39.85
C ASN C 504 -3.82 12.80 39.81
N THR C 505 -3.18 12.11 40.77
CA THR C 505 -1.74 12.00 40.71
C THR C 505 -1.30 10.65 40.14
N ILE C 506 -2.22 9.88 39.53
CA ILE C 506 -1.98 8.48 39.19
C ILE C 506 -0.78 8.31 38.25
N ARG C 507 -0.61 9.27 37.32
CA ARG C 507 0.49 9.23 36.37
C ARG C 507 1.80 9.20 37.17
N ASP C 508 1.86 10.01 38.24
CA ASP C 508 3.05 10.10 39.08
C ASP C 508 3.20 8.84 39.95
N VAL C 509 2.10 8.37 40.54
CA VAL C 509 2.16 7.11 41.26
C VAL C 509 2.72 6.01 40.36
N SER C 510 2.15 5.87 39.15
CA SER C 510 2.59 4.88 38.18
C SER C 510 4.09 5.00 37.91
N LEU C 511 4.59 6.23 37.76
CA LEU C 511 6.00 6.40 37.44
C LEU C 511 6.84 5.90 38.63
N LYS C 512 6.36 6.11 39.85
CA LYS C 512 7.15 5.78 41.03
C LYS C 512 7.20 4.27 41.19
N ILE C 513 6.06 3.62 41.00
CA ILE C 513 6.01 2.16 41.04
C ILE C 513 7.03 1.62 40.03
N ALA C 514 6.98 2.17 38.80
CA ALA C 514 7.81 1.70 37.71
C ALA C 514 9.29 1.93 38.02
N GLU C 515 9.63 3.09 38.60
CA GLU C 515 11.03 3.36 38.91
C GLU C 515 11.54 2.33 39.93
N LYS C 516 10.69 2.02 40.92
CA LYS C 516 11.12 1.06 41.92
C LYS C 516 11.40 -0.29 41.26
N ILE C 517 10.45 -0.77 40.46
CA ILE C 517 10.58 -2.07 39.82
C ILE C 517 11.89 -2.13 39.01
N VAL C 518 12.21 -1.04 38.32
CA VAL C 518 13.37 -0.99 37.44
C VAL C 518 14.66 -1.02 38.25
N LYS C 519 14.74 -0.13 39.24
CA LYS C 519 15.89 -0.01 40.12
C LYS C 519 16.15 -1.36 40.76
N ASP C 520 15.08 -1.97 41.26
CA ASP C 520 15.14 -3.28 41.89
C ASP C 520 15.74 -4.32 40.93
N ALA C 521 15.20 -4.38 39.71
CA ALA C 521 15.53 -5.42 38.77
C ALA C 521 17.01 -5.36 38.39
N TYR C 522 17.56 -4.13 38.29
CA TYR C 522 18.97 -3.93 37.98
C TYR C 522 19.84 -4.30 39.18
N GLN C 523 19.34 -4.02 40.39
CA GLN C 523 20.01 -4.41 41.62
C GLN C 523 20.08 -5.94 41.70
N GLU C 524 18.94 -6.61 41.51
CA GLU C 524 18.93 -8.05 41.70
C GLU C 524 19.21 -8.78 40.39
N LYS C 525 19.57 -8.02 39.35
CA LYS C 525 20.00 -8.52 38.06
C LYS C 525 18.94 -9.44 37.45
N THR C 526 17.68 -8.98 37.49
CA THR C 526 16.59 -9.71 36.84
C THR C 526 16.18 -8.99 35.56
N ALA C 527 16.70 -7.77 35.37
CA ALA C 527 16.45 -6.97 34.19
C ALA C 527 17.09 -7.67 32.99
N THR C 528 16.55 -7.44 31.79
CA THR C 528 17.14 -8.06 30.59
C THR C 528 17.48 -6.98 29.58
N VAL C 529 17.24 -5.72 29.93
CA VAL C 529 17.54 -4.64 29.01
C VAL C 529 18.93 -4.09 29.34
N TYR C 530 19.85 -4.17 28.37
CA TYR C 530 21.21 -3.64 28.53
C TYR C 530 21.58 -2.71 27.38
N PRO C 531 22.55 -1.78 27.55
CA PRO C 531 23.28 -1.63 28.82
C PRO C 531 22.41 -1.02 29.92
N GLU C 532 22.87 -1.13 31.17
CA GLU C 532 22.13 -0.58 32.29
C GLU C 532 22.10 0.94 32.17
N PRO C 533 20.94 1.59 32.42
CA PRO C 533 20.88 3.05 32.41
C PRO C 533 21.55 3.63 33.65
N GLN C 534 22.23 4.78 33.46
CA GLN C 534 22.87 5.53 34.52
C GLN C 534 21.82 6.03 35.50
N ASN C 535 20.71 6.53 34.94
CA ASN C 535 19.66 7.23 35.67
C ASN C 535 18.33 6.54 35.36
N LYS C 536 17.84 5.77 36.34
CA LYS C 536 16.67 4.93 36.11
C LYS C 536 15.43 5.76 35.83
N GLU C 537 15.29 6.89 36.55
CA GLU C 537 14.20 7.81 36.36
C GLU C 537 14.11 8.27 34.91
N ALA C 538 15.18 8.89 34.40
CA ALA C 538 15.20 9.40 33.04
C ALA C 538 14.80 8.29 32.07
N PHE C 539 15.18 7.06 32.42
CA PHE C 539 15.04 5.92 31.52
C PHE C 539 13.58 5.54 31.41
N VAL C 540 12.93 5.38 32.56
CA VAL C 540 11.50 5.09 32.61
C VAL C 540 10.76 6.21 31.89
N ARG C 541 11.13 7.47 32.18
CA ARG C 541 10.46 8.61 31.59
C ARG C 541 10.57 8.58 30.07
N SER C 542 11.71 8.11 29.57
CA SER C 542 11.95 8.08 28.14
C SER C 542 11.13 6.97 27.48
N GLN C 543 10.66 5.99 28.28
CA GLN C 543 9.89 4.86 27.81
C GLN C 543 8.40 5.24 27.76
N MET C 544 8.06 6.41 28.30
CA MET C 544 6.65 6.70 28.49
C MET C 544 6.11 7.46 27.28
N TYR C 545 4.91 7.05 26.83
CA TYR C 545 4.18 7.68 25.75
C TYR C 545 3.81 9.11 26.16
N SER C 546 4.09 10.07 25.27
CA SER C 546 3.60 11.43 25.35
C SER C 546 2.29 11.58 24.60
N THR C 547 1.44 12.51 25.04
CA THR C 547 0.26 12.84 24.27
C THR C 547 0.56 13.90 23.22
N ASP C 548 1.81 14.37 23.13
CA ASP C 548 2.19 15.31 22.09
C ASP C 548 2.26 14.55 20.77
N TYR C 549 1.84 15.20 19.66
CA TYR C 549 1.90 14.60 18.34
C TYR C 549 3.35 14.31 17.97
N ASP C 550 3.55 13.28 17.16
CA ASP C 550 4.87 13.03 16.61
C ASP C 550 5.00 13.81 15.31
N GLN C 551 6.23 14.20 14.98
CA GLN C 551 6.43 14.64 13.60
C GLN C 551 6.54 13.38 12.75
N ILE C 552 5.86 13.39 11.59
CA ILE C 552 5.83 12.21 10.73
C ILE C 552 6.38 12.55 9.36
N LEU C 553 6.55 13.85 9.10
CA LEU C 553 7.18 14.39 7.90
C LEU C 553 8.52 13.72 7.68
N PRO C 554 9.02 13.64 6.43
CA PRO C 554 10.36 13.08 6.19
C PRO C 554 11.39 14.09 6.65
N ASP C 555 12.52 13.54 7.12
CA ASP C 555 13.70 14.29 7.50
C ASP C 555 14.27 14.99 6.26
N CYS C 556 14.14 16.32 6.18
CA CYS C 556 14.72 17.05 5.05
C CYS C 556 15.89 17.92 5.49
N TYR C 557 17.01 17.82 4.78
CA TYR C 557 18.25 18.50 5.11
C TYR C 557 19.14 18.52 3.88
N SER C 558 19.91 19.62 3.72
CA SER C 558 20.69 19.74 2.51
C SER C 558 22.08 19.12 2.71
N TRP C 559 22.77 18.85 1.61
CA TRP C 559 24.19 18.53 1.59
C TRP C 559 24.93 19.72 0.99
N PRO C 560 26.27 19.85 1.14
CA PRO C 560 27.00 20.95 0.51
C PRO C 560 26.77 20.97 -1.01
N GLU C 561 26.63 22.19 -1.54
CA GLU C 561 26.15 22.43 -2.89
C GLU C 561 26.90 21.56 -3.88
N GLU C 562 28.21 21.44 -3.68
CA GLU C 562 29.06 20.76 -4.64
C GLU C 562 28.73 19.28 -4.77
N VAL C 563 28.28 18.65 -3.67
CA VAL C 563 28.00 17.22 -3.77
C VAL C 563 26.52 16.98 -4.07
N GLN C 564 25.70 18.04 -3.98
CA GLN C 564 24.26 17.96 -4.11
C GLN C 564 23.82 18.24 -5.54
N LYS C 565 24.73 18.81 -6.34
CA LYS C 565 24.43 19.25 -7.70
C LYS C 565 24.09 18.05 -8.59
N ILE C 566 23.20 18.27 -9.56
CA ILE C 566 22.97 17.28 -10.60
C ILE C 566 24.13 17.34 -11.60
N GLN C 567 24.81 16.22 -11.81
CA GLN C 567 25.95 16.09 -12.72
C GLN C 567 25.48 16.01 -14.17
N THR C 568 26.12 16.81 -15.03
CA THR C 568 26.04 16.83 -16.50
C THR C 568 27.46 17.04 -17.03
N LYS C 569 27.62 17.74 -18.17
CA LYS C 569 28.81 18.53 -18.48
C LYS C 569 28.53 19.44 -19.69
N PRO D 6 -24.66 -11.42 -8.28
CA PRO D 6 -23.94 -10.29 -7.68
C PRO D 6 -23.13 -9.47 -8.68
N ARG D 7 -22.31 -8.55 -8.17
CA ARG D 7 -21.36 -7.75 -8.93
C ARG D 7 -19.97 -7.94 -8.31
N ARG D 8 -18.91 -7.95 -9.14
CA ARG D 8 -17.59 -8.30 -8.66
C ARG D 8 -16.65 -7.10 -8.72
N ARG D 9 -16.00 -6.80 -7.59
CA ARG D 9 -15.05 -5.71 -7.48
C ARG D 9 -13.76 -6.25 -6.85
N HIS D 10 -12.79 -6.64 -7.67
CA HIS D 10 -11.60 -7.36 -7.18
C HIS D 10 -10.56 -6.38 -6.64
N THR D 11 -10.48 -6.26 -5.30
CA THR D 11 -9.55 -5.35 -4.62
C THR D 11 -8.20 -6.01 -4.36
N HIS D 12 -7.14 -5.20 -4.38
CA HIS D 12 -5.80 -5.60 -3.93
C HIS D 12 -5.60 -5.26 -2.46
N GLN D 13 -6.54 -4.52 -1.85
CA GLN D 13 -6.39 -4.12 -0.44
C GLN D 13 -6.55 -5.37 0.43
N ARG D 14 -5.81 -5.41 1.56
CA ARG D 14 -5.83 -6.52 2.50
C ARG D 14 -5.51 -6.03 3.91
N GLY D 15 -6.00 -6.77 4.92
CA GLY D 15 -5.58 -6.51 6.29
C GLY D 15 -6.32 -5.29 6.83
N TYR D 16 -5.81 -4.71 7.92
CA TYR D 16 -6.52 -3.66 8.64
C TYR D 16 -7.02 -2.58 7.69
N LEU D 17 -6.16 -2.13 6.77
CA LEU D 17 -6.46 -0.93 6.00
C LEU D 17 -7.70 -1.14 5.12
N LEU D 18 -7.97 -2.39 4.72
CA LEU D 18 -9.16 -2.71 3.94
C LEU D 18 -10.40 -2.34 4.75
N THR D 19 -10.40 -2.64 6.05
CA THR D 19 -11.55 -2.38 6.91
C THR D 19 -11.80 -0.88 7.08
N ARG D 20 -10.78 -0.08 6.75
CA ARG D 20 -10.87 1.35 6.92
C ARG D 20 -11.42 2.00 5.66
N ASN D 21 -11.70 1.21 4.60
CA ASN D 21 -12.23 1.79 3.38
C ASN D 21 -13.74 1.56 3.33
N PRO D 22 -14.59 2.59 3.48
CA PRO D 22 -16.03 2.37 3.60
C PRO D 22 -16.68 1.75 2.35
N HIS D 23 -15.94 1.72 1.23
CA HIS D 23 -16.46 1.04 0.04
C HIS D 23 -16.16 -0.46 0.04
N LEU D 24 -15.19 -0.91 0.86
CA LEU D 24 -14.79 -2.30 0.86
C LEU D 24 -15.34 -3.02 2.09
N ASN D 25 -15.51 -2.27 3.17
CA ASN D 25 -15.83 -2.81 4.49
C ASN D 25 -17.27 -3.31 4.56
N LYS D 26 -17.44 -4.60 4.92
CA LYS D 26 -18.76 -5.16 5.19
C LYS D 26 -18.97 -5.35 6.69
N ASP D 27 -17.96 -5.10 7.53
CA ASP D 27 -18.05 -5.48 8.95
C ASP D 27 -18.46 -6.95 9.06
N LEU D 28 -19.51 -7.17 9.86
CA LEU D 28 -19.86 -8.50 10.31
C LEU D 28 -20.44 -9.32 9.16
N ALA D 29 -20.78 -8.65 8.06
CA ALA D 29 -21.27 -9.35 6.89
C ALA D 29 -20.14 -10.02 6.11
N PHE D 30 -18.86 -9.73 6.45
CA PHE D 30 -17.84 -10.49 5.77
C PHE D 30 -17.93 -11.95 6.21
N THR D 31 -17.96 -12.89 5.26
CA THR D 31 -17.95 -14.32 5.60
C THR D 31 -16.56 -14.71 6.14
N LEU D 32 -16.48 -15.91 6.74
CA LEU D 32 -15.26 -16.42 7.31
C LEU D 32 -14.25 -16.58 6.17
N GLU D 33 -14.73 -17.06 5.01
CA GLU D 33 -13.86 -17.23 3.86
C GLU D 33 -13.32 -15.86 3.43
N GLU D 34 -14.21 -14.88 3.32
CA GLU D 34 -13.83 -13.54 2.93
C GLU D 34 -12.80 -12.99 3.92
N ARG D 35 -13.04 -13.23 5.21
CA ARG D 35 -12.15 -12.75 6.27
C ARG D 35 -10.73 -13.33 6.13
N GLN D 36 -10.65 -14.67 5.98
CA GLN D 36 -9.36 -15.33 5.91
C GLN D 36 -8.62 -14.86 4.65
N GLN D 37 -9.35 -14.71 3.54
CA GLN D 37 -8.76 -14.36 2.27
C GLN D 37 -8.30 -12.90 2.20
N LEU D 38 -8.97 -12.05 2.99
CA LEU D 38 -8.65 -10.63 3.00
C LEU D 38 -7.65 -10.26 4.11
N ASN D 39 -7.13 -11.28 4.82
CA ASN D 39 -6.18 -11.13 5.90
C ASN D 39 -6.77 -10.30 7.04
N ILE D 40 -8.09 -10.43 7.29
CA ILE D 40 -8.68 -9.63 8.37
C ILE D 40 -9.29 -10.52 9.43
N HIS D 41 -9.09 -11.85 9.35
CA HIS D 41 -9.71 -12.75 10.29
C HIS D 41 -9.11 -12.54 11.68
N GLY D 42 -9.97 -12.22 12.64
CA GLY D 42 -9.52 -11.84 13.98
C GLY D 42 -9.83 -10.37 14.28
N LEU D 43 -9.96 -9.55 13.23
CA LEU D 43 -10.21 -8.14 13.44
C LEU D 43 -11.70 -7.90 13.71
N LEU D 44 -12.51 -8.96 13.58
CA LEU D 44 -13.94 -8.80 13.80
C LEU D 44 -14.40 -9.85 14.80
N PRO D 45 -15.49 -9.60 15.53
CA PRO D 45 -16.07 -10.62 16.40
C PRO D 45 -16.61 -11.77 15.57
N PRO D 46 -16.72 -12.97 16.16
CA PRO D 46 -16.89 -14.21 15.39
C PRO D 46 -18.32 -14.62 15.08
N SER D 47 -19.12 -13.67 14.58
CA SER D 47 -20.46 -13.92 14.09
C SER D 47 -20.59 -13.33 12.70
N PHE D 48 -21.45 -13.94 11.90
CA PHE D 48 -21.61 -13.62 10.50
C PHE D 48 -23.03 -13.13 10.29
N ASN D 49 -23.17 -11.88 9.86
CA ASN D 49 -24.47 -11.24 9.84
C ASN D 49 -24.85 -11.04 8.39
N SER D 50 -26.12 -11.28 8.06
CA SER D 50 -26.72 -10.85 6.81
C SER D 50 -26.93 -9.35 6.89
N GLN D 51 -27.01 -8.72 5.73
CA GLN D 51 -27.25 -7.29 5.66
C GLN D 51 -28.49 -6.91 6.50
N GLU D 52 -29.55 -7.73 6.43
CA GLU D 52 -30.77 -7.44 7.16
C GLU D 52 -30.50 -7.38 8.67
N ILE D 53 -29.69 -8.30 9.18
CA ILE D 53 -29.36 -8.28 10.60
C ILE D 53 -28.60 -6.98 10.95
N GLN D 54 -27.67 -6.59 10.06
CA GLN D 54 -26.94 -5.34 10.20
C GLN D 54 -27.92 -4.17 10.29
N VAL D 55 -28.94 -4.16 9.43
CA VAL D 55 -29.91 -3.07 9.43
C VAL D 55 -30.65 -3.04 10.76
N LEU D 56 -31.02 -4.23 11.26
CA LEU D 56 -31.74 -4.32 12.53
C LEU D 56 -30.95 -3.68 13.69
N ARG D 57 -29.64 -4.00 13.80
CA ARG D 57 -28.77 -3.37 14.78
C ARG D 57 -28.81 -1.85 14.60
N VAL D 58 -28.65 -1.36 13.37
CA VAL D 58 -28.57 0.09 13.19
C VAL D 58 -29.90 0.73 13.63
N VAL D 59 -31.00 0.18 13.15
CA VAL D 59 -32.30 0.80 13.38
C VAL D 59 -32.63 0.81 14.88
N LYS D 60 -32.34 -0.29 15.59
CA LYS D 60 -32.48 -0.31 17.05
C LYS D 60 -31.73 0.84 17.69
N ASN D 61 -30.48 1.07 17.26
CA ASN D 61 -29.71 2.18 17.82
C ASN D 61 -30.40 3.51 17.53
N PHE D 62 -30.81 3.68 16.25
CA PHE D 62 -31.51 4.87 15.78
C PHE D 62 -32.77 5.17 16.60
N GLU D 63 -33.52 4.12 16.99
CA GLU D 63 -34.79 4.32 17.70
C GLU D 63 -34.61 4.67 19.18
N HIS D 64 -33.45 4.32 19.76
CA HIS D 64 -33.15 4.63 21.14
C HIS D 64 -32.66 6.06 21.34
N LEU D 65 -32.28 6.75 20.25
CA LEU D 65 -31.72 8.10 20.35
C LEU D 65 -32.85 9.08 20.64
N ASN D 66 -32.48 10.29 21.10
CA ASN D 66 -33.44 11.23 21.65
C ASN D 66 -33.75 12.38 20.70
N SER D 67 -32.89 12.57 19.69
CA SER D 67 -33.03 13.70 18.81
C SER D 67 -32.71 13.29 17.37
N ASP D 68 -33.28 14.04 16.40
CA ASP D 68 -32.95 13.85 15.00
C ASP D 68 -31.49 14.22 14.76
N PHE D 69 -30.97 15.18 15.53
CA PHE D 69 -29.57 15.52 15.41
C PHE D 69 -28.70 14.31 15.73
N ASP D 70 -29.01 13.61 16.83
CA ASP D 70 -28.25 12.44 17.24
C ASP D 70 -28.35 11.34 16.20
N ARG D 71 -29.53 11.21 15.59
CA ARG D 71 -29.78 10.24 14.52
C ARG D 71 -28.93 10.55 13.28
N TYR D 72 -28.79 11.85 12.99
CA TYR D 72 -27.97 12.29 11.87
C TYR D 72 -26.52 11.87 12.12
N LEU D 73 -26.03 12.08 13.33
CA LEU D 73 -24.64 11.76 13.63
C LEU D 73 -24.40 10.25 13.52
N LEU D 74 -25.38 9.47 14.01
CA LEU D 74 -25.32 8.02 13.92
C LEU D 74 -25.23 7.57 12.46
N LEU D 75 -26.04 8.15 11.58
CA LEU D 75 -26.07 7.69 10.19
C LEU D 75 -24.83 8.18 9.46
N MET D 76 -24.31 9.34 9.86
CA MET D 76 -23.13 9.87 9.20
C MET D 76 -21.88 9.07 9.58
N ASP D 77 -21.84 8.64 10.84
CA ASP D 77 -20.83 7.69 11.30
C ASP D 77 -20.94 6.37 10.52
N LEU D 78 -22.17 5.86 10.28
CA LEU D 78 -22.38 4.68 9.44
C LEU D 78 -21.83 4.89 8.03
N GLN D 79 -22.13 6.04 7.39
CA GLN D 79 -21.71 6.32 6.03
C GLN D 79 -20.20 6.21 5.91
N ASP D 80 -19.50 6.61 6.96
CA ASP D 80 -18.05 6.68 6.91
C ASP D 80 -17.40 5.38 7.36
N ARG D 81 -18.18 4.32 7.57
CA ARG D 81 -17.63 3.05 8.00
C ARG D 81 -18.05 1.94 7.02
N ASN D 82 -19.29 2.03 6.52
CA ASN D 82 -19.83 0.95 5.70
C ASN D 82 -20.87 1.57 4.77
N GLU D 83 -20.41 1.95 3.58
CA GLU D 83 -21.21 2.69 2.63
C GLU D 83 -22.44 1.86 2.18
N LYS D 84 -22.24 0.59 1.89
CA LYS D 84 -23.35 -0.20 1.40
C LYS D 84 -24.44 -0.33 2.46
N LEU D 85 -24.06 -0.57 3.71
CA LEU D 85 -25.04 -0.69 4.79
C LEU D 85 -25.76 0.65 5.00
N PHE D 86 -24.99 1.74 4.90
CA PHE D 86 -25.56 3.08 4.96
C PHE D 86 -26.71 3.23 3.97
N TYR D 87 -26.45 2.87 2.69
CA TYR D 87 -27.44 3.00 1.63
C TYR D 87 -28.60 2.00 1.81
N ARG D 88 -28.28 0.75 2.16
CA ARG D 88 -29.30 -0.20 2.59
C ARG D 88 -30.23 0.40 3.62
N VAL D 89 -29.69 1.07 4.65
CA VAL D 89 -30.50 1.65 5.71
C VAL D 89 -31.40 2.75 5.15
N LEU D 90 -30.79 3.72 4.46
CA LEU D 90 -31.52 4.82 3.87
C LEU D 90 -32.69 4.31 3.03
N THR D 91 -32.44 3.31 2.19
CA THR D 91 -33.39 2.89 1.18
C THR D 91 -34.43 1.98 1.79
N SER D 92 -34.15 1.49 3.00
CA SER D 92 -35.17 0.67 3.64
C SER D 92 -36.38 1.51 4.02
N ASP D 93 -36.19 2.82 4.24
CA ASP D 93 -37.33 3.67 4.57
C ASP D 93 -36.97 5.12 4.24
N ILE D 94 -37.06 5.45 2.96
CA ILE D 94 -36.52 6.71 2.48
C ILE D 94 -37.29 7.88 3.10
N GLU D 95 -38.58 7.67 3.37
CA GLU D 95 -39.39 8.76 3.90
C GLU D 95 -38.93 9.07 5.33
N LYS D 96 -38.52 8.02 6.04
CA LYS D 96 -38.09 8.16 7.42
C LYS D 96 -36.68 8.76 7.48
N PHE D 97 -35.78 8.31 6.59
CA PHE D 97 -34.37 8.63 6.77
C PHE D 97 -33.96 9.87 6.00
N MET D 98 -34.62 10.13 4.85
CA MET D 98 -34.32 11.32 4.07
C MET D 98 -34.29 12.59 4.93
N PRO D 99 -35.29 12.84 5.82
CA PRO D 99 -35.32 14.06 6.62
C PRO D 99 -34.27 14.07 7.73
N ILE D 100 -33.63 12.92 7.96
CA ILE D 100 -32.52 12.87 8.92
C ILE D 100 -31.20 13.20 8.21
N VAL D 101 -30.92 12.60 7.03
CA VAL D 101 -29.64 12.89 6.38
C VAL D 101 -29.67 14.20 5.58
N TYR D 102 -30.87 14.63 5.18
CA TYR D 102 -31.00 15.91 4.50
C TYR D 102 -31.96 16.82 5.28
N THR D 103 -32.82 17.57 4.58
CA THR D 103 -33.62 18.59 5.23
C THR D 103 -34.78 17.95 5.99
N PRO D 104 -35.14 18.47 7.19
CA PRO D 104 -34.46 19.63 7.77
C PRO D 104 -33.26 19.43 8.71
N THR D 105 -32.94 18.19 9.08
CA THR D 105 -31.92 17.94 10.10
C THR D 105 -30.56 18.48 9.66
N VAL D 106 -30.24 18.37 8.35
CA VAL D 106 -28.95 18.76 7.83
C VAL D 106 -28.74 20.25 8.03
N GLY D 107 -29.85 21.01 8.14
CA GLY D 107 -29.76 22.42 8.44
C GLY D 107 -29.04 22.65 9.77
N LEU D 108 -29.52 21.95 10.79
CA LEU D 108 -28.92 22.03 12.10
C LEU D 108 -27.47 21.49 12.08
N ALA D 109 -27.25 20.38 11.35
CA ALA D 109 -25.90 19.85 11.18
C ALA D 109 -24.95 20.95 10.67
N CYS D 110 -25.39 21.72 9.69
CA CYS D 110 -24.54 22.75 9.12
C CYS D 110 -24.30 23.88 10.13
N GLN D 111 -25.33 24.28 10.87
CA GLN D 111 -25.10 25.27 11.92
C GLN D 111 -24.07 24.77 12.93
N GLN D 112 -24.04 23.46 13.19
CA GLN D 112 -23.24 22.91 14.27
C GLN D 112 -21.98 22.22 13.74
N TYR D 113 -21.64 22.48 12.47
CA TYR D 113 -20.73 21.60 11.76
C TYR D 113 -19.34 21.68 12.38
N SER D 114 -18.93 22.91 12.75
CA SER D 114 -17.63 23.15 13.34
C SER D 114 -17.54 22.57 14.74
N LEU D 115 -18.67 22.47 15.43
CA LEU D 115 -18.65 21.91 16.77
C LEU D 115 -18.56 20.39 16.70
N VAL D 116 -19.35 19.78 15.80
CA VAL D 116 -19.48 18.33 15.80
C VAL D 116 -18.50 17.69 14.81
N PHE D 117 -17.73 18.51 14.11
CA PHE D 117 -16.81 18.00 13.11
C PHE D 117 -16.00 16.83 13.68
N ARG D 118 -16.19 15.65 13.08
CA ARG D 118 -15.62 14.39 13.52
C ARG D 118 -14.70 13.85 12.43
N LYS D 119 -15.23 12.98 11.55
CA LYS D 119 -14.41 12.56 10.43
C LYS D 119 -14.83 13.31 9.17
N PRO D 120 -13.87 13.91 8.45
CA PRO D 120 -14.19 14.72 7.28
C PRO D 120 -14.89 13.90 6.21
N ARG D 121 -15.67 14.59 5.38
CA ARG D 121 -16.21 14.04 4.14
C ARG D 121 -16.06 15.12 3.08
N GLY D 122 -15.72 14.71 1.86
CA GLY D 122 -15.75 15.66 0.75
C GLY D 122 -14.41 16.37 0.63
N LEU D 123 -14.32 17.22 -0.38
CA LEU D 123 -13.10 17.94 -0.69
C LEU D 123 -13.32 19.43 -0.40
N PHE D 124 -12.31 20.04 0.25
CA PHE D 124 -12.26 21.43 0.62
C PHE D 124 -11.23 22.16 -0.24
N ILE D 125 -11.71 23.15 -1.01
CA ILE D 125 -10.90 23.92 -1.95
C ILE D 125 -11.05 25.41 -1.61
N THR D 126 -9.94 26.08 -1.26
CA THR D 126 -10.02 27.47 -0.86
C THR D 126 -9.51 28.41 -1.95
N ILE D 127 -9.92 29.68 -1.83
CA ILE D 127 -9.42 30.75 -2.68
C ILE D 127 -7.88 30.74 -2.62
N HIS D 128 -7.30 30.30 -1.49
CA HIS D 128 -5.85 30.28 -1.33
C HIS D 128 -5.17 29.15 -2.09
N ASP D 129 -5.95 28.22 -2.67
CA ASP D 129 -5.45 27.15 -3.51
C ASP D 129 -5.54 27.54 -4.98
N ARG D 130 -5.95 28.79 -5.22
CA ARG D 130 -5.98 29.34 -6.57
C ARG D 130 -4.64 29.08 -7.24
N GLY D 131 -4.68 28.59 -8.48
CA GLY D 131 -3.47 28.26 -9.19
C GLY D 131 -3.03 26.81 -8.95
N HIS D 132 -3.63 26.15 -7.95
CA HIS D 132 -3.23 24.79 -7.60
C HIS D 132 -4.43 23.85 -7.42
N ILE D 133 -5.61 24.18 -7.98
CA ILE D 133 -6.80 23.37 -7.75
C ILE D 133 -6.58 21.93 -8.25
N ALA D 134 -5.93 21.80 -9.41
CA ALA D 134 -5.55 20.51 -9.95
C ALA D 134 -4.90 19.66 -8.87
N SER D 135 -3.96 20.23 -8.13
CA SER D 135 -3.24 19.38 -7.20
C SER D 135 -4.07 19.03 -5.96
N VAL D 136 -5.06 19.87 -5.62
CA VAL D 136 -5.99 19.55 -4.54
C VAL D 136 -6.88 18.35 -4.93
N LEU D 137 -7.34 18.29 -6.19
CA LEU D 137 -8.12 17.17 -6.73
C LEU D 137 -7.38 15.86 -6.51
N ASN D 138 -6.05 15.91 -6.53
CA ASN D 138 -5.21 14.73 -6.49
C ASN D 138 -5.36 14.05 -5.13
N ALA D 139 -5.86 14.76 -4.10
CA ALA D 139 -6.00 14.14 -2.79
C ALA D 139 -7.19 13.17 -2.75
N TRP D 140 -8.12 13.36 -3.68
CA TRP D 140 -9.33 12.56 -3.63
C TRP D 140 -9.00 11.13 -4.05
N PRO D 141 -9.31 10.12 -3.20
CA PRO D 141 -8.86 8.76 -3.46
C PRO D 141 -9.60 7.98 -4.54
N GLU D 142 -10.61 8.60 -5.15
CA GLU D 142 -11.36 7.92 -6.21
C GLU D 142 -11.06 8.62 -7.53
N ASP D 143 -10.51 7.88 -8.49
CA ASP D 143 -10.08 8.49 -9.74
C ASP D 143 -11.26 8.69 -10.69
N VAL D 144 -12.30 7.88 -10.55
CA VAL D 144 -13.38 7.91 -11.52
C VAL D 144 -14.57 8.65 -10.91
N ILE D 145 -14.76 9.91 -11.32
CA ILE D 145 -15.82 10.75 -10.75
C ILE D 145 -16.78 11.13 -11.87
N LYS D 146 -18.08 10.99 -11.62
CA LYS D 146 -19.07 11.25 -12.64
C LYS D 146 -20.08 12.32 -12.23
N ALA D 147 -20.10 12.70 -10.94
CA ALA D 147 -21.06 13.65 -10.37
C ALA D 147 -20.42 14.38 -9.21
N ILE D 148 -20.49 15.72 -9.25
CA ILE D 148 -19.95 16.62 -8.24
C ILE D 148 -21.07 17.56 -7.80
N VAL D 149 -21.17 17.78 -6.48
CA VAL D 149 -22.04 18.81 -5.94
C VAL D 149 -21.12 19.77 -5.21
N VAL D 150 -21.17 21.04 -5.64
CA VAL D 150 -20.28 22.07 -5.12
C VAL D 150 -21.15 23.18 -4.51
N THR D 151 -20.73 23.68 -3.34
CA THR D 151 -21.31 24.88 -2.77
C THR D 151 -20.19 25.82 -2.36
N ASP D 152 -20.50 27.12 -2.18
CA ASP D 152 -19.57 28.03 -1.54
C ASP D 152 -20.11 28.40 -0.16
N GLY D 153 -21.26 27.81 0.15
CA GLY D 153 -21.84 27.99 1.47
C GLY D 153 -22.45 29.38 1.73
N GLU D 154 -22.64 30.19 0.67
CA GLU D 154 -23.11 31.55 0.89
C GLU D 154 -24.60 31.59 1.18
N ARG D 155 -25.34 30.59 0.69
CA ARG D 155 -26.77 30.58 0.91
C ARG D 155 -27.24 29.14 1.19
N ILE D 156 -27.00 28.65 2.41
CA ILE D 156 -27.34 27.30 2.78
C ILE D 156 -28.76 27.30 3.31
N LEU D 157 -29.68 26.60 2.61
CA LEU D 157 -31.09 26.48 3.01
C LEU D 157 -31.64 27.90 3.24
N GLY D 158 -32.35 28.10 4.36
CA GLY D 158 -32.74 29.45 4.74
C GLY D 158 -31.88 29.99 5.89
N LEU D 159 -30.63 29.50 6.00
CA LEU D 159 -29.78 29.77 7.14
C LEU D 159 -28.64 30.70 6.73
N GLY D 160 -28.73 31.21 5.49
CA GLY D 160 -27.80 32.21 5.00
C GLY D 160 -26.38 31.69 4.82
N ASP D 161 -25.42 32.50 5.24
CA ASP D 161 -24.03 32.25 4.91
C ASP D 161 -23.43 31.41 6.03
N LEU D 162 -23.08 30.16 5.72
CA LEU D 162 -22.52 29.32 6.76
C LEU D 162 -21.08 28.95 6.42
N GLY D 163 -20.55 29.65 5.42
CA GLY D 163 -19.18 29.43 4.99
C GLY D 163 -18.84 27.96 4.86
N CYS D 164 -17.73 27.54 5.50
CA CYS D 164 -17.21 26.18 5.35
C CYS D 164 -18.13 25.16 6.00
N ASN D 165 -18.96 25.60 6.94
CA ASN D 165 -19.89 24.73 7.62
C ASN D 165 -20.94 24.22 6.64
N GLY D 166 -21.00 24.82 5.45
CA GLY D 166 -21.97 24.46 4.46
C GLY D 166 -21.67 23.10 3.80
N MET D 167 -20.55 22.47 4.20
CA MET D 167 -20.09 21.23 3.57
C MET D 167 -21.12 20.12 3.79
N GLY D 168 -21.93 20.26 4.84
CA GLY D 168 -22.95 19.25 5.11
C GLY D 168 -23.98 19.13 3.99
N ILE D 169 -24.16 20.19 3.20
CA ILE D 169 -25.17 20.19 2.14
C ILE D 169 -24.73 19.26 0.99
N PRO D 170 -23.54 19.43 0.37
CA PRO D 170 -23.12 18.55 -0.72
C PRO D 170 -23.02 17.08 -0.31
N VAL D 171 -22.55 16.81 0.91
CA VAL D 171 -22.52 15.45 1.46
C VAL D 171 -23.93 14.87 1.49
N GLY D 172 -24.86 15.58 2.18
CA GLY D 172 -26.21 15.07 2.32
C GLY D 172 -26.94 14.99 0.97
N LYS D 173 -26.66 15.95 0.10
CA LYS D 173 -27.30 15.92 -1.21
C LYS D 173 -26.81 14.72 -2.03
N LEU D 174 -25.52 14.41 -1.94
CA LEU D 174 -25.01 13.29 -2.71
C LEU D 174 -25.50 11.98 -2.10
N ALA D 175 -25.82 11.98 -0.80
CA ALA D 175 -26.41 10.76 -0.25
C ALA D 175 -27.76 10.46 -0.92
N LEU D 176 -28.48 11.54 -1.26
CA LEU D 176 -29.81 11.41 -1.86
C LEU D 176 -29.68 11.03 -3.34
N TYR D 177 -28.63 11.54 -4.01
CA TYR D 177 -28.32 11.13 -5.38
C TYR D 177 -28.18 9.61 -5.43
N THR D 178 -27.48 9.04 -4.44
CA THR D 178 -27.33 7.60 -4.37
C THR D 178 -28.64 6.93 -3.94
N ALA D 179 -29.18 7.32 -2.78
CA ALA D 179 -30.31 6.63 -2.17
C ALA D 179 -31.54 6.65 -3.08
N CYS D 180 -31.80 7.82 -3.70
CA CYS D 180 -33.01 8.08 -4.45
C CYS D 180 -32.84 7.77 -5.95
N GLY D 181 -31.61 7.82 -6.47
CA GLY D 181 -31.42 7.74 -7.92
C GLY D 181 -30.43 6.66 -8.37
N GLY D 182 -29.82 5.96 -7.42
CA GLY D 182 -28.81 4.96 -7.75
C GLY D 182 -27.54 5.49 -8.41
N MET D 183 -27.12 6.74 -8.11
CA MET D 183 -25.78 7.15 -8.52
C MET D 183 -24.79 6.38 -7.64
N ASN D 184 -23.66 5.97 -8.26
CA ASN D 184 -22.60 5.27 -7.54
C ASN D 184 -21.89 6.26 -6.62
N PRO D 185 -21.96 6.09 -5.28
CA PRO D 185 -21.36 7.06 -4.36
C PRO D 185 -19.85 7.14 -4.52
N GLN D 186 -19.23 6.04 -4.97
CA GLN D 186 -17.80 6.01 -5.22
C GLN D 186 -17.43 6.99 -6.35
N GLU D 187 -18.42 7.27 -7.20
CA GLU D 187 -18.27 8.14 -8.37
C GLU D 187 -18.73 9.56 -8.08
N CYS D 188 -18.99 9.89 -6.81
CA CYS D 188 -19.55 11.20 -6.43
C CYS D 188 -18.57 11.96 -5.56
N LEU D 189 -18.53 13.29 -5.74
CA LEU D 189 -17.52 14.13 -5.12
C LEU D 189 -18.20 15.35 -4.52
N PRO D 190 -18.36 15.46 -3.19
CA PRO D 190 -18.87 16.68 -2.59
C PRO D 190 -17.73 17.68 -2.45
N VAL D 191 -18.00 18.94 -2.79
CA VAL D 191 -16.96 19.96 -2.78
C VAL D 191 -17.49 21.21 -2.07
N ILE D 192 -16.69 21.73 -1.13
CA ILE D 192 -16.95 23.10 -0.71
C ILE D 192 -15.83 23.99 -1.22
N LEU D 193 -16.23 25.15 -1.76
CA LEU D 193 -15.33 26.24 -2.10
C LEU D 193 -15.36 27.25 -0.97
N ASP D 194 -14.24 27.40 -0.25
CA ASP D 194 -14.19 28.35 0.87
C ASP D 194 -13.45 29.60 0.39
N VAL D 195 -14.19 30.68 0.14
CA VAL D 195 -13.57 31.95 -0.23
C VAL D 195 -13.69 32.90 0.96
N GLY D 196 -14.12 32.37 2.11
CA GLY D 196 -14.37 33.15 3.31
C GLY D 196 -15.85 33.16 3.68
N THR D 197 -16.19 33.92 4.74
CA THR D 197 -17.59 34.06 5.15
C THR D 197 -17.90 35.46 5.66
N GLU D 198 -19.19 35.82 5.49
CA GLU D 198 -19.74 37.06 6.01
C GLU D 198 -20.44 36.80 7.33
N ASN D 199 -20.50 35.52 7.75
CA ASN D 199 -21.18 35.13 8.98
C ASN D 199 -20.34 35.53 10.20
N GLU D 200 -20.85 36.52 10.94
CA GLU D 200 -20.10 37.15 12.02
C GLU D 200 -19.90 36.20 13.21
N GLU D 201 -20.94 35.42 13.56
CA GLU D 201 -20.79 34.47 14.66
C GLU D 201 -19.76 33.39 14.33
N LEU D 202 -19.68 32.97 13.06
CA LEU D 202 -18.66 31.99 12.72
C LEU D 202 -17.27 32.61 12.81
N LEU D 203 -17.18 33.88 12.38
CA LEU D 203 -15.89 34.54 12.30
C LEU D 203 -15.28 34.68 13.68
N LYS D 204 -16.16 34.63 14.69
CA LYS D 204 -15.87 34.92 16.08
C LYS D 204 -15.65 33.59 16.80
N ASP D 205 -16.13 32.50 16.20
CA ASP D 205 -16.20 31.22 16.89
C ASP D 205 -14.82 30.56 16.87
N PRO D 206 -14.22 30.22 18.04
CA PRO D 206 -12.90 29.59 18.07
C PRO D 206 -12.80 28.26 17.32
N LEU D 207 -13.95 27.59 17.17
CA LEU D 207 -14.00 26.24 16.60
C LEU D 207 -14.27 26.26 15.10
N TYR D 208 -14.63 27.41 14.53
CA TYR D 208 -14.96 27.47 13.11
C TYR D 208 -13.89 26.77 12.28
N ILE D 209 -14.31 25.89 11.37
CA ILE D 209 -13.36 25.05 10.65
C ILE D 209 -12.91 25.69 9.33
N GLY D 210 -13.58 26.77 8.89
CA GLY D 210 -13.30 27.39 7.59
C GLY D 210 -12.28 28.51 7.72
N LEU D 211 -12.01 29.20 6.60
CA LEU D 211 -11.09 30.33 6.59
C LEU D 211 -11.69 31.50 7.37
N ARG D 212 -10.95 31.97 8.39
CA ARG D 212 -11.45 33.04 9.23
C ARG D 212 -11.25 34.37 8.52
N GLN D 213 -12.05 34.64 7.48
CA GLN D 213 -11.91 35.86 6.68
C GLN D 213 -13.25 36.10 5.98
N ARG D 214 -13.43 37.34 5.52
CA ARG D 214 -14.60 37.79 4.77
C ARG D 214 -14.48 37.26 3.35
N ARG D 215 -15.61 37.29 2.63
CA ARG D 215 -15.65 36.67 1.32
C ARG D 215 -14.87 37.50 0.31
N VAL D 216 -13.95 36.83 -0.39
CA VAL D 216 -13.39 37.40 -1.61
C VAL D 216 -14.51 37.54 -2.64
N ARG D 217 -14.62 38.76 -3.20
CA ARG D 217 -15.58 39.08 -4.24
C ARG D 217 -14.86 39.41 -5.55
N GLY D 218 -15.65 39.66 -6.60
CA GLY D 218 -15.19 40.27 -7.81
C GLY D 218 -14.51 39.26 -8.73
N SER D 219 -13.48 39.74 -9.46
CA SER D 219 -12.86 39.01 -10.55
C SER D 219 -12.02 37.86 -10.00
N GLU D 220 -11.45 38.07 -8.81
CA GLU D 220 -10.66 37.05 -8.13
C GLU D 220 -11.55 35.83 -7.87
N TYR D 221 -12.76 36.07 -7.36
CA TYR D 221 -13.77 35.03 -7.21
C TYR D 221 -14.13 34.34 -8.54
N ASP D 222 -14.42 35.14 -9.57
CA ASP D 222 -14.85 34.60 -10.86
C ASP D 222 -13.76 33.75 -11.50
N ASP D 223 -12.50 34.19 -11.37
CA ASP D 223 -11.37 33.48 -11.93
C ASP D 223 -11.16 32.18 -11.15
N PHE D 224 -11.40 32.25 -9.83
CA PHE D 224 -11.27 31.06 -9.00
C PHE D 224 -12.28 30.00 -9.45
N LEU D 225 -13.52 30.43 -9.69
CA LEU D 225 -14.54 29.51 -10.14
C LEU D 225 -14.22 28.96 -11.54
N ASP D 226 -13.56 29.78 -12.38
CA ASP D 226 -13.21 29.32 -13.71
C ASP D 226 -12.19 28.18 -13.61
N GLU D 227 -11.16 28.38 -12.78
CA GLU D 227 -10.14 27.35 -12.60
C GLU D 227 -10.81 26.06 -12.11
N PHE D 228 -11.75 26.21 -11.19
CA PHE D 228 -12.42 25.04 -10.63
C PHE D 228 -13.06 24.22 -11.75
N MET D 229 -13.82 24.92 -12.60
CA MET D 229 -14.51 24.23 -13.68
C MET D 229 -13.50 23.52 -14.57
N GLU D 230 -12.42 24.22 -14.95
CA GLU D 230 -11.39 23.66 -15.83
C GLU D 230 -10.71 22.46 -15.18
N ALA D 231 -10.33 22.59 -13.91
CA ALA D 231 -9.57 21.56 -13.23
C ALA D 231 -10.39 20.28 -13.18
N VAL D 232 -11.64 20.43 -12.76
CA VAL D 232 -12.54 19.32 -12.53
C VAL D 232 -12.86 18.65 -13.87
N SER D 233 -13.20 19.45 -14.90
CA SER D 233 -13.54 18.87 -16.19
C SER D 233 -12.29 18.29 -16.84
N SER D 234 -11.14 18.90 -16.56
CA SER D 234 -9.91 18.37 -17.13
C SER D 234 -9.56 17.00 -16.53
N LYS D 235 -9.70 16.84 -15.21
CA LYS D 235 -9.31 15.59 -14.56
C LYS D 235 -10.36 14.49 -14.78
N TYR D 236 -11.64 14.85 -14.74
CA TYR D 236 -12.65 13.81 -14.67
C TYR D 236 -13.36 13.72 -16.01
N GLY D 237 -13.07 14.67 -16.89
CA GLY D 237 -13.57 14.67 -18.25
C GLY D 237 -14.78 15.58 -18.40
N MET D 238 -15.15 15.86 -19.65
CA MET D 238 -16.19 16.81 -19.94
C MET D 238 -17.57 16.20 -19.67
N ASN D 239 -17.66 14.87 -19.50
CA ASN D 239 -18.94 14.22 -19.22
C ASN D 239 -19.30 14.21 -17.73
N CYS D 240 -18.37 14.67 -16.87
CA CYS D 240 -18.62 14.68 -15.44
C CYS D 240 -19.64 15.77 -15.10
N LEU D 241 -20.72 15.37 -14.42
CA LEU D 241 -21.80 16.24 -14.01
C LEU D 241 -21.36 17.11 -12.83
N ILE D 242 -21.55 18.42 -12.97
CA ILE D 242 -21.20 19.39 -11.93
C ILE D 242 -22.47 20.13 -11.54
N GLN D 243 -22.97 19.90 -10.31
CA GLN D 243 -24.18 20.57 -9.88
C GLN D 243 -23.90 21.61 -8.80
N PHE D 244 -24.25 22.89 -9.09
CA PHE D 244 -24.14 23.99 -8.14
C PHE D 244 -25.27 23.96 -7.12
N GLU D 245 -24.94 24.22 -5.84
CA GLU D 245 -25.94 24.25 -4.78
C GLU D 245 -25.59 25.33 -3.76
N ASP D 246 -26.62 26.10 -3.37
CA ASP D 246 -26.60 26.98 -2.21
C ASP D 246 -25.55 28.08 -2.36
N PHE D 247 -25.48 28.64 -3.57
CA PHE D 247 -24.77 29.89 -3.84
C PHE D 247 -25.74 31.06 -3.67
N ALA D 248 -25.21 32.23 -3.31
CA ALA D 248 -26.03 33.45 -3.35
C ALA D 248 -26.66 33.58 -4.73
N ASN D 249 -27.81 34.26 -4.78
CA ASN D 249 -28.63 34.38 -5.98
C ASN D 249 -27.85 34.92 -7.18
N VAL D 250 -27.28 36.13 -7.07
CA VAL D 250 -26.64 36.70 -8.24
C VAL D 250 -25.56 35.75 -8.75
N ASN D 251 -24.74 35.21 -7.85
CA ASN D 251 -23.79 34.18 -8.21
C ASN D 251 -24.46 32.97 -8.85
N ALA D 252 -25.52 32.42 -8.23
CA ALA D 252 -26.06 31.18 -8.76
C ALA D 252 -26.44 31.34 -10.23
N PHE D 253 -27.04 32.49 -10.55
CA PHE D 253 -27.58 32.75 -11.88
C PHE D 253 -26.43 33.00 -12.86
N ARG D 254 -25.49 33.85 -12.46
CA ARG D 254 -24.35 34.23 -13.28
C ARG D 254 -23.51 33.01 -13.63
N LEU D 255 -23.26 32.17 -12.64
CA LEU D 255 -22.41 31.01 -12.82
C LEU D 255 -23.10 30.04 -13.77
N LEU D 256 -24.40 29.77 -13.51
CA LEU D 256 -25.19 28.87 -14.35
C LEU D 256 -25.20 29.34 -15.80
N ASN D 257 -25.47 30.64 -16.02
CA ASN D 257 -25.48 31.16 -17.39
C ASN D 257 -24.11 31.05 -18.03
N LYS D 258 -23.04 31.30 -17.26
CA LYS D 258 -21.72 31.33 -17.85
C LYS D 258 -21.30 29.93 -18.31
N TYR D 259 -21.77 28.87 -17.64
CA TYR D 259 -21.11 27.59 -17.82
C TYR D 259 -22.03 26.58 -18.50
N ARG D 260 -23.34 26.86 -18.51
CA ARG D 260 -24.32 25.85 -18.89
C ARG D 260 -24.10 25.41 -20.33
N ASN D 261 -23.50 26.27 -21.17
CA ASN D 261 -23.30 25.93 -22.56
C ASN D 261 -21.96 25.23 -22.81
N GLN D 262 -21.02 25.30 -21.86
CA GLN D 262 -19.72 24.65 -22.06
C GLN D 262 -19.57 23.36 -21.25
N TYR D 263 -20.15 23.33 -20.05
CA TYR D 263 -19.92 22.20 -19.16
C TYR D 263 -21.23 21.49 -18.93
N CYS D 264 -21.12 20.23 -18.51
CA CYS D 264 -22.26 19.43 -18.10
C CYS D 264 -22.64 19.83 -16.68
N THR D 265 -23.44 20.89 -16.55
CA THR D 265 -23.74 21.52 -15.27
C THR D 265 -25.21 21.96 -15.19
N PHE D 266 -25.70 22.04 -13.96
CA PHE D 266 -26.99 22.61 -13.64
C PHE D 266 -26.94 23.14 -12.20
N ASN D 267 -27.94 23.95 -11.87
CA ASN D 267 -28.10 24.46 -10.52
C ASN D 267 -29.44 23.97 -10.03
N ASP D 268 -29.41 23.13 -9.00
CA ASP D 268 -30.62 22.52 -8.50
C ASP D 268 -31.56 23.53 -7.85
N ASP D 269 -31.03 24.55 -7.17
CA ASP D 269 -31.90 25.52 -6.51
C ASP D 269 -32.77 26.24 -7.55
N ILE D 270 -32.19 26.47 -8.74
CA ILE D 270 -32.87 27.25 -9.77
C ILE D 270 -33.71 26.28 -10.59
N GLN D 271 -33.06 25.26 -11.15
CA GLN D 271 -33.65 24.53 -12.26
C GLN D 271 -34.40 23.30 -11.76
N GLY D 272 -33.93 22.74 -10.63
CA GLY D 272 -34.54 21.57 -10.03
C GLY D 272 -35.85 21.96 -9.34
N THR D 273 -35.82 23.10 -8.64
CA THR D 273 -37.00 23.71 -8.05
C THR D 273 -38.05 23.96 -9.13
N ALA D 274 -37.60 24.46 -10.29
CA ALA D 274 -38.48 24.77 -11.39
C ALA D 274 -39.23 23.50 -11.80
N SER D 275 -38.47 22.43 -11.96
CA SER D 275 -38.98 21.18 -12.47
C SER D 275 -39.99 20.61 -11.50
N VAL D 276 -39.67 20.59 -10.22
CA VAL D 276 -40.56 19.88 -9.32
C VAL D 276 -41.88 20.65 -9.16
N ALA D 277 -41.80 21.99 -9.13
CA ALA D 277 -42.97 22.84 -8.98
C ALA D 277 -43.90 22.68 -10.19
N VAL D 278 -43.31 22.63 -11.40
CA VAL D 278 -44.03 22.44 -12.66
C VAL D 278 -44.68 21.07 -12.68
N ALA D 279 -44.01 20.04 -12.13
CA ALA D 279 -44.56 18.69 -12.06
C ALA D 279 -45.84 18.72 -11.24
N GLY D 280 -45.82 19.47 -10.13
CA GLY D 280 -46.97 19.54 -9.26
C GLY D 280 -48.15 20.24 -9.94
N LEU D 281 -47.83 21.27 -10.74
CA LEU D 281 -48.79 22.02 -11.53
C LEU D 281 -49.42 21.13 -12.59
N LEU D 282 -48.57 20.37 -13.32
CA LEU D 282 -49.08 19.50 -14.38
C LEU D 282 -50.03 18.46 -13.77
N ALA D 283 -49.71 17.98 -12.56
CA ALA D 283 -50.54 17.01 -11.85
C ALA D 283 -51.89 17.62 -11.45
N ALA D 284 -51.86 18.89 -11.00
CA ALA D 284 -53.06 19.63 -10.60
C ALA D 284 -53.99 19.82 -11.81
N LEU D 285 -53.41 19.95 -13.00
CA LEU D 285 -54.21 20.17 -14.20
C LEU D 285 -55.10 18.96 -14.47
N ARG D 286 -54.71 17.78 -13.94
CA ARG D 286 -55.50 16.57 -14.07
C ARG D 286 -56.64 16.54 -13.05
N ILE D 287 -56.69 17.55 -12.17
CA ILE D 287 -57.82 17.69 -11.27
C ILE D 287 -58.74 18.79 -11.83
N THR D 288 -58.15 19.93 -12.23
CA THR D 288 -58.92 21.08 -12.71
C THR D 288 -59.44 20.79 -14.11
N LYS D 289 -58.85 19.77 -14.74
CA LYS D 289 -59.26 19.20 -16.02
C LYS D 289 -59.27 20.23 -17.13
N ASN D 290 -58.32 21.18 -17.07
CA ASN D 290 -58.15 22.20 -18.09
C ASN D 290 -56.67 22.33 -18.44
N LYS D 291 -56.36 23.29 -19.31
CA LYS D 291 -55.02 23.37 -19.88
C LYS D 291 -54.18 24.37 -19.09
N LEU D 292 -52.86 24.24 -19.23
CA LEU D 292 -51.97 25.17 -18.57
C LEU D 292 -52.25 26.59 -19.03
N SER D 293 -52.57 26.75 -20.33
CA SER D 293 -52.79 28.06 -20.93
C SER D 293 -54.03 28.75 -20.36
N ASP D 294 -54.86 27.98 -19.64
CA ASP D 294 -56.08 28.48 -19.00
C ASP D 294 -55.80 29.04 -17.60
N GLN D 295 -54.58 28.83 -17.09
CA GLN D 295 -54.28 29.25 -15.73
C GLN D 295 -53.89 30.71 -15.72
N THR D 296 -54.11 31.34 -14.55
CA THR D 296 -53.43 32.58 -14.20
C THR D 296 -52.67 32.31 -12.92
N ILE D 297 -51.37 32.65 -12.92
CA ILE D 297 -50.47 32.22 -11.86
C ILE D 297 -49.96 33.43 -11.10
N LEU D 298 -50.12 33.38 -9.79
CA LEU D 298 -49.59 34.43 -8.95
C LEU D 298 -48.56 33.83 -7.99
N PHE D 299 -47.35 34.38 -8.06
CA PHE D 299 -46.29 34.03 -7.14
C PHE D 299 -46.26 35.03 -6.00
N GLN D 300 -46.35 34.48 -4.78
CA GLN D 300 -45.95 35.18 -3.57
C GLN D 300 -44.44 34.96 -3.44
N GLY D 301 -43.67 35.99 -3.79
CA GLY D 301 -42.21 35.94 -3.89
C GLY D 301 -41.77 36.14 -5.35
N ALA D 302 -40.53 36.62 -5.54
CA ALA D 302 -39.98 36.80 -6.87
C ALA D 302 -38.48 36.49 -6.82
N GLY D 303 -38.15 35.45 -6.06
CA GLY D 303 -36.76 35.17 -5.80
C GLY D 303 -36.15 34.23 -6.83
N GLU D 304 -35.21 33.41 -6.39
CA GLU D 304 -34.62 32.42 -7.25
C GLU D 304 -35.68 31.36 -7.59
N ALA D 305 -36.51 31.01 -6.60
CA ALA D 305 -37.44 29.92 -6.81
C ALA D 305 -38.52 30.40 -7.78
N ALA D 306 -39.09 31.58 -7.52
CA ALA D 306 -40.17 32.09 -8.36
C ALA D 306 -39.70 32.31 -9.79
N LEU D 307 -38.52 32.95 -9.97
CA LEU D 307 -38.06 33.27 -11.31
C LEU D 307 -37.82 31.98 -12.09
N GLY D 308 -37.21 31.00 -11.42
CA GLY D 308 -36.96 29.70 -12.03
C GLY D 308 -38.23 28.93 -12.39
N ILE D 309 -39.20 28.89 -11.47
CA ILE D 309 -40.44 28.17 -11.73
C ILE D 309 -41.14 28.84 -12.91
N ALA D 310 -41.21 30.17 -12.86
CA ALA D 310 -42.00 30.92 -13.82
C ALA D 310 -41.40 30.72 -15.21
N HIS D 311 -40.06 30.67 -15.25
CA HIS D 311 -39.36 30.49 -16.51
C HIS D 311 -39.79 29.17 -17.15
N LEU D 312 -39.86 28.11 -16.34
CA LEU D 312 -40.24 26.80 -16.84
C LEU D 312 -41.72 26.76 -17.19
N ILE D 313 -42.60 27.40 -16.41
CA ILE D 313 -44.00 27.49 -16.81
C ILE D 313 -44.11 28.09 -18.21
N VAL D 314 -43.37 29.16 -18.49
CA VAL D 314 -43.43 29.89 -19.76
C VAL D 314 -43.07 28.93 -20.89
N MET D 315 -42.05 28.10 -20.65
CA MET D 315 -41.61 27.13 -21.63
C MET D 315 -42.71 26.08 -21.85
N ALA D 316 -43.34 25.63 -20.76
CA ALA D 316 -44.38 24.63 -20.92
C ALA D 316 -45.56 25.19 -21.70
N LEU D 317 -45.82 26.50 -21.52
CA LEU D 317 -46.93 27.13 -22.21
C LEU D 317 -46.59 27.21 -23.69
N GLU D 318 -45.35 27.63 -23.98
CA GLU D 318 -44.85 27.75 -25.34
C GLU D 318 -44.94 26.41 -26.05
N LYS D 319 -44.65 25.33 -25.32
CA LYS D 319 -44.72 23.97 -25.85
C LYS D 319 -46.16 23.62 -26.22
N GLU D 320 -47.12 23.98 -25.35
CA GLU D 320 -48.53 23.76 -25.60
C GLU D 320 -48.98 24.54 -26.84
N GLY D 321 -48.31 25.66 -27.15
CA GLY D 321 -48.49 26.37 -28.42
C GLY D 321 -48.51 27.89 -28.33
N LEU D 322 -48.42 28.47 -27.12
CA LEU D 322 -48.54 29.90 -26.92
C LEU D 322 -47.22 30.58 -27.27
N PRO D 323 -47.24 31.71 -28.02
CA PRO D 323 -46.05 32.53 -28.16
C PRO D 323 -45.61 33.04 -26.79
N LYS D 324 -44.32 33.42 -26.70
CA LYS D 324 -43.64 33.72 -25.45
C LYS D 324 -44.28 34.92 -24.76
N GLU D 325 -44.42 36.04 -25.48
CA GLU D 325 -44.93 37.28 -24.93
C GLU D 325 -46.31 37.12 -24.30
N LYS D 326 -47.13 36.19 -24.82
CA LYS D 326 -48.48 35.97 -24.33
C LYS D 326 -48.51 34.97 -23.18
N ALA D 327 -47.53 34.06 -23.15
CA ALA D 327 -47.35 33.13 -22.05
C ALA D 327 -46.90 33.88 -20.79
N ILE D 328 -46.02 34.87 -20.98
CA ILE D 328 -45.49 35.66 -19.88
C ILE D 328 -46.65 36.36 -19.16
N LYS D 329 -47.62 36.84 -19.94
CA LYS D 329 -48.75 37.58 -19.40
C LYS D 329 -49.49 36.75 -18.35
N LYS D 330 -49.24 35.43 -18.30
CA LYS D 330 -50.06 34.52 -17.50
C LYS D 330 -49.56 34.47 -16.06
N ILE D 331 -48.45 35.17 -15.78
CA ILE D 331 -47.70 34.98 -14.54
C ILE D 331 -47.48 36.34 -13.88
N TRP D 332 -47.79 36.43 -12.58
CA TRP D 332 -47.59 37.67 -11.85
C TRP D 332 -46.68 37.40 -10.66
N LEU D 333 -45.70 38.28 -10.46
CA LEU D 333 -44.76 38.15 -9.38
C LEU D 333 -45.07 39.20 -8.32
N VAL D 334 -44.88 38.85 -7.04
CA VAL D 334 -44.93 39.80 -5.93
C VAL D 334 -43.63 39.70 -5.16
N ASP D 335 -42.96 40.84 -4.92
CA ASP D 335 -41.78 40.83 -4.08
C ASP D 335 -42.06 41.62 -2.80
N SER D 336 -41.00 41.95 -2.06
CA SER D 336 -41.12 42.57 -0.75
C SER D 336 -41.59 44.02 -0.90
N LYS D 337 -41.36 44.61 -2.08
CA LYS D 337 -41.87 45.92 -2.39
C LYS D 337 -43.23 45.80 -3.10
N GLY D 338 -43.76 44.59 -3.19
CA GLY D 338 -45.10 44.37 -3.74
C GLY D 338 -45.09 43.90 -5.19
N LEU D 339 -46.24 44.04 -5.86
CA LEU D 339 -46.47 43.46 -7.16
C LEU D 339 -45.50 44.06 -8.19
N ILE D 340 -45.06 43.20 -9.12
CA ILE D 340 -44.12 43.64 -10.14
C ILE D 340 -44.92 44.11 -11.36
N VAL D 341 -44.65 45.36 -11.76
CA VAL D 341 -45.40 46.04 -12.80
C VAL D 341 -44.48 47.06 -13.47
N LYS D 342 -44.77 47.38 -14.75
CA LYS D 342 -43.94 48.19 -15.61
C LYS D 342 -43.53 49.49 -14.92
N GLY D 343 -42.25 49.87 -15.06
CA GLY D 343 -41.75 51.17 -14.63
C GLY D 343 -41.55 51.31 -13.12
N ARG D 344 -41.61 50.18 -12.40
CA ARG D 344 -41.66 50.22 -10.94
C ARG D 344 -40.25 50.34 -10.37
N ALA D 345 -40.17 50.98 -9.19
CA ALA D 345 -38.92 51.16 -8.46
C ALA D 345 -38.42 49.80 -8.00
N SER D 346 -37.09 49.70 -7.84
CA SER D 346 -36.43 48.50 -7.36
C SER D 346 -36.87 47.30 -8.19
N LEU D 347 -36.39 47.24 -9.45
CA LEU D 347 -36.63 46.11 -10.32
C LEU D 347 -35.32 45.63 -10.93
N THR D 348 -34.99 44.35 -10.70
CA THR D 348 -33.91 43.65 -11.38
C THR D 348 -34.35 43.31 -12.81
N GLN D 349 -33.38 43.04 -13.67
CA GLN D 349 -33.61 42.84 -15.09
C GLN D 349 -34.47 41.59 -15.30
N GLU D 350 -34.37 40.66 -14.34
CA GLU D 350 -35.06 39.38 -14.38
C GLU D 350 -36.55 39.56 -14.04
N LYS D 351 -36.85 40.36 -13.00
CA LYS D 351 -38.22 40.72 -12.67
C LYS D 351 -38.87 41.49 -13.82
N GLU D 352 -38.12 42.43 -14.41
CA GLU D 352 -38.59 43.22 -15.54
C GLU D 352 -39.34 42.37 -16.55
N LYS D 353 -38.91 41.10 -16.72
CA LYS D 353 -39.48 40.25 -17.74
C LYS D 353 -40.95 39.97 -17.43
N PHE D 354 -41.38 40.18 -16.18
CA PHE D 354 -42.76 39.93 -15.80
C PHE D 354 -43.45 41.22 -15.36
N ALA D 355 -42.82 42.37 -15.66
CA ALA D 355 -43.31 43.70 -15.31
C ALA D 355 -44.41 44.15 -16.28
N HIS D 356 -45.63 43.66 -16.08
CA HIS D 356 -46.74 43.96 -16.97
C HIS D 356 -47.29 45.36 -16.69
N GLU D 357 -48.22 45.78 -17.56
CA GLU D 357 -48.95 47.02 -17.47
C GLU D 357 -50.01 46.88 -16.38
N HIS D 358 -49.86 47.65 -15.29
CA HIS D 358 -50.75 47.58 -14.14
C HIS D 358 -50.27 48.57 -13.09
N GLU D 359 -51.15 48.94 -12.16
CA GLU D 359 -50.81 49.86 -11.09
C GLU D 359 -50.12 49.11 -9.94
N GLU D 360 -49.14 49.76 -9.30
CA GLU D 360 -48.40 49.22 -8.17
C GLU D 360 -49.37 48.84 -7.05
N MET D 361 -49.11 47.72 -6.39
CA MET D 361 -49.91 47.31 -5.25
C MET D 361 -48.96 46.67 -4.25
N LYS D 362 -49.28 46.76 -2.95
CA LYS D 362 -48.38 46.20 -1.96
C LYS D 362 -49.12 45.30 -0.97
N ASN D 363 -50.41 45.06 -1.21
CA ASN D 363 -51.23 44.28 -0.30
C ASN D 363 -51.65 42.98 -0.96
N LEU D 364 -51.09 41.86 -0.49
CA LEU D 364 -51.27 40.58 -1.17
C LEU D 364 -52.75 40.25 -1.32
N GLU D 365 -53.54 40.59 -0.29
CA GLU D 365 -54.97 40.29 -0.26
C GLU D 365 -55.68 40.90 -1.46
N ALA D 366 -55.41 42.19 -1.72
CA ALA D 366 -56.05 42.93 -2.79
C ALA D 366 -55.48 42.46 -4.13
N ILE D 367 -54.17 42.16 -4.15
CA ILE D 367 -53.51 41.66 -5.35
C ILE D 367 -54.22 40.40 -5.82
N VAL D 368 -54.56 39.52 -4.86
CA VAL D 368 -55.30 38.30 -5.10
C VAL D 368 -56.67 38.64 -5.71
N GLN D 369 -57.36 39.62 -5.10
CA GLN D 369 -58.72 40.01 -5.44
C GLN D 369 -58.75 40.65 -6.82
N GLU D 370 -57.64 41.30 -7.19
CA GLU D 370 -57.46 41.96 -8.47
C GLU D 370 -57.10 40.94 -9.56
N ILE D 371 -56.13 40.07 -9.28
CA ILE D 371 -55.58 39.17 -10.29
C ILE D 371 -56.52 37.99 -10.51
N LYS D 372 -57.17 37.54 -9.43
CA LYS D 372 -58.04 36.37 -9.42
C LYS D 372 -57.28 35.15 -9.96
N PRO D 373 -56.10 34.79 -9.41
CA PRO D 373 -55.35 33.67 -9.95
C PRO D 373 -56.11 32.36 -9.78
N THR D 374 -55.82 31.40 -10.66
CA THR D 374 -56.26 30.02 -10.55
C THR D 374 -55.22 29.22 -9.77
N ALA D 375 -54.02 29.81 -9.63
CA ALA D 375 -52.88 29.15 -9.01
C ALA D 375 -52.09 30.15 -8.18
N LEU D 376 -51.86 29.77 -6.92
CA LEU D 376 -51.19 30.65 -5.98
C LEU D 376 -49.92 29.97 -5.46
N ILE D 377 -48.74 30.48 -5.84
CA ILE D 377 -47.50 29.79 -5.47
C ILE D 377 -46.68 30.61 -4.47
N GLY D 378 -46.47 30.04 -3.29
CA GLY D 378 -45.77 30.72 -2.21
C GLY D 378 -44.30 30.33 -2.10
N VAL D 379 -43.43 31.30 -2.40
CA VAL D 379 -41.98 31.13 -2.31
C VAL D 379 -41.38 32.44 -1.80
N ALA D 380 -41.89 32.96 -0.67
CA ALA D 380 -41.44 34.26 -0.17
C ALA D 380 -40.87 34.16 1.25
N ALA D 381 -41.08 32.99 1.89
CA ALA D 381 -40.58 32.62 3.21
C ALA D 381 -41.30 33.34 4.34
N ILE D 382 -42.31 34.15 4.01
CA ILE D 382 -43.10 34.87 5.01
C ILE D 382 -44.22 33.96 5.49
N GLY D 383 -44.06 33.45 6.72
CA GLY D 383 -45.00 32.52 7.33
C GLY D 383 -46.41 33.09 7.40
N GLY D 384 -47.40 32.37 6.90
CA GLY D 384 -48.78 32.80 7.11
C GLY D 384 -49.30 33.80 6.10
N ALA D 385 -48.52 34.10 5.04
CA ALA D 385 -48.90 35.11 4.07
C ALA D 385 -50.20 34.78 3.33
N PHE D 386 -50.50 33.49 3.13
CA PHE D 386 -51.81 33.12 2.64
C PHE D 386 -52.82 33.15 3.79
N SER D 387 -53.38 34.34 4.04
CA SER D 387 -54.33 34.58 5.12
C SER D 387 -55.69 33.95 4.81
N GLU D 388 -56.51 33.83 5.85
CA GLU D 388 -57.84 33.24 5.73
C GLU D 388 -58.62 33.93 4.63
N GLN D 389 -58.48 35.26 4.54
CA GLN D 389 -59.14 36.09 3.55
C GLN D 389 -58.69 35.69 2.14
N ILE D 390 -57.37 35.56 1.95
CA ILE D 390 -56.81 35.14 0.67
C ILE D 390 -57.32 33.73 0.33
N LEU D 391 -57.31 32.82 1.31
CA LEU D 391 -57.80 31.47 1.10
C LEU D 391 -59.30 31.45 0.75
N LYS D 392 -60.11 32.32 1.39
CA LYS D 392 -61.52 32.52 1.05
C LYS D 392 -61.65 32.98 -0.41
N ASP D 393 -60.87 33.99 -0.79
CA ASP D 393 -60.92 34.54 -2.13
C ASP D 393 -60.58 33.46 -3.18
N MET D 394 -59.49 32.70 -2.97
CA MET D 394 -59.07 31.66 -3.90
C MET D 394 -60.16 30.59 -4.07
N ALA D 395 -60.87 30.27 -2.97
CA ALA D 395 -61.98 29.33 -2.96
C ALA D 395 -63.19 29.95 -3.67
N ALA D 396 -63.33 31.28 -3.58
CA ALA D 396 -64.46 31.95 -4.20
C ALA D 396 -64.26 32.01 -5.72
N PHE D 397 -63.04 32.38 -6.17
CA PHE D 397 -62.81 32.55 -7.60
C PHE D 397 -62.64 31.22 -8.33
N ASN D 398 -62.24 30.17 -7.60
CA ASN D 398 -61.91 28.91 -8.24
C ASN D 398 -62.69 27.77 -7.60
N GLU D 399 -63.28 26.92 -8.45
CA GLU D 399 -63.83 25.66 -8.00
C GLU D 399 -62.75 24.95 -7.18
N ARG D 400 -61.60 24.72 -7.82
CA ARG D 400 -60.47 24.03 -7.19
C ARG D 400 -59.25 24.94 -7.28
N PRO D 401 -58.99 25.79 -6.27
CA PRO D 401 -57.87 26.71 -6.33
C PRO D 401 -56.60 25.88 -6.14
N ILE D 402 -55.58 26.14 -6.98
CA ILE D 402 -54.28 25.52 -6.78
C ILE D 402 -53.44 26.42 -5.89
N ILE D 403 -53.00 25.88 -4.75
CA ILE D 403 -52.29 26.62 -3.72
C ILE D 403 -51.08 25.80 -3.25
N PHE D 404 -49.89 26.32 -3.53
CA PHE D 404 -48.64 25.75 -3.07
C PHE D 404 -48.01 26.67 -2.03
N ALA D 405 -47.90 26.18 -0.79
CA ALA D 405 -47.09 26.86 0.22
C ALA D 405 -45.73 26.17 0.29
N LEU D 406 -44.81 26.62 -0.54
CA LEU D 406 -43.53 25.93 -0.72
C LEU D 406 -42.49 26.40 0.29
N SER D 407 -42.75 27.49 1.02
CA SER D 407 -41.73 28.05 1.91
C SER D 407 -41.40 27.09 3.05
N ASN D 408 -40.09 26.94 3.36
CA ASN D 408 -39.53 25.95 4.28
C ASN D 408 -38.82 26.61 5.47
N PRO D 409 -38.82 26.04 6.70
CA PRO D 409 -39.65 24.88 7.05
C PRO D 409 -41.07 25.34 7.36
N THR D 410 -41.84 24.42 7.96
CA THR D 410 -43.22 24.54 8.38
C THR D 410 -43.58 25.94 8.85
N SER D 411 -42.75 26.52 9.74
CA SER D 411 -43.09 27.77 10.40
C SER D 411 -43.05 28.95 9.41
N LYS D 412 -42.55 28.71 8.20
CA LYS D 412 -42.44 29.75 7.19
C LYS D 412 -43.48 29.56 6.09
N ALA D 413 -44.21 28.44 6.15
CA ALA D 413 -45.20 28.11 5.14
C ALA D 413 -46.22 29.22 5.07
N GLU D 414 -46.66 29.54 3.84
CA GLU D 414 -47.60 30.61 3.55
C GLU D 414 -48.94 30.31 4.25
N CYS D 415 -49.24 29.01 4.41
CA CYS D 415 -50.34 28.54 5.24
C CYS D 415 -50.11 27.07 5.51
N SER D 416 -50.78 26.52 6.53
CA SER D 416 -50.70 25.10 6.81
C SER D 416 -51.69 24.34 5.94
N ALA D 417 -51.54 23.00 5.85
CA ALA D 417 -52.54 22.16 5.19
C ALA D 417 -53.88 22.32 5.91
N GLU D 418 -53.83 22.34 7.24
CA GLU D 418 -54.99 22.46 8.09
C GLU D 418 -55.82 23.67 7.67
N GLN D 419 -55.19 24.85 7.64
CA GLN D 419 -55.90 26.11 7.45
C GLN D 419 -56.42 26.15 6.02
N CYS D 420 -55.59 25.67 5.09
CA CYS D 420 -55.90 25.73 3.67
C CYS D 420 -57.19 24.96 3.39
N TYR D 421 -57.23 23.68 3.81
CA TYR D 421 -58.40 22.81 3.65
C TYR D 421 -59.61 23.33 4.45
N LYS D 422 -59.39 23.85 5.67
CA LYS D 422 -60.51 24.37 6.44
C LYS D 422 -61.20 25.49 5.66
N ILE D 423 -60.42 26.56 5.38
CA ILE D 423 -61.01 27.78 4.87
C ILE D 423 -61.48 27.57 3.43
N THR D 424 -60.79 26.72 2.65
CA THR D 424 -61.29 26.50 1.29
C THR D 424 -62.34 25.39 1.27
N LYS D 425 -62.74 24.90 2.45
CA LYS D 425 -63.83 23.94 2.59
C LYS D 425 -63.53 22.66 1.83
N GLY D 426 -62.23 22.34 1.71
CA GLY D 426 -61.81 21.04 1.24
C GLY D 426 -61.54 21.00 -0.27
N ARG D 427 -61.53 22.17 -0.93
CA ARG D 427 -61.46 22.07 -2.39
C ARG D 427 -60.11 22.54 -2.93
N ALA D 428 -59.29 23.15 -2.06
CA ALA D 428 -57.97 23.58 -2.46
C ALA D 428 -57.15 22.38 -2.93
N ILE D 429 -56.45 22.54 -4.06
CA ILE D 429 -55.44 21.57 -4.48
C ILE D 429 -54.10 22.00 -3.87
N PHE D 430 -53.58 21.19 -2.94
CA PHE D 430 -52.54 21.68 -2.05
C PHE D 430 -51.26 20.87 -2.20
N ALA D 431 -50.13 21.58 -2.09
CA ALA D 431 -48.83 20.96 -1.88
C ALA D 431 -47.96 21.97 -1.13
N SER D 432 -46.97 21.45 -0.38
CA SER D 432 -46.04 22.26 0.37
C SER D 432 -44.60 21.89 0.04
N GLY D 433 -43.67 22.72 0.54
CA GLY D 433 -42.25 22.40 0.53
C GLY D 433 -41.86 21.50 1.70
N SER D 434 -42.49 21.73 2.87
CA SER D 434 -42.23 20.93 4.06
C SER D 434 -43.44 20.04 4.34
N PRO D 435 -43.28 18.85 4.97
CA PRO D 435 -44.38 17.91 5.11
C PRO D 435 -45.43 18.38 6.13
N PHE D 436 -46.71 18.25 5.78
CA PHE D 436 -47.77 18.39 6.75
C PHE D 436 -48.45 17.03 6.88
N ASP D 437 -48.92 16.73 8.09
CA ASP D 437 -49.73 15.56 8.34
C ASP D 437 -50.94 15.57 7.40
N PRO D 438 -51.47 14.37 7.05
CA PRO D 438 -52.81 14.23 6.45
C PRO D 438 -53.89 14.97 7.23
N VAL D 439 -54.88 15.54 6.50
CA VAL D 439 -55.89 16.40 7.09
C VAL D 439 -57.26 15.73 6.93
N THR D 440 -57.89 15.52 8.08
CA THR D 440 -59.21 14.94 8.16
C THR D 440 -60.23 16.08 8.07
N LEU D 441 -60.98 16.14 6.95
CA LEU D 441 -61.98 17.18 6.69
C LEU D 441 -63.24 16.88 7.50
N PRO D 442 -64.20 17.84 7.57
CA PRO D 442 -65.39 17.67 8.42
C PRO D 442 -66.24 16.46 8.08
N ASN D 443 -66.19 16.05 6.80
CA ASN D 443 -66.98 14.93 6.31
C ASN D 443 -66.26 13.61 6.58
N GLY D 444 -65.13 13.66 7.30
CA GLY D 444 -64.38 12.49 7.71
C GLY D 444 -63.52 11.86 6.60
N GLN D 445 -63.37 12.56 5.48
CA GLN D 445 -62.41 12.13 4.46
C GLN D 445 -61.07 12.78 4.78
N THR D 446 -59.99 12.09 4.38
CA THR D 446 -58.64 12.54 4.65
C THR D 446 -57.93 12.78 3.32
N LEU D 447 -57.27 13.95 3.23
CA LEU D 447 -56.43 14.39 2.12
C LEU D 447 -54.96 14.30 2.54
N TYR D 448 -54.07 14.04 1.57
CA TYR D 448 -52.67 13.78 1.90
C TYR D 448 -51.80 14.74 1.10
N PRO D 449 -51.69 16.03 1.48
CA PRO D 449 -50.94 16.97 0.65
C PRO D 449 -49.48 16.52 0.60
N GLY D 450 -48.90 16.52 -0.61
CA GLY D 450 -47.52 16.07 -0.79
C GLY D 450 -46.52 17.21 -0.65
N GLN D 451 -45.23 16.90 -0.86
CA GLN D 451 -44.19 17.91 -0.85
C GLN D 451 -43.57 17.99 -2.26
N GLY D 452 -43.42 19.22 -2.76
CA GLY D 452 -42.63 19.52 -3.95
C GLY D 452 -41.11 19.44 -3.66
N ASN D 453 -40.68 18.24 -3.26
CA ASN D 453 -39.32 17.95 -2.80
C ASN D 453 -38.39 17.83 -4.00
N ASN D 454 -37.30 18.61 -4.02
CA ASN D 454 -36.33 18.59 -5.11
C ASN D 454 -35.79 17.19 -5.42
N SER D 455 -35.88 16.23 -4.47
CA SER D 455 -35.40 14.86 -4.63
C SER D 455 -36.15 14.08 -5.70
N TYR D 456 -37.38 14.49 -6.02
CA TYR D 456 -38.06 13.95 -7.20
C TYR D 456 -37.28 14.21 -8.49
N VAL D 457 -36.45 15.28 -8.51
CA VAL D 457 -35.88 15.74 -9.76
C VAL D 457 -34.42 15.34 -9.91
N PHE D 458 -33.55 15.76 -8.97
CA PHE D 458 -32.13 15.80 -9.28
C PHE D 458 -31.52 14.40 -9.39
N PRO D 459 -31.94 13.39 -8.60
CA PRO D 459 -31.35 12.04 -8.72
C PRO D 459 -31.55 11.50 -10.14
N GLY D 460 -32.78 11.62 -10.68
CA GLY D 460 -33.08 11.05 -11.98
C GLY D 460 -32.43 11.84 -13.12
N VAL D 461 -32.36 13.17 -12.97
CA VAL D 461 -31.71 13.97 -13.99
C VAL D 461 -30.23 13.58 -14.08
N ALA D 462 -29.56 13.48 -12.90
CA ALA D 462 -28.16 13.11 -12.88
C ALA D 462 -27.95 11.74 -13.53
N LEU D 463 -28.74 10.75 -13.09
CA LEU D 463 -28.65 9.38 -13.59
C LEU D 463 -28.80 9.36 -15.11
N GLY D 464 -29.86 10.00 -15.63
CA GLY D 464 -30.10 10.05 -17.07
C GLY D 464 -28.96 10.68 -17.86
N VAL D 465 -28.52 11.88 -17.44
CA VAL D 465 -27.51 12.65 -18.15
C VAL D 465 -26.21 11.85 -18.26
N VAL D 466 -25.79 11.22 -17.15
CA VAL D 466 -24.52 10.51 -17.06
C VAL D 466 -24.61 9.20 -17.84
N ALA D 467 -25.75 8.49 -17.72
CA ALA D 467 -25.96 7.22 -18.41
C ALA D 467 -25.78 7.35 -19.91
N CYS D 468 -26.25 8.45 -20.53
CA CYS D 468 -26.10 8.53 -21.98
C CYS D 468 -25.00 9.50 -22.39
N GLY D 469 -24.36 10.16 -21.42
CA GLY D 469 -23.22 11.04 -21.64
C GLY D 469 -23.64 12.35 -22.32
N LEU D 470 -24.76 12.90 -21.86
CA LEU D 470 -25.25 14.20 -22.32
C LEU D 470 -24.26 15.27 -21.86
N ARG D 471 -23.84 16.16 -22.76
CA ARG D 471 -22.72 17.02 -22.41
C ARG D 471 -23.20 18.37 -21.86
N GLN D 472 -24.49 18.67 -22.06
CA GLN D 472 -25.13 19.90 -21.62
C GLN D 472 -26.55 19.57 -21.18
N ILE D 473 -27.05 20.32 -20.20
CA ILE D 473 -28.32 19.96 -19.59
C ILE D 473 -29.27 21.11 -19.88
N THR D 474 -30.18 20.92 -20.86
CA THR D 474 -31.04 21.99 -21.35
C THR D 474 -32.28 22.17 -20.47
N ASP D 475 -32.98 23.29 -20.66
CA ASP D 475 -34.24 23.57 -20.00
C ASP D 475 -35.26 22.48 -20.31
N ASN D 476 -35.23 21.98 -21.54
CA ASN D 476 -36.10 20.87 -21.95
C ASN D 476 -35.97 19.66 -21.04
N ILE D 477 -34.73 19.33 -20.59
CA ILE D 477 -34.56 18.20 -19.67
C ILE D 477 -35.51 18.34 -18.47
N PHE D 478 -35.50 19.55 -17.88
CA PHE D 478 -36.30 19.87 -16.70
C PHE D 478 -37.80 19.86 -17.01
N LEU D 479 -38.19 20.32 -18.20
CA LEU D 479 -39.59 20.31 -18.60
C LEU D 479 -40.08 18.87 -18.77
N THR D 480 -39.32 18.08 -19.55
CA THR D 480 -39.62 16.67 -19.79
C THR D 480 -39.72 15.90 -18.46
N THR D 481 -38.76 16.17 -17.56
CA THR D 481 -38.70 15.53 -16.26
C THR D 481 -39.96 15.85 -15.46
N ALA D 482 -40.44 17.09 -15.58
CA ALA D 482 -41.61 17.52 -14.84
C ALA D 482 -42.79 16.69 -15.30
N GLU D 483 -42.89 16.53 -16.63
CA GLU D 483 -43.94 15.73 -17.26
C GLU D 483 -43.87 14.29 -16.74
N VAL D 484 -42.65 13.72 -16.65
CA VAL D 484 -42.51 12.33 -16.27
C VAL D 484 -43.01 12.13 -14.84
N ILE D 485 -42.69 13.07 -13.94
CA ILE D 485 -43.10 12.94 -12.54
C ILE D 485 -44.63 13.00 -12.41
N ALA D 486 -45.22 14.03 -13.03
CA ALA D 486 -46.67 14.16 -13.18
C ALA D 486 -47.30 12.84 -13.65
N GLN D 487 -46.72 12.25 -14.69
CA GLN D 487 -47.24 10.99 -15.19
C GLN D 487 -47.22 9.91 -14.11
N GLN D 488 -46.31 10.00 -13.13
CA GLN D 488 -46.19 8.90 -12.18
C GLN D 488 -47.33 8.93 -11.17
N VAL D 489 -48.06 10.05 -11.09
CA VAL D 489 -49.16 10.19 -10.13
C VAL D 489 -50.42 9.50 -10.66
N SER D 490 -50.95 8.52 -9.92
CA SER D 490 -52.17 7.85 -10.34
C SER D 490 -53.38 8.73 -10.02
N ASP D 491 -54.51 8.42 -10.66
CA ASP D 491 -55.77 9.12 -10.47
C ASP D 491 -56.20 9.05 -9.00
N LYS D 492 -56.04 7.86 -8.40
CA LYS D 492 -56.43 7.59 -7.03
C LYS D 492 -55.66 8.50 -6.07
N HIS D 493 -54.37 8.69 -6.38
CA HIS D 493 -53.50 9.59 -5.64
C HIS D 493 -54.01 11.03 -5.74
N LEU D 494 -54.39 11.45 -6.96
CA LEU D 494 -54.90 12.79 -7.18
C LEU D 494 -56.16 13.01 -6.35
N GLU D 495 -56.97 11.96 -6.19
CA GLU D 495 -58.19 12.08 -5.40
C GLU D 495 -57.88 12.11 -3.90
N GLU D 496 -56.67 11.64 -3.51
CA GLU D 496 -56.27 11.69 -2.12
C GLU D 496 -55.62 13.05 -1.80
N GLY D 497 -55.60 13.95 -2.78
CA GLY D 497 -54.98 15.26 -2.60
C GLY D 497 -53.47 15.27 -2.79
N ARG D 498 -52.91 14.19 -3.39
CA ARG D 498 -51.48 14.06 -3.60
C ARG D 498 -51.11 14.47 -5.02
N LEU D 499 -50.18 15.42 -5.14
CA LEU D 499 -49.76 15.91 -6.46
C LEU D 499 -48.46 15.24 -6.90
N TYR D 500 -47.90 14.42 -6.01
CA TYR D 500 -46.58 13.82 -6.25
C TYR D 500 -46.62 12.32 -5.99
N PRO D 501 -45.75 11.51 -6.64
CA PRO D 501 -45.75 10.08 -6.40
C PRO D 501 -45.14 9.88 -5.01
N PRO D 502 -45.38 8.72 -4.36
CA PRO D 502 -44.91 8.48 -2.99
C PRO D 502 -43.39 8.49 -2.98
N LEU D 503 -42.83 9.02 -1.89
CA LEU D 503 -41.40 9.06 -1.60
C LEU D 503 -40.80 7.66 -1.57
N ASN D 504 -41.58 6.66 -1.14
CA ASN D 504 -41.14 5.27 -1.09
C ASN D 504 -41.00 4.62 -2.48
N THR D 505 -41.41 5.30 -3.55
CA THR D 505 -41.19 4.78 -4.89
C THR D 505 -40.09 5.57 -5.61
N ILE D 506 -39.36 6.41 -4.86
CA ILE D 506 -38.58 7.46 -5.49
C ILE D 506 -37.52 6.90 -6.45
N ARG D 507 -36.99 5.72 -6.16
CA ARG D 507 -36.04 5.07 -7.05
C ARG D 507 -36.71 4.80 -8.40
N ASP D 508 -37.98 4.38 -8.36
CA ASP D 508 -38.73 4.07 -9.57
C ASP D 508 -38.97 5.35 -10.38
N VAL D 509 -39.25 6.47 -9.69
CA VAL D 509 -39.47 7.76 -10.34
C VAL D 509 -38.20 8.19 -11.08
N SER D 510 -37.04 8.04 -10.41
CA SER D 510 -35.75 8.41 -10.96
C SER D 510 -35.44 7.61 -12.22
N LEU D 511 -35.69 6.27 -12.14
CA LEU D 511 -35.50 5.38 -13.25
C LEU D 511 -36.32 5.84 -14.46
N LYS D 512 -37.60 6.16 -14.25
CA LYS D 512 -38.47 6.68 -15.29
C LYS D 512 -37.92 7.98 -15.88
N ILE D 513 -37.51 8.91 -15.00
CA ILE D 513 -36.95 10.16 -15.46
C ILE D 513 -35.72 9.89 -16.31
N ALA D 514 -34.85 8.98 -15.87
CA ALA D 514 -33.60 8.78 -16.59
C ALA D 514 -33.86 8.07 -17.92
N GLU D 515 -34.78 7.10 -17.92
CA GLU D 515 -35.19 6.39 -19.14
C GLU D 515 -35.59 7.39 -20.22
N LYS D 516 -36.38 8.39 -19.81
CA LYS D 516 -36.90 9.40 -20.72
C LYS D 516 -35.76 10.25 -21.29
N ILE D 517 -34.85 10.73 -20.43
CA ILE D 517 -33.68 11.47 -20.87
C ILE D 517 -32.84 10.65 -21.87
N VAL D 518 -32.67 9.35 -21.58
CA VAL D 518 -31.85 8.48 -22.42
C VAL D 518 -32.53 8.27 -23.78
N LYS D 519 -33.81 7.86 -23.75
CA LYS D 519 -34.63 7.67 -24.95
C LYS D 519 -34.53 8.89 -25.85
N ASP D 520 -34.69 10.10 -25.26
CA ASP D 520 -34.66 11.32 -26.04
C ASP D 520 -33.27 11.58 -26.60
N ALA D 521 -32.22 11.23 -25.84
CA ALA D 521 -30.89 11.67 -26.22
C ALA D 521 -30.40 10.90 -27.45
N TYR D 522 -30.81 9.63 -27.56
CA TYR D 522 -30.49 8.82 -28.73
C TYR D 522 -31.35 9.27 -29.93
N GLN D 523 -32.67 9.36 -29.72
CA GLN D 523 -33.61 9.86 -30.71
C GLN D 523 -33.05 11.10 -31.40
N GLU D 524 -32.48 12.04 -30.62
CA GLU D 524 -32.15 13.35 -31.14
C GLU D 524 -30.64 13.56 -31.18
N LYS D 525 -29.89 12.44 -31.06
CA LYS D 525 -28.48 12.35 -31.42
C LYS D 525 -27.62 13.21 -30.48
N THR D 526 -28.03 13.31 -29.22
CA THR D 526 -27.28 14.12 -28.27
C THR D 526 -26.43 13.21 -27.36
N ALA D 527 -26.77 11.92 -27.31
CA ALA D 527 -26.05 10.99 -26.46
C ALA D 527 -24.61 10.83 -26.98
N THR D 528 -23.65 10.55 -26.08
CA THR D 528 -22.26 10.37 -26.46
C THR D 528 -21.79 8.95 -26.11
N VAL D 529 -22.65 8.16 -25.45
CA VAL D 529 -22.31 6.79 -25.06
C VAL D 529 -22.77 5.85 -26.17
N TYR D 530 -21.80 5.19 -26.84
CA TYR D 530 -22.12 4.25 -27.92
C TYR D 530 -21.45 2.90 -27.68
N PRO D 531 -22.03 1.75 -28.14
CA PRO D 531 -23.17 1.75 -29.05
C PRO D 531 -24.50 2.07 -28.37
N GLU D 532 -25.54 2.36 -29.16
CA GLU D 532 -26.86 2.62 -28.61
C GLU D 532 -27.43 1.34 -28.05
N PRO D 533 -27.93 1.31 -26.79
CA PRO D 533 -28.49 0.08 -26.24
C PRO D 533 -29.87 -0.24 -26.82
N GLN D 534 -30.23 -1.53 -26.85
CA GLN D 534 -31.48 -1.99 -27.42
C GLN D 534 -32.61 -1.52 -26.52
N ASN D 535 -32.44 -1.77 -25.21
CA ASN D 535 -33.44 -1.57 -24.19
C ASN D 535 -32.95 -0.45 -23.25
N LYS D 536 -33.53 0.75 -23.39
CA LYS D 536 -33.08 1.90 -22.62
C LYS D 536 -33.29 1.67 -21.11
N GLU D 537 -34.42 1.03 -20.80
CA GLU D 537 -34.83 0.67 -19.46
C GLU D 537 -33.74 -0.19 -18.81
N ALA D 538 -33.44 -1.33 -19.44
CA ALA D 538 -32.46 -2.26 -18.90
C ALA D 538 -31.11 -1.57 -18.82
N PHE D 539 -30.86 -0.63 -19.71
CA PHE D 539 -29.58 0.04 -19.74
C PHE D 539 -29.44 0.89 -18.48
N VAL D 540 -30.43 1.75 -18.23
CA VAL D 540 -30.38 2.67 -17.11
C VAL D 540 -30.24 1.88 -15.82
N ARG D 541 -31.09 0.88 -15.65
CA ARG D 541 -31.12 0.01 -14.49
C ARG D 541 -29.76 -0.67 -14.26
N SER D 542 -29.06 -1.07 -15.33
CA SER D 542 -27.74 -1.66 -15.18
C SER D 542 -26.73 -0.66 -14.61
N GLN D 543 -27.05 0.64 -14.68
CA GLN D 543 -26.11 1.67 -14.29
C GLN D 543 -26.40 2.07 -12.84
N MET D 544 -27.50 1.58 -12.27
CA MET D 544 -27.90 2.00 -10.93
C MET D 544 -27.13 1.20 -9.87
N TYR D 545 -26.61 1.92 -8.87
CA TYR D 545 -25.89 1.32 -7.75
C TYR D 545 -26.88 0.53 -6.89
N SER D 546 -26.59 -0.75 -6.65
CA SER D 546 -27.36 -1.61 -5.76
C SER D 546 -26.84 -1.42 -4.32
N THR D 547 -27.70 -1.70 -3.33
CA THR D 547 -27.28 -1.72 -1.93
C THR D 547 -26.81 -3.12 -1.55
N ASP D 548 -26.84 -4.06 -2.49
CA ASP D 548 -26.30 -5.38 -2.22
C ASP D 548 -24.77 -5.30 -2.20
N TYR D 549 -24.13 -5.99 -1.24
CA TYR D 549 -22.67 -6.03 -1.18
C TYR D 549 -22.10 -6.65 -2.44
N ASP D 550 -21.06 -6.04 -3.00
CA ASP D 550 -20.31 -6.62 -4.09
C ASP D 550 -19.56 -7.84 -3.55
N GLN D 551 -19.15 -8.73 -4.46
CA GLN D 551 -18.19 -9.77 -4.12
C GLN D 551 -16.82 -9.18 -4.39
N ILE D 552 -15.84 -9.41 -3.49
CA ILE D 552 -14.53 -8.80 -3.64
C ILE D 552 -13.41 -9.83 -3.55
N LEU D 553 -13.76 -11.09 -3.26
CA LEU D 553 -12.81 -12.19 -3.25
C LEU D 553 -12.15 -12.31 -4.62
N PRO D 554 -10.93 -12.88 -4.74
CA PRO D 554 -10.39 -13.15 -6.07
C PRO D 554 -11.33 -14.14 -6.75
N ASP D 555 -11.33 -14.09 -8.07
CA ASP D 555 -12.06 -15.04 -8.87
C ASP D 555 -11.18 -16.28 -9.06
N CYS D 556 -11.55 -17.38 -8.39
CA CYS D 556 -10.77 -18.60 -8.41
C CYS D 556 -11.50 -19.66 -9.23
N TYR D 557 -10.75 -20.38 -10.07
CA TYR D 557 -11.29 -21.30 -11.06
C TYR D 557 -10.11 -22.15 -11.54
N SER D 558 -10.40 -23.42 -11.85
CA SER D 558 -9.34 -24.35 -12.18
C SER D 558 -9.11 -24.34 -13.68
N TRP D 559 -7.96 -24.86 -14.09
CA TRP D 559 -7.63 -25.24 -15.45
C TRP D 559 -7.62 -26.77 -15.52
N PRO D 560 -7.77 -27.40 -16.72
CA PRO D 560 -7.65 -28.85 -16.83
C PRO D 560 -6.33 -29.30 -16.21
N GLU D 561 -6.37 -30.51 -15.62
CA GLU D 561 -5.32 -30.98 -14.74
C GLU D 561 -3.96 -30.92 -15.45
N GLU D 562 -3.97 -31.26 -16.75
CA GLU D 562 -2.74 -31.42 -17.52
C GLU D 562 -1.96 -30.10 -17.58
N VAL D 563 -2.66 -28.97 -17.72
CA VAL D 563 -1.99 -27.70 -17.92
C VAL D 563 -1.80 -26.94 -16.62
N GLN D 564 -2.43 -27.40 -15.53
CA GLN D 564 -2.35 -26.78 -14.21
C GLN D 564 -1.20 -27.39 -13.41
N LYS D 565 -0.72 -28.55 -13.88
CA LYS D 565 0.27 -29.35 -13.18
C LYS D 565 1.58 -28.58 -13.05
N ILE D 566 2.23 -28.63 -11.89
CA ILE D 566 3.61 -28.17 -11.75
C ILE D 566 4.51 -29.12 -12.54
N GLN D 567 5.40 -28.55 -13.35
CA GLN D 567 6.30 -29.30 -14.21
C GLN D 567 7.59 -29.60 -13.47
N THR D 568 8.09 -30.84 -13.61
CA THR D 568 9.40 -31.28 -13.10
C THR D 568 10.21 -31.94 -14.23
N LYS D 569 11.37 -32.53 -13.89
CA LYS D 569 12.03 -33.50 -14.76
C LYS D 569 12.06 -34.86 -14.06
MN MN E . 37.99 -8.24 3.07
PA NDP F . 47.90 -5.47 4.59
O1A NDP F . 48.03 -4.57 3.39
O2A NDP F . 47.19 -5.07 5.85
O5B NDP F . 49.37 -6.02 5.09
C5B NDP F . 50.35 -6.16 4.07
C4B NDP F . 51.69 -6.37 4.75
O4B NDP F . 52.62 -6.79 3.75
C3B NDP F . 52.21 -5.08 5.30
O3B NDP F . 52.74 -5.41 6.55
C2B NDP F . 53.32 -4.69 4.33
O2B NDP F . 54.41 -4.00 4.92
C1B NDP F . 53.81 -6.06 3.98
N9A NDP F . 54.77 -6.08 2.88
C8A NDP F . 54.66 -5.38 1.71
N7A NDP F . 55.69 -5.57 0.92
C5A NDP F . 56.51 -6.44 1.59
C6A NDP F . 57.74 -7.01 1.28
N6A NDP F . 58.37 -6.73 0.07
N1A NDP F . 58.31 -7.86 2.14
C2A NDP F . 57.67 -8.11 3.28
N3A NDP F . 56.48 -7.61 3.70
C4A NDP F . 55.95 -6.77 2.80
O3 NDP F . 47.27 -6.81 3.94
PN NDP F . 46.45 -8.04 4.56
O1N NDP F . 44.99 -7.73 4.76
O2N NDP F . 47.23 -8.41 5.77
O5D NDP F . 46.59 -9.09 3.36
C5D NDP F . 47.90 -9.50 2.97
C4D NDP F . 47.73 -10.67 2.00
O4D NDP F . 47.12 -11.74 2.72
C3D NDP F . 46.80 -10.27 0.88
O3D NDP F . 47.49 -10.75 -0.25
C2D NDP F . 45.54 -11.08 1.18
O2D NDP F . 44.86 -11.56 0.01
C1D NDP F . 46.01 -12.25 2.06
N1N NDP F . 44.92 -12.69 2.94
C2N NDP F . 44.46 -13.90 2.70
C3N NDP F . 43.41 -14.37 3.46
C7N NDP F . 42.95 -15.72 3.09
O7N NDP F . 43.22 -16.13 1.97
N7N NDP F . 42.18 -16.38 4.04
C4N NDP F . 42.82 -13.60 4.42
C5N NDP F . 43.34 -12.33 4.63
C6N NDP F . 44.40 -11.90 3.88
P2B NDP F . 54.24 -2.55 5.72
O1X NDP F . 53.56 -2.89 7.01
O2X NDP F . 55.66 -2.06 5.80
O3X NDP F . 53.43 -1.73 4.76
MN MN G . 3.92 -8.60 -37.83
PA NDP H . 2.38 -14.93 -47.09
O1A NDP H . 2.79 -16.33 -46.67
O2A NDP H . 1.02 -14.38 -46.81
O5B NDP H . 2.58 -14.81 -48.70
C5B NDP H . 3.49 -15.66 -49.35
C4B NDP H . 3.08 -15.53 -50.81
O4B NDP H . 4.20 -15.85 -51.59
C3B NDP H . 1.99 -16.54 -51.13
O3B NDP H . 1.18 -15.89 -52.09
C2B NDP H . 2.76 -17.67 -51.79
O2B NDP H . 2.00 -18.40 -52.80
C1B NDP H . 3.78 -16.82 -52.52
N9A NDP H . 4.85 -17.53 -53.21
C8A NDP H . 5.59 -18.57 -52.73
N7A NDP H . 6.45 -18.99 -53.63
C5A NDP H . 6.26 -18.20 -54.72
C6A NDP H . 6.86 -18.19 -55.97
N6A NDP H . 7.88 -19.11 -56.22
N1A NDP H . 6.45 -17.31 -56.90
C2A NDP H . 5.46 -16.48 -56.57
N3A NDP H . 4.79 -16.40 -55.39
C4A NDP H . 5.24 -17.30 -54.50
O3 NDP H . 3.52 -13.84 -46.67
PN NDP H . 3.29 -12.23 -46.54
O1N NDP H . 2.77 -11.94 -45.15
O2N NDP H . 2.47 -11.70 -47.69
O5D NDP H . 4.82 -11.69 -46.79
C5D NDP H . 5.56 -12.01 -47.98
C4D NDP H . 6.90 -11.31 -47.87
O4D NDP H . 6.61 -9.92 -47.79
C3D NDP H . 7.59 -11.70 -46.56
O3D NDP H . 8.95 -11.91 -46.86
C2D NDP H . 7.48 -10.47 -45.69
O2D NDP H . 8.72 -10.31 -45.00
C1D NDP H . 7.34 -9.35 -46.73
N1N NDP H . 6.72 -8.23 -46.07
C2N NDP H . 7.40 -7.10 -46.00
C3N NDP H . 6.82 -6.04 -45.32
C7N NDP H . 7.57 -4.75 -45.23
O7N NDP H . 8.76 -4.65 -45.54
N7N NDP H . 6.84 -3.71 -44.68
C4N NDP H . 5.58 -6.18 -44.68
C5N NDP H . 4.92 -7.39 -44.77
C6N NDP H . 5.52 -8.41 -45.49
P2B NDP H . 0.67 -19.25 -52.38
O1X NDP H . -0.43 -18.24 -52.18
O2X NDP H . 0.50 -20.09 -53.62
O3X NDP H . 1.17 -19.97 -51.17
MN MN I . -11.64 -7.43 36.38
PA NDP J . -15.70 -14.16 44.05
O1A NDP J . -17.09 -14.40 43.54
O2A NDP J . -14.44 -14.84 43.55
O5B NDP J . -15.63 -14.35 45.64
C5B NDP J . -16.91 -14.19 46.22
C4B NDP J . -16.80 -14.65 47.63
O4B NDP J . -17.92 -14.20 48.36
C3B NDP J . -16.86 -16.15 47.61
O3B NDP J . -15.88 -16.55 48.55
C2B NDP J . -18.22 -16.43 48.20
O2B NDP J . -18.06 -17.61 48.97
C1B NDP J . -18.28 -15.28 49.16
N9A NDP J . -19.55 -15.00 49.78
C8A NDP J . -20.72 -14.81 49.11
N7A NDP J . -21.71 -14.56 49.95
C5A NDP J . -21.13 -14.59 51.18
C6A NDP J . -21.66 -14.38 52.44
N6A NDP J . -23.02 -14.11 52.57
N1A NDP J . -20.85 -14.45 53.50
C2A NDP J . -19.54 -14.72 53.32
N3A NDP J . -18.91 -14.94 52.15
C4A NDP J . -19.77 -14.85 51.12
O3 NDP J . -15.60 -12.53 43.98
PN NDP J . -14.32 -11.57 44.17
O1N NDP J . -13.77 -11.38 42.78
O2N NDP J . -13.51 -12.13 45.31
O5D NDP J . -15.06 -10.13 44.49
C5D NDP J . -15.72 -9.84 45.71
C4D NDP J . -16.19 -8.37 45.75
O4D NDP J . -15.01 -7.60 45.96
C3D NDP J . -16.79 -7.89 44.42
O3D NDP J . -18.01 -7.14 44.57
C2D NDP J . -15.74 -6.99 43.81
O2D NDP J . -16.34 -5.91 43.16
C1D NDP J . -14.97 -6.54 45.03
N1N NDP J . -13.63 -6.29 44.61
C2N NDP J . -13.22 -5.03 44.72
C3N NDP J . -11.95 -4.71 44.32
C7N NDP J . -11.57 -3.30 44.48
O7N NDP J . -12.38 -2.49 44.87
N7N NDP J . -10.28 -3.00 44.14
C4N NDP J . -11.14 -5.68 43.76
C5N NDP J . -11.60 -6.99 43.65
C6N NDP J . -12.87 -7.27 44.09
P2B NDP J . -18.15 -19.09 48.28
O1X NDP J . -17.11 -19.15 47.19
O2X NDP J . -17.82 -19.90 49.52
O3X NDP J . -19.57 -19.09 47.77
MN MN K . -30.26 24.25 -1.83
PA NDP L . -35.02 34.24 -2.28
O1A NDP L . -34.53 34.92 -1.03
O2A NDP L . -34.18 34.15 -3.54
O5B NDP L . -36.41 34.91 -2.70
C5B NDP L . -37.24 35.34 -1.64
C4B NDP L . -38.27 36.27 -2.25
O4B NDP L . -39.23 36.60 -1.26
C3B NDP L . -37.65 37.58 -2.68
O3B NDP L . -38.22 37.86 -3.97
C2B NDP L . -38.17 38.55 -1.64
O2B NDP L . -38.43 39.83 -2.19
C1B NDP L . -39.55 37.97 -1.44
N9A NDP L . -40.32 38.58 -0.37
C8A NDP L . -39.82 38.94 0.85
N7A NDP L . -40.74 39.46 1.63
C5A NDP L . -41.88 39.45 0.89
C6A NDP L . -43.17 39.87 1.16
N6A NDP L . -43.45 40.42 2.40
N1A NDP L . -44.12 39.73 0.24
C2A NDP L . -43.78 39.18 -0.93
N3A NDP L . -42.58 38.74 -1.32
C4A NDP L . -41.66 38.90 -0.36
O3 NDP L . -35.54 32.75 -1.83
PN NDP L . -35.94 31.51 -2.78
O1N NDP L . -34.66 30.75 -3.07
O2N NDP L . -36.83 32.03 -3.90
O5D NDP L . -36.78 30.64 -1.68
C5D NDP L . -38.04 31.16 -1.27
C4D NDP L . -38.76 30.16 -0.39
O4D NDP L . -39.16 29.04 -1.20
C3D NDP L . -37.89 29.65 0.74
O3D NDP L . -38.77 29.59 1.86
C2D NDP L . -37.50 28.26 0.25
O2D NDP L . -37.38 27.34 1.32
C1D NDP L . -38.65 27.84 -0.65
N1N NDP L . -38.17 26.90 -1.68
C2N NDP L . -38.72 25.69 -1.70
C3N NDP L . -38.31 24.73 -2.60
C7N NDP L . -39.01 23.44 -2.55
O7N NDP L . -39.80 23.21 -1.65
N7N NDP L . -38.71 22.55 -3.51
C4N NDP L . -37.28 25.00 -3.48
C5N NDP L . -36.72 26.27 -3.44
C6N NDP L . -37.17 27.21 -2.51
P2B NDP L . -37.16 40.67 -2.72
O1X NDP L . -36.76 40.23 -4.12
O2X NDP L . -37.87 42.00 -2.71
O3X NDP L . -36.10 40.31 -1.70
#